data_5A42
#
_entry.id   5A42
#
_cell.length_a   1.000
_cell.length_b   1.000
_cell.length_c   1.000
_cell.angle_alpha   90.00
_cell.angle_beta   90.00
_cell.angle_gamma   90.00
#
_symmetry.space_group_name_H-M   'P 1'
#
_entity_poly.entity_id   1
_entity_poly.type   'polypeptide(L)'
_entity_poly.pdbx_seq_one_letter_code
;ASSENASSAKLSVPERQKLAQQSAGKVLTLLDLSEVQLDGAATLVLTFSIPLDPDQDFSRVIHVVDKKSGKVDGAWELSD
NLKELRLRHLEPKRDLIVTIGKEVKALNNATFSKDYEKTITTRDIQPSVGFASRGSLLPGKVVEGLPVMALNVNNVDVNF
FRVKPESLPAFISQWEYRNSLANWQSDKLLQMADLVYTGRFDLNPARNTREKLLLPLGDIKPLQQAGVYLAVMNQAGRYD
YSNPATLFTLSDIGVSAHRYHNRLDIFTQSLENGAAQQGIEVSLLNEKGQTLTQATSDAQGHVQLENDKNAALLLARKDG
QTTLLDLKLPALDLAEFNIAGAPGYSKQFFMFGPRDLYRPGETVILNGLLRDADGKALPNQPIKLDVIKPDGQVLRSVVS
QPENGLYHFTWPLDSNAATGMWHIRANTGDNQYRMWDFHVEDFMPERMALNLTGEKTPLTPKDEVKFSVVGYYLYGAPAN
GNTLQGQLFLRPLREAVSALPGFEFGDIAAENLSRTLDEVQLTLDDKGRGEVSTESQWKETHSPLQVIFQGSLLESGGRP
VTRRAEQAIWPADALPGIRPQFASKSVYDYRTDSTVKQPIVDEGSNAAFDIVYSDAQGVKKAVSGLQVRLIRERRDYYWN
WSEDEGWQSQFDQKDLIENEQTLDLKADETGKVSFPVEWGAYRLEVKAPNEAVSSVRFWAGYSWQDNSDGSGAVRPDRVT
LKLDKASYRPGDTIKLHIAAPTAGKGYAMVESSEGPLWWQEIDVRAQGLDLTIPVDKTWNRHDLYLSTLVVRPGDKSRSA
TPKRAVGVLHLPLGDENRRLDLALETPAKMRPNQPLTVKIKASTKNGEKPKQVNVLVSAVDSGVLNITDYVTPDPWQAFF
GQKRYGADIYDIYGQVIEGQGRLAALRFGGDGDELKRGGKPPVNHVNIVVQQALPVTLNEQGEGSVTLPIGDFNGELRVM
AQAWTADDFGSNESKVIVAAPVIAELNMPRFMASGDTSRLTLDITNLTDKPQKLNVALTASGLLELVSDSPAAVELAPGV
RTTLFIPVRALPGYGDGEIQATISGLALPGETVADQHKQWKIGVRPAFPAQTVNYGTALQPGETWAIPADGLQNFSPVTL
EGQLLLSGKPPLNIARYIKELKAYPYGCLEQTASGLFPSLYTNAAQLQALGIKGDSDEKRRASVDIGISRLLQMQRDNGG
FALWDKNGDEEYWLTAYVMDFLVRAGEQGYSVPTDAINRGNERLLRYLQDPGMMSIPYADNLKASKFAVQSYAALVLARQ
QKAPLGALREIWEHRADAASGLPLLQLGVALKTMGDATRGEEAIALALKTPRNSDERIWLGDYGSSLRDNALMLSLLEEN
KLLPDEQYTLLNTLSQQAFGERWLSTQESNALFLAARTIQDLPGKWQAQTSFSAEQLTGEKAQNSNLNSDQLVTLQVSNS
GDQPLWLRMDASGYPQSAPLPANNVLQIERHILGTDGKSKSLDSLRSGDLVLVWLQVKASNSVPDALVVDLLPAGLELEN
QNLANGSASLEQSGGEVQNLLNQMQQASIKHIEFRDDRFVAAVAVDEYQPVTLVYLARAVTPGTYQVPQPMVESMYVPQW
RATGAAEDLLIVRP
;
_entity_poly.pdbx_strand_id   A
#
# COMPACT_ATOMS: atom_id res chain seq x y z
N LYS A 18 -43.28 -56.87 18.97
CA LYS A 18 -42.35 -56.03 18.24
C LYS A 18 -42.16 -54.69 18.96
N LEU A 19 -42.73 -53.63 18.39
CA LEU A 19 -42.67 -52.30 19.00
C LEU A 19 -43.58 -52.20 20.21
N ALA A 20 -44.51 -53.15 20.31
CA ALA A 20 -45.49 -53.16 21.40
C ALA A 20 -44.84 -53.32 22.76
N GLN A 21 -43.70 -53.99 22.81
CA GLN A 21 -43.00 -54.23 24.07
C GLN A 21 -42.46 -52.93 24.66
N GLN A 22 -41.87 -52.09 23.82
CA GLN A 22 -41.37 -50.80 24.26
C GLN A 22 -42.51 -49.86 24.68
N SER A 23 -43.64 -50.00 24.00
CA SER A 23 -44.79 -49.14 24.27
C SER A 23 -45.67 -49.67 25.39
N ALA A 24 -45.33 -50.86 25.90
CA ALA A 24 -46.14 -51.50 26.93
C ALA A 24 -46.18 -50.67 28.21
N GLY A 25 -47.36 -50.59 28.81
CA GLY A 25 -47.56 -49.84 30.04
C GLY A 25 -47.81 -48.37 29.81
N LYS A 26 -47.81 -47.96 28.55
CA LYS A 26 -48.06 -46.57 28.21
C LYS A 26 -49.50 -46.35 27.77
N VAL A 27 -50.14 -45.33 28.33
CA VAL A 27 -51.51 -44.99 27.96
C VAL A 27 -51.57 -44.37 26.58
N LEU A 28 -52.61 -44.72 25.81
CA LEU A 28 -52.86 -44.11 24.51
C LEU A 28 -53.28 -42.66 24.68
N THR A 29 -52.80 -41.79 23.80
CA THR A 29 -53.13 -40.37 23.87
C THR A 29 -53.04 -39.71 22.49
N LEU A 30 -53.99 -38.84 22.19
CA LEU A 30 -53.97 -38.06 20.97
C LEU A 30 -53.15 -36.79 21.16
N LEU A 31 -51.84 -36.89 20.93
CA LEU A 31 -50.94 -35.77 21.16
C LEU A 31 -51.21 -34.57 20.26
N ASP A 32 -51.69 -34.82 19.04
CA ASP A 32 -51.91 -33.71 18.11
C ASP A 32 -52.88 -34.03 16.98
N LEU A 33 -53.43 -32.97 16.39
CA LEU A 33 -54.26 -33.07 15.19
C LEU A 33 -54.08 -31.80 14.37
N SER A 34 -53.40 -31.91 13.24
CA SER A 34 -53.08 -30.72 12.45
C SER A 34 -52.86 -31.01 10.97
N GLU A 35 -53.12 -29.99 10.14
CA GLU A 35 -52.88 -30.06 8.71
C GLU A 35 -51.41 -29.75 8.39
N VAL A 36 -50.81 -30.55 7.51
CA VAL A 36 -49.45 -30.31 7.06
C VAL A 36 -49.33 -30.61 5.56
N GLN A 37 -48.41 -29.94 4.88
CA GLN A 37 -48.27 -30.09 3.45
C GLN A 37 -47.39 -31.29 3.08
N LEU A 38 -47.87 -32.50 3.37
CA LEU A 38 -47.14 -33.70 2.99
C LEU A 38 -47.10 -33.82 1.47
N ASP A 39 -45.93 -34.13 0.91
CA ASP A 39 -45.71 -34.04 -0.52
C ASP A 39 -46.18 -32.68 -1.04
N GLY A 40 -46.85 -32.67 -2.18
CA GLY A 40 -47.47 -31.45 -2.69
C GLY A 40 -48.86 -31.24 -2.14
N ALA A 41 -49.32 -32.18 -1.33
CA ALA A 41 -50.69 -32.20 -0.84
C ALA A 41 -50.88 -31.70 0.59
N ALA A 42 -51.98 -30.99 0.82
CA ALA A 42 -52.46 -30.74 2.17
C ALA A 42 -52.90 -32.07 2.76
N THR A 43 -52.65 -32.26 4.05
CA THR A 43 -52.92 -33.55 4.69
C THR A 43 -53.23 -33.44 6.17
N LEU A 44 -54.40 -33.95 6.56
CA LEU A 44 -54.76 -34.05 7.96
C LEU A 44 -53.85 -35.07 8.63
N VAL A 45 -53.40 -34.76 9.85
CA VAL A 45 -52.50 -35.66 10.56
C VAL A 45 -52.87 -35.76 12.04
N LEU A 46 -53.03 -37.01 12.50
CA LEU A 46 -53.30 -37.27 13.91
C LEU A 46 -52.08 -37.93 14.56
N THR A 47 -51.43 -37.19 15.46
CA THR A 47 -50.23 -37.67 16.14
C THR A 47 -50.57 -38.29 17.49
N PHE A 48 -50.50 -39.62 17.55
CA PHE A 48 -50.72 -40.36 18.80
C PHE A 48 -49.42 -40.58 19.57
N SER A 49 -49.53 -40.72 20.89
CA SER A 49 -48.37 -40.88 21.76
C SER A 49 -47.64 -42.22 21.55
N ILE A 50 -48.38 -43.25 21.17
CA ILE A 50 -47.81 -44.59 21.02
C ILE A 50 -48.25 -45.22 19.70
N PRO A 51 -47.46 -46.16 19.16
CA PRO A 51 -47.78 -46.75 17.86
C PRO A 51 -49.13 -47.48 17.84
N LEU A 52 -49.83 -47.36 16.71
CA LEU A 52 -51.15 -47.98 16.54
C LEU A 52 -51.06 -49.33 15.86
N ASP A 53 -52.14 -50.10 15.94
CA ASP A 53 -52.21 -51.40 15.29
C ASP A 53 -52.69 -51.23 13.85
N PRO A 54 -51.86 -51.64 12.87
CA PRO A 54 -52.18 -51.53 11.44
C PRO A 54 -53.45 -52.29 11.03
N ASP A 55 -53.73 -53.40 11.70
CA ASP A 55 -54.82 -54.30 11.28
C ASP A 55 -56.21 -53.69 11.42
N GLN A 56 -56.39 -52.77 12.36
CA GLN A 56 -57.70 -52.18 12.62
C GLN A 56 -58.19 -51.33 11.46
N ASP A 57 -59.50 -51.32 11.26
CA ASP A 57 -60.12 -50.48 10.22
C ASP A 57 -60.39 -49.09 10.78
N PHE A 58 -59.53 -48.14 10.42
CA PHE A 58 -59.60 -46.79 10.97
C PHE A 58 -60.87 -46.04 10.59
N SER A 59 -61.45 -46.39 9.44
CA SER A 59 -62.68 -45.75 9.01
C SER A 59 -63.83 -46.03 9.97
N ARG A 60 -63.82 -47.22 10.57
CA ARG A 60 -64.82 -47.59 11.56
C ARG A 60 -64.70 -46.77 12.85
N VAL A 61 -63.50 -46.32 13.17
CA VAL A 61 -63.25 -45.73 14.47
C VAL A 61 -62.99 -44.22 14.45
N ILE A 62 -62.46 -43.71 13.33
CA ILE A 62 -62.15 -42.28 13.24
C ILE A 62 -62.84 -41.62 12.05
N HIS A 63 -64.01 -41.04 12.31
CA HIS A 63 -64.76 -40.35 11.28
C HIS A 63 -64.21 -38.95 10.98
N VAL A 64 -64.40 -38.51 9.74
CA VAL A 64 -64.09 -37.14 9.34
C VAL A 64 -65.22 -36.62 8.46
N VAL A 65 -65.99 -35.66 8.97
CA VAL A 65 -67.16 -35.18 8.26
C VAL A 65 -67.14 -33.66 8.06
N ASP A 66 -67.18 -33.23 6.80
CA ASP A 66 -67.33 -31.83 6.47
C ASP A 66 -68.70 -31.34 6.90
N LYS A 67 -68.78 -30.11 7.38
CA LYS A 67 -70.03 -29.57 7.91
C LYS A 67 -71.11 -29.41 6.85
N LYS A 68 -70.72 -29.24 5.59
CA LYS A 68 -71.70 -29.05 4.51
C LYS A 68 -71.74 -30.23 3.54
N SER A 69 -70.57 -30.61 3.03
CA SER A 69 -70.51 -31.65 2.00
C SER A 69 -70.60 -33.06 2.58
N GLY A 70 -70.57 -33.17 3.91
CA GLY A 70 -70.67 -34.44 4.57
C GLY A 70 -69.37 -35.21 4.67
N LYS A 71 -69.47 -36.54 4.73
CA LYS A 71 -68.32 -37.41 4.97
C LYS A 71 -67.25 -37.26 3.90
N VAL A 72 -66.00 -37.22 4.33
CA VAL A 72 -64.86 -37.03 3.43
C VAL A 72 -64.33 -38.35 2.89
N ASP A 73 -64.10 -38.40 1.59
CA ASP A 73 -63.53 -39.58 0.94
C ASP A 73 -62.04 -39.69 1.21
N GLY A 74 -61.54 -40.92 1.21
CA GLY A 74 -60.11 -41.16 1.40
C GLY A 74 -59.79 -42.05 2.58
N ALA A 75 -59.07 -43.14 2.32
CA ALA A 75 -58.65 -44.05 3.37
C ALA A 75 -57.49 -43.46 4.19
N TRP A 76 -57.40 -43.85 5.46
CA TRP A 76 -56.32 -43.40 6.33
C TRP A 76 -55.00 -44.06 5.96
N GLU A 77 -53.90 -43.36 6.23
CA GLU A 77 -52.57 -43.88 5.93
C GLU A 77 -51.64 -43.75 7.15
N LEU A 78 -51.33 -44.89 7.77
CA LEU A 78 -50.42 -44.90 8.92
C LEU A 78 -48.99 -44.53 8.53
N SER A 79 -48.33 -43.80 9.42
CA SER A 79 -46.91 -43.49 9.27
C SER A 79 -46.06 -44.72 9.53
N ASP A 80 -44.84 -44.74 8.99
CA ASP A 80 -43.93 -45.85 9.21
C ASP A 80 -43.60 -46.03 10.70
N ASN A 81 -43.66 -44.93 11.44
CA ASN A 81 -43.48 -44.97 12.88
C ASN A 81 -44.76 -45.39 13.61
N LEU A 82 -45.84 -45.46 12.84
CA LEU A 82 -47.16 -45.89 13.32
C LEU A 82 -47.74 -45.00 14.42
N LYS A 83 -47.18 -43.80 14.57
CA LYS A 83 -47.68 -42.87 15.58
C LYS A 83 -48.42 -41.69 14.94
N GLU A 84 -48.51 -41.69 13.62
CA GLU A 84 -49.12 -40.58 12.88
C GLU A 84 -50.08 -41.05 11.80
N LEU A 85 -51.38 -40.98 12.07
CA LEU A 85 -52.39 -41.26 11.06
C LEU A 85 -52.47 -40.09 10.08
N ARG A 86 -52.79 -40.37 8.82
CA ARG A 86 -52.77 -39.34 7.78
C ARG A 86 -53.96 -39.43 6.82
N LEU A 87 -54.38 -38.27 6.31
CA LEU A 87 -55.44 -38.19 5.32
C LEU A 87 -55.13 -37.11 4.29
N ARG A 88 -54.74 -37.54 3.09
CA ARG A 88 -54.25 -36.63 2.06
C ARG A 88 -55.37 -35.94 1.28
N HIS A 89 -54.98 -34.95 0.47
CA HIS A 89 -55.86 -34.27 -0.48
C HIS A 89 -57.05 -33.57 0.18
N LEU A 90 -56.81 -32.85 1.27
CA LEU A 90 -57.85 -32.05 1.90
C LEU A 90 -58.31 -30.90 1.02
N GLU A 91 -59.62 -30.64 1.03
CA GLU A 91 -60.17 -29.48 0.34
C GLU A 91 -59.84 -28.19 1.08
N PRO A 92 -59.42 -27.15 0.36
CA PRO A 92 -59.10 -25.84 0.94
C PRO A 92 -60.30 -25.17 1.59
N LYS A 93 -60.06 -24.42 2.66
CA LYS A 93 -61.06 -23.61 3.37
C LYS A 93 -62.37 -24.36 3.65
N ARG A 94 -62.27 -25.60 4.12
CA ARG A 94 -63.45 -26.38 4.47
C ARG A 94 -63.44 -26.77 5.94
N ASP A 95 -64.55 -26.51 6.63
CA ASP A 95 -64.71 -26.94 8.02
C ASP A 95 -64.78 -28.45 8.11
N LEU A 96 -64.19 -29.02 9.16
CA LEU A 96 -64.13 -30.46 9.30
C LEU A 96 -64.31 -30.91 10.75
N ILE A 97 -65.09 -31.98 10.92
CA ILE A 97 -65.32 -32.60 12.22
C ILE A 97 -64.64 -33.97 12.29
N VAL A 98 -63.59 -34.06 13.09
CA VAL A 98 -62.87 -35.32 13.28
C VAL A 98 -63.29 -36.01 14.57
N THR A 99 -64.08 -37.07 14.44
CA THR A 99 -64.52 -37.84 15.59
C THR A 99 -63.65 -39.08 15.80
N ILE A 100 -62.80 -39.03 16.84
CA ILE A 100 -61.97 -40.17 17.19
C ILE A 100 -62.70 -41.09 18.17
N GLY A 101 -62.81 -42.36 17.81
CA GLY A 101 -63.54 -43.32 18.63
C GLY A 101 -62.81 -43.78 19.88
N LYS A 102 -63.58 -44.25 20.85
CA LYS A 102 -63.03 -44.84 22.08
C LYS A 102 -62.28 -46.15 21.79
N GLU A 103 -62.73 -46.85 20.76
CA GLU A 103 -62.29 -48.22 20.50
C GLU A 103 -60.99 -48.31 19.68
N VAL A 104 -60.38 -47.17 19.39
CA VAL A 104 -59.10 -47.17 18.67
C VAL A 104 -58.07 -47.93 19.50
N LYS A 105 -57.33 -48.82 18.85
CA LYS A 105 -56.39 -49.69 19.56
C LYS A 105 -54.93 -49.39 19.23
N ALA A 106 -54.10 -49.39 20.27
CA ALA A 106 -52.67 -49.26 20.12
C ALA A 106 -52.02 -50.63 20.00
N LEU A 107 -50.75 -50.66 19.62
CA LEU A 107 -50.02 -51.92 19.43
C LEU A 107 -49.89 -52.69 20.74
N ASN A 108 -49.91 -51.99 21.86
CA ASN A 108 -49.83 -52.61 23.18
C ASN A 108 -51.23 -52.86 23.75
N ASN A 109 -52.22 -52.87 22.85
CA ASN A 109 -53.63 -53.06 23.20
C ASN A 109 -54.18 -51.96 24.11
N ALA A 110 -53.58 -50.78 24.04
CA ALA A 110 -54.11 -49.60 24.71
C ALA A 110 -55.30 -49.04 23.94
N THR A 111 -56.20 -48.36 24.65
CA THR A 111 -57.36 -47.75 24.00
C THR A 111 -57.82 -46.50 24.74
N PHE A 112 -58.45 -45.59 24.02
CA PHE A 112 -58.95 -44.34 24.60
C PHE A 112 -60.05 -44.60 25.63
N SER A 113 -60.06 -43.80 26.69
CA SER A 113 -61.10 -43.89 27.71
C SER A 113 -62.46 -43.44 27.20
N LYS A 114 -62.45 -42.55 26.19
CA LYS A 114 -63.69 -41.97 25.69
C LYS A 114 -63.53 -41.41 24.27
N ASP A 115 -64.66 -41.19 23.61
CA ASP A 115 -64.67 -40.57 22.28
C ASP A 115 -64.22 -39.11 22.35
N TYR A 116 -63.57 -38.64 21.30
CA TYR A 116 -63.17 -37.24 21.20
C TYR A 116 -63.71 -36.63 19.91
N GLU A 117 -63.98 -35.33 19.94
CA GLU A 117 -64.53 -34.63 18.78
C GLU A 117 -63.74 -33.37 18.45
N LYS A 118 -62.64 -33.54 17.72
CA LYS A 118 -61.83 -32.42 17.26
C LYS A 118 -62.52 -31.69 16.10
N THR A 119 -62.23 -30.40 15.97
CA THR A 119 -62.72 -29.61 14.85
C THR A 119 -61.55 -28.89 14.20
N ILE A 120 -61.57 -28.74 12.88
CA ILE A 120 -60.47 -28.06 12.20
C ILE A 120 -60.91 -27.40 10.89
N THR A 121 -60.38 -26.21 10.63
CA THR A 121 -60.63 -25.51 9.37
C THR A 121 -59.39 -25.56 8.49
N THR A 122 -59.53 -26.16 7.32
CA THR A 122 -58.42 -26.30 6.38
C THR A 122 -57.94 -24.95 5.86
N ARG A 123 -56.64 -24.85 5.61
CA ARG A 123 -56.04 -23.61 5.11
C ARG A 123 -56.59 -23.24 3.74
N ASP A 124 -56.74 -21.94 3.49
CA ASP A 124 -57.26 -21.46 2.23
C ASP A 124 -56.18 -21.46 1.15
N ILE A 125 -55.91 -22.64 0.59
CA ILE A 125 -54.90 -22.79 -0.44
C ILE A 125 -55.50 -22.59 -1.83
N GLN A 126 -55.24 -21.42 -2.41
CA GLN A 126 -55.69 -21.11 -3.76
C GLN A 126 -54.97 -21.97 -4.79
N PRO A 127 -55.64 -22.31 -5.89
CA PRO A 127 -54.97 -23.07 -6.96
C PRO A 127 -53.82 -22.27 -7.56
N SER A 128 -52.75 -22.95 -7.96
CA SER A 128 -51.57 -22.27 -8.45
C SER A 128 -51.12 -22.85 -9.79
N VAL A 129 -50.47 -22.02 -10.60
CA VAL A 129 -49.92 -22.46 -11.86
C VAL A 129 -48.81 -21.52 -12.30
N GLY A 130 -47.76 -22.07 -12.91
CA GLY A 130 -46.67 -21.24 -13.40
C GLY A 130 -45.53 -22.07 -13.95
N PHE A 131 -44.53 -21.39 -14.52
CA PHE A 131 -43.35 -22.09 -15.00
C PHE A 131 -42.46 -22.51 -13.85
N ALA A 132 -41.71 -23.59 -14.04
CA ALA A 132 -40.83 -24.11 -13.00
C ALA A 132 -39.70 -23.13 -12.70
N SER A 133 -39.38 -22.29 -13.67
CA SER A 133 -38.33 -21.28 -13.53
C SER A 133 -38.63 -20.08 -14.41
N ARG A 134 -38.00 -18.95 -14.09
CA ARG A 134 -38.22 -17.72 -14.85
C ARG A 134 -37.48 -17.76 -16.18
N GLY A 135 -36.59 -18.75 -16.33
CA GLY A 135 -35.87 -18.94 -17.57
C GLY A 135 -34.38 -19.17 -17.39
N SER A 136 -33.73 -19.60 -18.45
CA SER A 136 -32.30 -19.83 -18.44
C SER A 136 -31.72 -19.69 -19.85
N LEU A 137 -30.46 -19.29 -19.93
CA LEU A 137 -29.83 -19.04 -21.22
C LEU A 137 -29.35 -20.32 -21.88
N LEU A 138 -29.39 -21.43 -21.15
CA LEU A 138 -28.94 -22.71 -21.70
C LEU A 138 -29.89 -23.22 -22.77
N PRO A 139 -29.35 -23.58 -23.94
CA PRO A 139 -30.14 -24.12 -25.05
C PRO A 139 -30.79 -25.46 -24.68
N GLY A 140 -31.99 -25.68 -25.20
CA GLY A 140 -32.70 -26.93 -24.97
C GLY A 140 -33.19 -27.52 -26.27
N LYS A 141 -34.17 -28.43 -26.17
CA LYS A 141 -34.80 -29.01 -27.34
C LYS A 141 -36.31 -29.02 -27.17
N VAL A 142 -37.04 -28.98 -28.28
CA VAL A 142 -38.50 -28.96 -28.23
C VAL A 142 -39.06 -30.25 -27.64
N VAL A 143 -38.33 -31.34 -27.80
CA VAL A 143 -38.74 -32.64 -27.26
C VAL A 143 -38.71 -32.62 -25.73
N GLU A 144 -37.83 -31.79 -25.15
CA GLU A 144 -37.73 -31.66 -23.70
C GLU A 144 -39.01 -31.09 -23.10
N GLY A 145 -39.71 -30.27 -23.89
CA GLY A 145 -40.94 -29.63 -23.45
C GLY A 145 -40.68 -28.41 -22.60
N LEU A 146 -41.74 -27.77 -22.15
CA LEU A 146 -41.62 -26.61 -21.27
C LEU A 146 -42.20 -26.91 -19.90
N PRO A 147 -41.33 -27.00 -18.89
CA PRO A 147 -41.75 -27.34 -17.52
C PRO A 147 -42.72 -26.33 -16.93
N VAL A 148 -43.69 -26.81 -16.16
CA VAL A 148 -44.70 -25.98 -15.53
C VAL A 148 -45.21 -26.60 -14.22
N MET A 149 -44.89 -25.95 -13.11
CA MET A 149 -45.50 -26.30 -11.83
C MET A 149 -47.00 -26.01 -11.87
N ALA A 150 -47.78 -26.92 -11.33
CA ALA A 150 -49.24 -26.81 -11.36
C ALA A 150 -49.88 -27.40 -10.12
N LEU A 151 -51.03 -26.85 -9.74
CA LEU A 151 -51.74 -27.26 -8.54
C LEU A 151 -53.22 -26.86 -8.64
N ASN A 152 -54.08 -27.87 -8.75
CA ASN A 152 -55.52 -27.66 -8.90
C ASN A 152 -55.89 -26.75 -10.06
N VAL A 153 -55.15 -26.86 -11.16
CA VAL A 153 -55.43 -26.09 -12.36
C VAL A 153 -55.58 -27.00 -13.58
N ASN A 154 -56.74 -26.93 -14.22
CA ASN A 154 -57.04 -27.78 -15.36
C ASN A 154 -56.53 -27.25 -16.69
N ASN A 155 -56.06 -26.00 -16.71
CA ASN A 155 -55.62 -25.37 -17.95
C ASN A 155 -54.74 -24.15 -17.73
N VAL A 156 -53.96 -23.79 -18.77
CA VAL A 156 -53.18 -22.56 -18.72
C VAL A 156 -52.92 -22.02 -20.13
N ASP A 157 -53.47 -20.83 -20.40
CA ASP A 157 -53.20 -20.14 -21.66
C ASP A 157 -51.76 -19.65 -21.69
N VAL A 158 -51.11 -19.78 -22.84
CA VAL A 158 -49.71 -19.38 -22.97
C VAL A 158 -49.48 -18.67 -24.31
N ASN A 159 -48.68 -17.60 -24.27
CA ASN A 159 -48.30 -16.86 -25.47
C ASN A 159 -46.79 -16.93 -25.72
N PHE A 160 -46.39 -17.72 -26.72
CA PHE A 160 -44.99 -17.81 -27.13
C PHE A 160 -44.55 -16.58 -27.92
N PHE A 161 -43.25 -16.29 -27.85
CA PHE A 161 -42.69 -15.14 -28.56
C PHE A 161 -41.26 -15.43 -29.00
N ARG A 162 -40.84 -14.80 -30.10
CA ARG A 162 -39.45 -14.89 -30.54
C ARG A 162 -38.80 -13.52 -30.54
N VAL A 163 -37.79 -13.34 -29.69
CA VAL A 163 -37.08 -12.07 -29.58
C VAL A 163 -36.35 -11.74 -30.88
N LYS A 164 -36.41 -10.47 -31.27
CA LYS A 164 -35.67 -10.01 -32.45
C LYS A 164 -34.17 -10.08 -32.19
N PRO A 165 -33.43 -10.74 -33.07
CA PRO A 165 -31.98 -10.84 -32.89
C PRO A 165 -31.29 -9.48 -32.84
N GLU A 166 -31.78 -8.51 -33.61
CA GLU A 166 -31.20 -7.18 -33.60
C GLU A 166 -31.40 -6.52 -32.25
N SER A 167 -32.48 -6.90 -31.58
CA SER A 167 -32.76 -6.40 -30.24
C SER A 167 -32.30 -7.39 -29.17
N LEU A 168 -31.74 -8.53 -29.59
CA LEU A 168 -31.35 -9.57 -28.65
C LEU A 168 -30.36 -9.13 -27.56
N PRO A 169 -29.25 -8.44 -27.94
CA PRO A 169 -28.33 -8.01 -26.87
C PRO A 169 -28.96 -7.11 -25.82
N ALA A 170 -29.93 -6.29 -26.23
CA ALA A 170 -30.59 -5.38 -25.30
C ALA A 170 -31.61 -6.13 -24.45
N PHE A 171 -32.44 -6.95 -25.09
CA PHE A 171 -33.53 -7.64 -24.42
C PHE A 171 -33.01 -8.48 -23.28
N ILE A 172 -32.00 -9.31 -23.56
CA ILE A 172 -31.42 -10.17 -22.54
C ILE A 172 -30.84 -9.32 -21.43
N SER A 173 -30.26 -8.18 -21.80
CA SER A 173 -29.70 -7.29 -20.80
C SER A 173 -30.84 -6.78 -19.92
N GLN A 174 -31.93 -6.40 -20.58
CA GLN A 174 -33.11 -5.94 -19.85
C GLN A 174 -33.69 -7.10 -19.05
N TRP A 175 -33.47 -8.31 -19.55
CA TRP A 175 -33.93 -9.50 -18.84
C TRP A 175 -33.08 -9.78 -17.60
N GLU A 176 -31.87 -9.23 -17.56
CA GLU A 176 -30.95 -9.55 -16.48
C GLU A 176 -31.28 -8.87 -15.14
N TYR A 177 -31.50 -7.56 -15.18
CA TYR A 177 -31.80 -6.82 -13.95
C TYR A 177 -33.29 -6.83 -13.59
N ARG A 178 -34.12 -7.32 -14.50
CA ARG A 178 -35.56 -7.30 -14.29
C ARG A 178 -36.12 -8.66 -13.85
N ASN A 179 -35.28 -9.69 -13.90
CA ASN A 179 -35.75 -11.06 -13.64
C ASN A 179 -35.90 -11.37 -12.15
N SER A 180 -35.51 -10.43 -11.30
CA SER A 180 -35.57 -10.63 -9.86
C SER A 180 -37.01 -10.80 -9.38
N LEU A 181 -37.95 -10.21 -10.09
CA LEU A 181 -39.38 -10.37 -9.77
C LEU A 181 -40.08 -11.26 -10.80
N ALA A 182 -41.14 -11.93 -10.36
CA ALA A 182 -41.83 -12.92 -11.18
C ALA A 182 -42.49 -12.36 -12.43
N ASN A 183 -43.01 -11.14 -12.34
CA ASN A 183 -43.70 -10.52 -13.47
C ASN A 183 -42.79 -9.55 -14.21
N TRP A 184 -41.69 -10.07 -14.75
CA TRP A 184 -40.70 -9.23 -15.42
C TRP A 184 -41.13 -8.83 -16.83
N GLN A 185 -42.15 -9.47 -17.36
CA GLN A 185 -42.64 -9.14 -18.69
C GLN A 185 -43.24 -7.74 -18.73
N SER A 186 -43.05 -7.05 -19.86
CA SER A 186 -43.57 -5.70 -20.03
C SER A 186 -43.72 -5.38 -21.52
N ASP A 187 -44.52 -4.36 -21.83
CA ASP A 187 -44.77 -3.99 -23.22
C ASP A 187 -43.49 -3.53 -23.92
N LYS A 188 -42.60 -2.90 -23.15
CA LYS A 188 -41.30 -2.47 -23.68
C LYS A 188 -40.43 -3.68 -24.02
N LEU A 189 -40.63 -4.78 -23.31
CA LEU A 189 -39.93 -6.02 -23.61
C LEU A 189 -40.61 -6.77 -24.75
N LEU A 190 -41.94 -6.77 -24.74
CA LEU A 190 -42.71 -7.46 -25.77
C LEU A 190 -42.55 -6.84 -27.15
N GLN A 191 -42.30 -5.52 -27.19
CA GLN A 191 -42.14 -4.84 -28.47
C GLN A 191 -40.86 -5.28 -29.18
N MET A 192 -39.90 -5.77 -28.41
CA MET A 192 -38.65 -6.27 -28.97
C MET A 192 -38.77 -7.72 -29.43
N ALA A 193 -39.94 -8.31 -29.21
CA ALA A 193 -40.21 -9.68 -29.63
C ALA A 193 -41.43 -9.73 -30.55
N ASP A 194 -41.69 -10.89 -31.12
CA ASP A 194 -42.85 -11.07 -31.98
C ASP A 194 -43.60 -12.36 -31.66
N LEU A 195 -44.92 -12.30 -31.75
CA LEU A 195 -45.77 -13.46 -31.51
C LEU A 195 -45.51 -14.54 -32.55
N VAL A 196 -45.47 -15.79 -32.12
CA VAL A 196 -45.26 -16.91 -33.03
C VAL A 196 -46.37 -17.95 -32.88
N TYR A 197 -46.84 -18.11 -31.64
CA TYR A 197 -47.91 -19.05 -31.34
C TYR A 197 -48.56 -18.68 -30.01
N THR A 198 -49.82 -19.04 -29.85
CA THR A 198 -50.52 -18.83 -28.59
C THR A 198 -51.67 -19.81 -28.46
N GLY A 199 -52.01 -20.16 -27.22
CA GLY A 199 -53.14 -21.06 -26.99
C GLY A 199 -53.18 -21.66 -25.61
N ARG A 200 -54.30 -22.30 -25.29
CA ARG A 200 -54.50 -22.90 -23.98
C ARG A 200 -53.96 -24.32 -23.91
N PHE A 201 -53.24 -24.64 -22.85
CA PHE A 201 -52.75 -25.98 -22.61
C PHE A 201 -53.55 -26.66 -21.50
N ASP A 202 -54.26 -27.72 -21.85
CA ASP A 202 -55.01 -28.49 -20.86
C ASP A 202 -54.07 -29.20 -19.88
N LEU A 203 -54.49 -29.27 -18.62
CA LEU A 203 -53.68 -29.91 -17.58
C LEU A 203 -54.54 -30.81 -16.72
N ASN A 204 -53.98 -31.94 -16.28
CA ASN A 204 -54.68 -32.78 -15.32
C ASN A 204 -53.79 -33.23 -14.17
N PRO A 205 -53.44 -32.30 -13.27
CA PRO A 205 -52.72 -32.63 -12.03
C PRO A 205 -53.58 -33.46 -11.08
N ALA A 206 -52.96 -34.30 -10.26
CA ALA A 206 -53.69 -35.01 -9.23
C ALA A 206 -54.31 -34.00 -8.27
N ARG A 207 -55.51 -34.28 -7.79
CA ARG A 207 -56.26 -33.32 -6.99
C ARG A 207 -55.53 -32.96 -5.70
N ASN A 208 -55.49 -31.67 -5.40
CA ASN A 208 -54.78 -31.14 -4.25
C ASN A 208 -53.33 -31.61 -4.17
N THR A 209 -52.66 -31.70 -5.32
CA THR A 209 -51.28 -32.17 -5.36
C THR A 209 -50.48 -31.47 -6.45
N ARG A 210 -49.39 -30.81 -6.05
CA ARG A 210 -48.51 -30.12 -6.97
C ARG A 210 -47.83 -31.10 -7.93
N GLU A 211 -47.70 -30.69 -9.19
CA GLU A 211 -47.04 -31.53 -10.19
C GLU A 211 -46.23 -30.70 -11.18
N LYS A 212 -45.10 -31.26 -11.62
CA LYS A 212 -44.29 -30.64 -12.66
C LYS A 212 -44.71 -31.15 -14.04
N LEU A 213 -45.75 -30.55 -14.60
CA LEU A 213 -46.23 -30.92 -15.92
C LEU A 213 -45.27 -30.43 -17.01
N LEU A 214 -45.29 -31.07 -18.16
CA LEU A 214 -44.43 -30.67 -19.26
C LEU A 214 -45.24 -30.31 -20.51
N LEU A 215 -45.27 -29.03 -20.85
CA LEU A 215 -46.00 -28.57 -22.03
C LEU A 215 -45.31 -29.01 -23.31
N PRO A 216 -46.04 -29.70 -24.20
CA PRO A 216 -45.52 -30.15 -25.50
C PRO A 216 -45.13 -28.97 -26.39
N LEU A 217 -44.07 -29.15 -27.18
CA LEU A 217 -43.60 -28.08 -28.06
C LEU A 217 -43.33 -28.59 -29.47
N GLY A 218 -43.50 -29.89 -29.68
CA GLY A 218 -43.13 -30.51 -30.95
C GLY A 218 -44.10 -30.32 -32.09
N ASP A 219 -45.35 -29.95 -31.79
CA ASP A 219 -46.33 -29.70 -32.83
C ASP A 219 -46.38 -28.23 -33.24
N ILE A 220 -45.58 -27.41 -32.56
CA ILE A 220 -45.52 -25.97 -32.87
C ILE A 220 -44.44 -25.69 -33.90
N LYS A 221 -44.87 -25.39 -35.12
CA LYS A 221 -43.96 -25.18 -36.24
C LYS A 221 -42.91 -24.07 -36.05
N PRO A 222 -43.31 -22.87 -35.55
CA PRO A 222 -42.30 -21.83 -35.37
C PRO A 222 -41.17 -22.23 -34.43
N LEU A 223 -41.46 -23.06 -33.44
CA LEU A 223 -40.46 -23.49 -32.47
C LEU A 223 -39.37 -24.35 -33.10
N GLN A 224 -39.66 -24.95 -34.25
CA GLN A 224 -38.66 -25.74 -34.97
C GLN A 224 -37.48 -24.89 -35.40
N GLN A 225 -37.75 -23.60 -35.63
CA GLN A 225 -36.71 -22.65 -36.01
C GLN A 225 -35.81 -22.26 -34.85
N ALA A 226 -34.56 -21.93 -35.14
CA ALA A 226 -33.60 -21.53 -34.13
C ALA A 226 -33.89 -20.13 -33.58
N GLY A 227 -33.51 -19.90 -32.33
CA GLY A 227 -33.68 -18.61 -31.69
C GLY A 227 -34.04 -18.69 -30.22
N VAL A 228 -33.92 -17.56 -29.53
CA VAL A 228 -34.40 -17.42 -28.16
C VAL A 228 -35.93 -17.30 -28.17
N TYR A 229 -36.58 -17.78 -27.12
CA TYR A 229 -38.04 -17.70 -27.05
C TYR A 229 -38.54 -17.31 -25.67
N LEU A 230 -39.68 -16.61 -25.64
CA LEU A 230 -40.27 -16.14 -24.39
C LEU A 230 -41.73 -16.55 -24.28
N ALA A 231 -42.03 -17.41 -23.33
CA ALA A 231 -43.42 -17.78 -23.05
C ALA A 231 -44.02 -16.89 -21.98
N VAL A 232 -45.24 -16.42 -22.21
CA VAL A 232 -45.94 -15.58 -21.24
C VAL A 232 -47.36 -16.06 -21.03
N MET A 233 -47.63 -16.61 -19.85
CA MET A 233 -48.97 -17.06 -19.50
C MET A 233 -49.95 -15.90 -19.39
N ASN A 234 -51.15 -16.08 -19.93
CA ASN A 234 -52.25 -15.17 -19.64
C ASN A 234 -52.71 -15.39 -18.20
N GLN A 235 -53.04 -14.31 -17.51
CA GLN A 235 -53.37 -14.41 -16.09
C GLN A 235 -54.86 -14.24 -15.83
N ALA A 236 -55.68 -14.72 -16.75
CA ALA A 236 -57.13 -14.71 -16.58
C ALA A 236 -57.57 -15.71 -15.52
N GLY A 237 -58.69 -15.44 -14.88
CA GLY A 237 -59.24 -16.33 -13.88
C GLY A 237 -58.71 -16.09 -12.48
N ARG A 238 -59.19 -16.89 -11.54
CA ARG A 238 -58.86 -16.73 -10.12
C ARG A 238 -57.54 -17.42 -9.75
N TYR A 239 -56.94 -18.11 -10.72
CA TYR A 239 -55.71 -18.86 -10.48
C TYR A 239 -54.55 -17.97 -10.04
N ASP A 240 -53.75 -18.47 -9.11
CA ASP A 240 -52.50 -17.82 -8.74
C ASP A 240 -51.45 -18.07 -9.82
N TYR A 241 -50.54 -17.13 -9.99
CA TYR A 241 -49.47 -17.27 -10.98
C TYR A 241 -48.11 -16.94 -10.40
N SER A 242 -47.39 -17.98 -9.97
CA SER A 242 -46.09 -17.81 -9.35
C SER A 242 -45.02 -17.34 -10.34
N ASN A 243 -45.00 -17.97 -11.52
CA ASN A 243 -44.03 -17.62 -12.57
C ASN A 243 -44.69 -17.47 -13.93
N PRO A 244 -45.36 -16.34 -14.16
CA PRO A 244 -46.13 -16.08 -15.40
C PRO A 244 -45.29 -16.14 -16.67
N ALA A 245 -44.02 -15.74 -16.61
CA ALA A 245 -43.18 -15.67 -17.80
C ALA A 245 -41.94 -16.54 -17.68
N THR A 246 -41.42 -16.98 -18.82
CA THR A 246 -40.20 -17.78 -18.85
C THR A 246 -39.45 -17.63 -20.18
N LEU A 247 -38.16 -17.91 -20.16
CA LEU A 247 -37.31 -17.78 -21.35
C LEU A 247 -36.58 -19.08 -21.64
N PHE A 248 -36.44 -19.41 -22.92
CA PHE A 248 -35.72 -20.62 -23.32
C PHE A 248 -35.15 -20.51 -24.73
N THR A 249 -33.84 -20.70 -24.85
CA THR A 249 -33.17 -20.72 -26.15
C THR A 249 -33.40 -22.07 -26.86
N LEU A 250 -33.43 -22.05 -28.18
CA LEU A 250 -33.59 -23.27 -28.97
C LEU A 250 -32.82 -23.16 -30.29
N SER A 251 -31.66 -23.78 -30.39
CA SER A 251 -30.83 -23.64 -31.58
C SER A 251 -30.13 -24.94 -31.97
N ASP A 252 -29.61 -24.99 -33.19
CA ASP A 252 -28.96 -26.19 -33.70
C ASP A 252 -27.44 -26.07 -33.62
N ILE A 253 -26.78 -25.79 -34.74
CA ILE A 253 -25.33 -25.81 -34.83
C ILE A 253 -24.67 -24.85 -33.83
N GLY A 254 -23.57 -25.29 -33.24
CA GLY A 254 -22.85 -24.47 -32.28
C GLY A 254 -21.34 -24.56 -32.37
N VAL A 255 -20.67 -23.62 -31.73
CA VAL A 255 -19.21 -23.51 -31.79
C VAL A 255 -18.63 -23.29 -30.39
N SER A 256 -17.46 -23.85 -30.12
CA SER A 256 -16.75 -23.61 -28.87
C SER A 256 -15.27 -23.35 -29.16
N ALA A 257 -14.70 -22.37 -28.46
CA ALA A 257 -13.33 -21.94 -28.73
C ALA A 257 -12.73 -21.25 -27.52
N HIS A 258 -11.42 -20.99 -27.58
CA HIS A 258 -10.77 -20.19 -26.56
C HIS A 258 -9.47 -19.60 -27.11
N ARG A 259 -9.13 -18.39 -26.68
CA ARG A 259 -7.99 -17.69 -27.24
C ARG A 259 -6.80 -17.58 -26.28
N TYR A 260 -5.62 -17.52 -26.88
CA TYR A 260 -4.37 -17.31 -26.16
C TYR A 260 -3.65 -16.10 -26.73
N HIS A 261 -3.96 -14.92 -26.19
CA HIS A 261 -3.40 -13.66 -26.69
C HIS A 261 -3.66 -13.48 -28.19
N ASN A 262 -2.65 -13.80 -28.99
CA ASN A 262 -2.73 -13.66 -30.45
C ASN A 262 -3.24 -14.92 -31.16
N ARG A 263 -3.52 -15.98 -30.39
CA ARG A 263 -3.95 -17.25 -30.97
C ARG A 263 -5.29 -17.70 -30.40
N LEU A 264 -6.01 -18.52 -31.16
CA LEU A 264 -7.31 -19.05 -30.72
C LEU A 264 -7.58 -20.40 -31.40
N ASP A 265 -8.33 -21.26 -30.73
CA ASP A 265 -8.61 -22.60 -31.26
C ASP A 265 -10.10 -22.94 -31.24
N ILE A 266 -10.74 -22.83 -32.40
CA ILE A 266 -12.16 -23.14 -32.56
C ILE A 266 -12.43 -24.65 -32.48
N PHE A 267 -13.58 -25.04 -31.94
CA PHE A 267 -14.01 -26.43 -31.97
C PHE A 267 -15.48 -26.54 -32.36
N THR A 268 -15.72 -26.75 -33.66
CA THR A 268 -17.08 -26.97 -34.16
C THR A 268 -17.58 -28.36 -33.82
N GLN A 269 -18.90 -28.49 -33.63
CA GLN A 269 -19.51 -29.78 -33.34
C GLN A 269 -21.03 -29.75 -33.58
N SER A 270 -21.61 -30.92 -33.87
CA SER A 270 -23.06 -31.03 -34.00
C SER A 270 -23.70 -31.07 -32.63
N LEU A 271 -24.77 -30.30 -32.45
CA LEU A 271 -25.46 -30.25 -31.16
C LEU A 271 -26.28 -31.50 -30.86
N GLU A 272 -26.62 -32.26 -31.89
CA GLU A 272 -27.45 -33.45 -31.72
C GLU A 272 -26.75 -34.53 -30.90
N ASN A 273 -25.43 -34.57 -30.96
CA ASN A 273 -24.67 -35.61 -30.26
C ASN A 273 -23.40 -35.07 -29.59
N GLY A 274 -22.98 -33.88 -29.99
CA GLY A 274 -21.77 -33.28 -29.44
C GLY A 274 -20.53 -33.75 -30.17
N ALA A 275 -20.70 -34.62 -31.15
CA ALA A 275 -19.59 -35.12 -31.95
C ALA A 275 -18.98 -34.01 -32.80
N ALA A 276 -17.67 -34.05 -32.95
CA ALA A 276 -16.95 -33.06 -33.76
C ALA A 276 -17.34 -33.19 -35.23
N GLN A 277 -17.46 -32.05 -35.91
CA GLN A 277 -17.82 -32.04 -37.32
C GLN A 277 -16.69 -31.48 -38.20
N GLN A 278 -16.48 -32.12 -39.34
CA GLN A 278 -15.46 -31.69 -40.29
C GLN A 278 -16.07 -30.87 -41.42
N GLY A 279 -15.28 -29.96 -41.99
CA GLY A 279 -15.67 -29.22 -43.18
C GLY A 279 -16.47 -27.96 -42.94
N ILE A 280 -16.77 -27.65 -41.68
CA ILE A 280 -17.45 -26.41 -41.34
C ILE A 280 -16.54 -25.23 -41.64
N GLU A 281 -17.09 -24.17 -42.24
CA GLU A 281 -16.31 -22.98 -42.54
C GLU A 281 -16.46 -21.93 -41.45
N VAL A 282 -15.35 -21.48 -40.89
CA VAL A 282 -15.40 -20.47 -39.84
C VAL A 282 -14.71 -19.18 -40.25
N SER A 283 -15.47 -18.07 -40.25
CA SER A 283 -14.92 -16.77 -40.58
C SER A 283 -14.78 -15.87 -39.35
N LEU A 284 -13.71 -15.09 -39.31
CA LEU A 284 -13.48 -14.17 -38.20
C LEU A 284 -13.99 -12.76 -38.53
N LEU A 285 -15.25 -12.50 -38.18
CA LEU A 285 -15.82 -11.17 -38.35
C LEU A 285 -15.39 -10.20 -37.25
N ASN A 286 -15.29 -8.92 -37.60
CA ASN A 286 -15.01 -7.88 -36.61
C ASN A 286 -16.30 -7.14 -36.24
N GLU A 287 -16.18 -6.09 -35.45
CA GLU A 287 -17.35 -5.30 -35.06
C GLU A 287 -18.01 -4.65 -36.28
N LYS A 288 -17.21 -4.37 -37.30
CA LYS A 288 -17.73 -3.83 -38.56
C LYS A 288 -18.29 -4.95 -39.43
N GLY A 289 -18.06 -6.19 -39.02
CA GLY A 289 -18.54 -7.35 -39.75
C GLY A 289 -17.63 -7.80 -40.87
N GLN A 290 -16.51 -7.11 -41.05
CA GLN A 290 -15.54 -7.48 -42.07
C GLN A 290 -14.89 -8.82 -41.77
N THR A 291 -14.64 -9.61 -42.81
CA THR A 291 -14.03 -10.92 -42.66
C THR A 291 -12.51 -10.84 -42.67
N LEU A 292 -11.91 -10.78 -41.48
CA LEU A 292 -10.45 -10.68 -41.35
C LEU A 292 -9.74 -11.93 -41.87
N THR A 293 -10.39 -13.08 -41.71
CA THR A 293 -9.83 -14.36 -42.14
C THR A 293 -10.89 -15.44 -42.12
N GLN A 294 -10.58 -16.61 -42.67
CA GLN A 294 -11.48 -17.76 -42.63
C GLN A 294 -10.72 -19.07 -42.74
N ALA A 295 -11.27 -20.13 -42.16
CA ALA A 295 -10.62 -21.43 -42.20
C ALA A 295 -11.61 -22.58 -42.04
N THR A 296 -11.28 -23.73 -42.64
CA THR A 296 -12.13 -24.91 -42.58
C THR A 296 -11.72 -25.84 -41.45
N SER A 297 -12.70 -26.42 -40.77
CA SER A 297 -12.44 -27.36 -39.68
C SER A 297 -11.79 -28.65 -40.17
N ASP A 298 -10.91 -29.21 -39.35
CA ASP A 298 -10.28 -30.49 -39.65
C ASP A 298 -11.22 -31.63 -39.27
N ALA A 299 -10.73 -32.87 -39.38
CA ALA A 299 -11.53 -34.04 -39.05
C ALA A 299 -11.91 -34.05 -37.58
N GLN A 300 -11.06 -33.44 -36.76
CA GLN A 300 -11.32 -33.32 -35.33
C GLN A 300 -12.14 -32.07 -35.03
N GLY A 301 -12.39 -31.27 -36.06
CA GLY A 301 -13.24 -30.10 -35.95
C GLY A 301 -12.52 -28.85 -35.46
N HIS A 302 -11.22 -28.98 -35.17
CA HIS A 302 -10.43 -27.85 -34.71
C HIS A 302 -10.18 -26.82 -35.81
N VAL A 303 -10.21 -25.54 -35.43
CA VAL A 303 -9.90 -24.45 -36.34
C VAL A 303 -9.02 -23.42 -35.64
N GLN A 304 -7.72 -23.62 -35.68
CA GLN A 304 -6.78 -22.66 -35.13
C GLN A 304 -6.72 -21.40 -35.99
N LEU A 305 -6.62 -20.24 -35.33
CA LEU A 305 -6.53 -18.96 -36.03
C LEU A 305 -5.67 -17.99 -35.23
N GLU A 306 -4.89 -17.18 -35.93
CA GLU A 306 -3.99 -16.23 -35.28
C GLU A 306 -4.59 -14.84 -35.16
N ASN A 307 -5.66 -14.72 -34.37
CA ASN A 307 -6.26 -13.42 -34.10
C ASN A 307 -5.90 -12.91 -32.71
N ASP A 308 -5.58 -11.63 -32.61
CA ASP A 308 -5.22 -11.02 -31.34
C ASP A 308 -6.40 -10.24 -30.75
N LYS A 309 -6.20 -8.94 -30.54
CA LYS A 309 -7.23 -8.08 -30.00
C LYS A 309 -8.21 -7.68 -31.10
N ASN A 310 -9.32 -7.05 -30.70
CA ASN A 310 -10.40 -6.65 -31.59
C ASN A 310 -11.06 -7.83 -32.29
N ALA A 311 -10.94 -9.01 -31.70
CA ALA A 311 -11.76 -10.14 -32.10
C ALA A 311 -13.19 -9.84 -31.69
N ALA A 312 -14.15 -10.18 -32.55
CA ALA A 312 -15.54 -9.79 -32.28
C ALA A 312 -16.52 -10.92 -32.50
N LEU A 313 -16.51 -11.51 -33.70
CA LEU A 313 -17.50 -12.53 -34.04
C LEU A 313 -16.89 -13.69 -34.81
N LEU A 314 -17.46 -14.87 -34.63
CA LEU A 314 -17.12 -16.03 -35.43
C LEU A 314 -18.34 -16.44 -36.25
N LEU A 315 -18.11 -16.96 -37.45
CA LEU A 315 -19.20 -17.31 -38.35
C LEU A 315 -19.00 -18.72 -38.92
N ALA A 316 -19.68 -19.69 -38.32
CA ALA A 316 -19.64 -21.06 -38.81
C ALA A 316 -20.75 -21.31 -39.81
N ARG A 317 -20.43 -22.02 -40.89
CA ARG A 317 -21.40 -22.36 -41.92
C ARG A 317 -21.11 -23.73 -42.52
N LYS A 318 -22.16 -24.52 -42.75
CA LYS A 318 -22.03 -25.83 -43.37
C LYS A 318 -23.37 -26.37 -43.86
N ASP A 319 -23.46 -26.65 -45.16
CA ASP A 319 -24.64 -27.23 -45.78
C ASP A 319 -25.90 -26.41 -45.50
N GLY A 320 -25.73 -25.08 -45.47
CA GLY A 320 -26.84 -24.17 -45.27
C GLY A 320 -27.07 -23.85 -43.81
N GLN A 321 -26.48 -24.65 -42.93
CA GLN A 321 -26.52 -24.37 -41.50
C GLN A 321 -25.56 -23.23 -41.17
N THR A 322 -25.91 -22.45 -40.15
CA THR A 322 -25.11 -21.28 -39.78
C THR A 322 -25.19 -21.00 -38.28
N THR A 323 -24.06 -20.58 -37.71
CA THR A 323 -24.01 -20.24 -36.29
C THR A 323 -22.93 -19.20 -36.00
N LEU A 324 -23.35 -18.08 -35.41
CA LEU A 324 -22.42 -17.03 -35.03
C LEU A 324 -22.03 -17.13 -33.55
N LEU A 325 -20.80 -16.74 -33.24
CA LEU A 325 -20.33 -16.72 -31.86
C LEU A 325 -19.82 -15.32 -31.49
N ASP A 326 -20.42 -14.73 -30.47
CA ASP A 326 -20.06 -13.37 -30.08
C ASP A 326 -18.87 -13.36 -29.13
N LEU A 327 -17.69 -13.14 -29.71
CA LEU A 327 -16.45 -13.06 -28.93
C LEU A 327 -16.44 -11.85 -28.01
N LYS A 328 -17.21 -10.82 -28.37
CA LYS A 328 -17.31 -9.62 -27.55
C LYS A 328 -17.99 -9.89 -26.21
N LEU A 329 -18.79 -10.96 -26.17
CA LEU A 329 -19.42 -11.40 -24.93
C LEU A 329 -18.35 -11.84 -23.94
N PRO A 330 -18.61 -11.67 -22.64
CA PRO A 330 -17.61 -12.02 -21.63
C PRO A 330 -17.30 -13.51 -21.62
N ALA A 331 -16.03 -13.84 -21.35
CA ALA A 331 -15.59 -15.23 -21.29
C ALA A 331 -16.27 -15.94 -20.13
N LEU A 332 -16.44 -17.26 -20.26
CA LEU A 332 -17.07 -18.05 -19.22
C LEU A 332 -16.30 -17.92 -17.92
N ASP A 333 -17.04 -17.71 -16.83
CA ASP A 333 -16.41 -17.52 -15.52
C ASP A 333 -15.70 -18.80 -15.07
N LEU A 334 -14.51 -18.63 -14.53
CA LEU A 334 -13.71 -19.76 -14.05
C LEU A 334 -13.25 -19.52 -12.62
N ALA A 335 -14.01 -18.70 -11.89
CA ALA A 335 -13.66 -18.36 -10.52
C ALA A 335 -13.65 -19.57 -9.61
N GLU A 336 -14.51 -20.55 -9.90
CA GLU A 336 -14.52 -21.79 -9.15
C GLU A 336 -13.23 -22.57 -9.35
N PHE A 337 -12.64 -22.44 -10.54
CA PHE A 337 -11.37 -23.07 -10.84
C PHE A 337 -10.21 -22.26 -10.27
N ASN A 338 -9.11 -22.95 -9.93
CA ASN A 338 -7.92 -22.29 -9.42
C ASN A 338 -6.98 -21.86 -10.53
N ILE A 339 -7.40 -20.87 -11.32
CA ILE A 339 -6.62 -20.40 -12.46
C ILE A 339 -5.66 -19.26 -12.12
N ALA A 340 -5.66 -18.84 -10.86
CA ALA A 340 -4.85 -17.70 -10.42
C ALA A 340 -3.35 -17.98 -10.52
N GLY A 341 -2.58 -16.95 -10.86
CA GLY A 341 -1.13 -17.06 -10.94
C GLY A 341 -0.46 -15.86 -11.59
N ALA A 342 0.86 -15.92 -11.69
CA ALA A 342 1.64 -14.85 -12.32
C ALA A 342 1.43 -14.83 -13.84
N PRO A 343 1.44 -13.63 -14.44
CA PRO A 343 1.25 -13.47 -15.88
C PRO A 343 2.56 -13.34 -16.65
N GLY A 344 3.65 -13.83 -16.08
CA GLY A 344 4.96 -13.75 -16.71
C GLY A 344 5.36 -15.01 -17.45
N TYR A 345 4.61 -15.33 -18.50
CA TYR A 345 4.90 -16.52 -19.30
C TYR A 345 6.23 -16.42 -20.04
N SER A 346 6.64 -15.20 -20.35
CA SER A 346 7.92 -14.98 -21.03
C SER A 346 9.06 -14.94 -20.04
N LYS A 347 10.02 -14.05 -20.26
CA LYS A 347 11.12 -13.87 -19.34
C LYS A 347 10.61 -13.37 -17.99
N GLN A 348 11.16 -13.92 -16.91
CA GLN A 348 10.69 -13.62 -15.57
C GLN A 348 11.71 -12.80 -14.79
N PHE A 349 11.39 -11.53 -14.58
CA PHE A 349 12.25 -10.62 -13.83
C PHE A 349 11.82 -10.57 -12.37
N PHE A 350 12.49 -11.34 -11.52
CA PHE A 350 12.18 -11.30 -10.08
C PHE A 350 12.53 -9.93 -9.53
N MET A 351 11.66 -9.39 -8.69
CA MET A 351 11.89 -8.10 -8.03
C MET A 351 11.56 -8.23 -6.55
N PHE A 352 12.54 -7.96 -5.70
CA PHE A 352 12.36 -8.19 -4.27
C PHE A 352 13.18 -7.21 -3.44
N GLY A 353 12.72 -6.96 -2.21
CA GLY A 353 13.42 -6.05 -1.32
C GLY A 353 13.17 -6.36 0.14
N PRO A 354 13.91 -5.69 1.04
CA PRO A 354 13.82 -5.87 2.49
C PRO A 354 12.43 -5.59 3.05
N ARG A 355 11.72 -4.65 2.46
CA ARG A 355 10.41 -4.24 2.97
C ARG A 355 9.57 -3.52 1.92
N ASP A 356 8.26 -3.74 1.96
CA ASP A 356 7.35 -3.01 1.08
C ASP A 356 6.91 -1.68 1.69
N LEU A 357 7.23 -1.46 2.95
CA LEU A 357 6.85 -0.24 3.63
C LEU A 357 8.01 0.76 3.67
N TYR A 358 7.69 2.05 3.56
CA TYR A 358 8.69 3.10 3.56
C TYR A 358 8.15 4.41 4.10
N ARG A 359 9.05 5.36 4.33
CA ARG A 359 8.70 6.69 4.81
C ARG A 359 9.27 7.74 3.87
N PRO A 360 8.66 8.93 3.83
CA PRO A 360 9.26 9.99 3.00
C PRO A 360 10.67 10.33 3.49
N GLY A 361 11.57 10.58 2.55
CA GLY A 361 12.95 10.90 2.86
C GLY A 361 13.82 9.67 3.07
N GLU A 362 13.20 8.49 3.04
CA GLU A 362 13.93 7.23 3.15
C GLU A 362 14.51 6.78 1.82
N THR A 363 15.58 6.00 1.89
CA THR A 363 16.22 5.46 0.68
C THR A 363 15.64 4.09 0.32
N VAL A 364 14.73 4.07 -0.65
CA VAL A 364 14.17 2.84 -1.18
C VAL A 364 15.26 1.98 -1.83
N ILE A 365 15.22 0.68 -1.51
CA ILE A 365 16.17 -0.29 -2.03
C ILE A 365 15.42 -1.38 -2.78
N LEU A 366 16.00 -1.88 -3.86
CA LEU A 366 15.37 -2.92 -4.66
C LEU A 366 16.40 -3.84 -5.30
N ASN A 367 16.04 -5.11 -5.45
CA ASN A 367 16.92 -6.10 -6.06
C ASN A 367 16.19 -6.88 -7.16
N GLY A 368 16.93 -7.27 -8.19
CA GLY A 368 16.34 -7.94 -9.32
C GLY A 368 17.09 -9.17 -9.78
N LEU A 369 16.34 -10.17 -10.25
CA LEU A 369 16.93 -11.40 -10.77
C LEU A 369 16.16 -11.86 -12.01
N LEU A 370 16.66 -11.47 -13.18
CA LEU A 370 16.08 -11.91 -14.45
C LEU A 370 16.39 -13.39 -14.70
N ARG A 371 15.41 -14.10 -15.25
CA ARG A 371 15.56 -15.52 -15.58
C ARG A 371 14.63 -15.87 -16.75
N ASP A 372 14.81 -17.05 -17.32
CA ASP A 372 13.91 -17.49 -18.39
C ASP A 372 12.65 -18.11 -17.78
N ALA A 373 11.77 -18.63 -18.63
CA ALA A 373 10.53 -19.23 -18.16
C ALA A 373 10.77 -20.44 -17.27
N ASP A 374 11.87 -21.15 -17.52
CA ASP A 374 12.24 -22.31 -16.71
C ASP A 374 13.14 -21.94 -15.54
N GLY A 375 13.47 -20.65 -15.44
CA GLY A 375 14.33 -20.17 -14.36
C GLY A 375 15.81 -20.32 -14.65
N LYS A 376 16.13 -20.77 -15.87
CA LYS A 376 17.51 -20.90 -16.32
C LYS A 376 18.15 -19.54 -16.59
N ALA A 377 19.47 -19.48 -16.45
CA ALA A 377 20.22 -18.24 -16.66
C ALA A 377 20.19 -17.79 -18.12
N LEU A 378 20.21 -16.48 -18.32
CA LEU A 378 20.22 -15.89 -19.66
C LEU A 378 21.32 -14.82 -19.75
N PRO A 379 21.82 -14.55 -20.96
CA PRO A 379 22.91 -13.57 -21.12
C PRO A 379 22.50 -12.18 -20.65
N ASN A 380 23.44 -11.44 -20.07
CA ASN A 380 23.14 -10.19 -19.39
C ASN A 380 22.55 -9.14 -20.32
N GLN A 381 21.50 -8.48 -19.85
CA GLN A 381 20.86 -7.39 -20.60
C GLN A 381 20.44 -6.26 -19.66
N PRO A 382 20.45 -5.01 -20.18
CA PRO A 382 19.93 -3.87 -19.43
C PRO A 382 18.43 -3.96 -19.19
N ILE A 383 17.96 -3.43 -18.05
CA ILE A 383 16.53 -3.40 -17.76
C ILE A 383 16.11 -2.00 -17.36
N LYS A 384 15.09 -1.47 -18.02
CA LYS A 384 14.68 -0.08 -17.79
C LYS A 384 13.72 0.07 -16.62
N LEU A 385 14.23 0.52 -15.48
CA LEU A 385 13.40 0.77 -14.31
C LEU A 385 12.80 2.17 -14.32
N ASP A 386 11.53 2.26 -13.92
CA ASP A 386 10.83 3.54 -13.82
C ASP A 386 10.09 3.64 -12.48
N VAL A 387 10.29 4.75 -11.78
CA VAL A 387 9.64 4.97 -10.49
C VAL A 387 8.33 5.76 -10.64
N ILE A 388 7.21 5.04 -10.69
CA ILE A 388 5.90 5.66 -10.80
C ILE A 388 5.46 6.29 -9.48
N LYS A 389 4.72 7.39 -9.56
CA LYS A 389 4.13 8.05 -8.41
C LYS A 389 2.65 7.67 -8.30
N PRO A 390 2.03 7.90 -7.13
CA PRO A 390 0.62 7.55 -6.94
C PRO A 390 -0.31 8.22 -7.95
N ASP A 391 0.03 9.44 -8.37
CA ASP A 391 -0.72 10.12 -9.42
C ASP A 391 -0.58 9.41 -10.76
N GLY A 392 0.47 8.58 -10.87
CA GLY A 392 0.76 7.84 -12.08
C GLY A 392 1.87 8.46 -12.90
N GLN A 393 2.24 9.68 -12.57
CA GLN A 393 3.36 10.35 -13.22
C GLN A 393 4.68 9.70 -12.82
N VAL A 394 5.61 9.62 -13.77
CA VAL A 394 6.94 9.08 -13.49
C VAL A 394 7.75 10.03 -12.63
N LEU A 395 8.61 9.48 -11.77
CA LEU A 395 9.49 10.29 -10.94
C LEU A 395 10.89 10.33 -11.53
N ARG A 396 11.41 9.15 -11.88
CA ARG A 396 12.72 9.04 -12.49
C ARG A 396 12.84 7.74 -13.27
N SER A 397 13.77 7.68 -14.22
CA SER A 397 13.97 6.49 -15.03
C SER A 397 15.46 6.17 -15.14
N VAL A 398 15.79 4.88 -15.06
CA VAL A 398 17.20 4.47 -15.11
C VAL A 398 17.38 3.16 -15.86
N VAL A 399 18.52 3.04 -16.54
CA VAL A 399 18.87 1.80 -17.22
C VAL A 399 19.68 0.90 -16.30
N SER A 400 18.97 0.08 -15.53
CA SER A 400 19.61 -0.84 -14.58
C SER A 400 20.46 -1.90 -15.28
N GLN A 401 21.56 -2.27 -14.65
CA GLN A 401 22.48 -3.26 -15.20
C GLN A 401 22.74 -4.37 -14.18
N PRO A 402 23.05 -5.58 -14.66
CA PRO A 402 23.27 -6.72 -13.76
C PRO A 402 24.73 -6.91 -13.37
N GLU A 403 25.09 -6.48 -12.17
CA GLU A 403 26.43 -6.72 -11.64
C GLU A 403 26.48 -8.10 -10.98
N ASN A 404 27.35 -8.96 -11.49
CA ASN A 404 27.47 -10.34 -11.01
C ASN A 404 26.15 -11.09 -11.02
N GLY A 405 25.30 -10.79 -12.00
CA GLY A 405 24.02 -11.48 -12.15
C GLY A 405 22.94 -11.01 -11.22
N LEU A 406 23.17 -9.88 -10.54
CA LEU A 406 22.20 -9.36 -9.58
C LEU A 406 21.91 -7.88 -9.78
N TYR A 407 20.68 -7.57 -10.22
CA TYR A 407 20.24 -6.18 -10.34
C TYR A 407 20.04 -5.56 -8.97
N HIS A 408 20.30 -4.26 -8.86
CA HIS A 408 20.19 -3.58 -7.58
C HIS A 408 19.90 -2.08 -7.70
N PHE A 409 18.62 -1.72 -7.72
CA PHE A 409 18.22 -0.33 -7.66
C PHE A 409 18.33 0.22 -6.24
N THR A 410 18.63 1.51 -6.12
CA THR A 410 18.70 2.19 -4.82
C THR A 410 18.55 3.69 -4.99
N TRP A 411 17.41 4.24 -4.58
CA TRP A 411 17.15 5.66 -4.77
C TRP A 411 16.56 6.31 -3.51
N PRO A 412 16.82 7.61 -3.31
CA PRO A 412 16.33 8.30 -2.12
C PRO A 412 15.03 9.08 -2.35
N LEU A 413 13.99 8.74 -1.59
CA LEU A 413 12.73 9.48 -1.62
C LEU A 413 12.91 10.90 -1.13
N ASP A 414 12.20 11.84 -1.75
CA ASP A 414 12.19 13.21 -1.28
C ASP A 414 11.32 13.34 -0.02
N SER A 415 11.68 14.25 0.86
CA SER A 415 10.92 14.47 2.09
C SER A 415 9.51 14.97 1.80
N ASN A 416 9.36 15.71 0.71
CA ASN A 416 8.07 16.27 0.32
C ASN A 416 7.23 15.33 -0.55
N ALA A 417 7.76 14.15 -0.83
CA ALA A 417 7.08 13.21 -1.72
C ALA A 417 5.72 12.80 -1.16
N ALA A 418 4.73 12.71 -2.05
CA ALA A 418 3.37 12.38 -1.65
C ALA A 418 3.26 10.95 -1.12
N THR A 419 2.50 10.79 -0.05
CA THR A 419 2.22 9.47 0.51
C THR A 419 1.25 8.69 -0.38
N GLY A 420 1.40 7.38 -0.45
CA GLY A 420 0.51 6.58 -1.26
C GLY A 420 1.11 5.28 -1.80
N MET A 421 0.38 4.64 -2.70
CA MET A 421 0.81 3.38 -3.29
C MET A 421 1.78 3.60 -4.45
N TRP A 422 3.04 3.83 -4.12
CA TRP A 422 4.10 3.95 -5.12
C TRP A 422 4.43 2.58 -5.71
N HIS A 423 4.92 2.56 -6.94
CA HIS A 423 5.42 1.32 -7.53
C HIS A 423 6.48 1.58 -8.59
N ILE A 424 7.40 0.63 -8.76
CA ILE A 424 8.49 0.75 -9.72
C ILE A 424 8.34 -0.26 -10.85
N ARG A 425 7.87 0.20 -12.00
CA ARG A 425 7.71 -0.68 -13.15
C ARG A 425 9.06 -0.99 -13.78
N ALA A 426 9.17 -2.17 -14.39
CA ALA A 426 10.40 -2.61 -15.01
C ALA A 426 10.18 -3.01 -16.46
N ASN A 427 11.15 -2.72 -17.31
CA ASN A 427 11.05 -3.06 -18.72
C ASN A 427 12.21 -3.93 -19.18
N THR A 428 11.90 -5.19 -19.48
CA THR A 428 12.89 -6.14 -19.97
C THR A 428 13.02 -6.07 -21.49
N GLY A 429 12.23 -5.20 -22.11
CA GLY A 429 12.21 -5.07 -23.56
C GLY A 429 11.09 -5.84 -24.23
N ASP A 430 10.35 -6.61 -23.44
CA ASP A 430 9.18 -7.31 -23.94
C ASP A 430 7.95 -6.40 -23.93
N ASN A 431 8.15 -5.18 -23.47
CA ASN A 431 7.10 -4.16 -23.34
C ASN A 431 5.97 -4.59 -22.41
N GLN A 432 6.29 -5.48 -21.47
CA GLN A 432 5.34 -5.84 -20.42
C GLN A 432 5.92 -5.41 -19.08
N TYR A 433 5.46 -4.26 -18.59
CA TYR A 433 5.99 -3.67 -17.36
C TYR A 433 5.77 -4.56 -16.15
N ARG A 434 6.79 -4.65 -15.30
CA ARG A 434 6.70 -5.43 -14.08
C ARG A 434 6.51 -4.54 -12.86
N MET A 435 5.25 -4.34 -12.49
CA MET A 435 4.90 -3.47 -11.37
C MET A 435 5.43 -4.02 -10.05
N TRP A 436 5.88 -3.12 -9.18
CA TRP A 436 6.37 -3.51 -7.86
C TRP A 436 5.86 -2.54 -6.80
N ASP A 437 4.67 -2.80 -6.30
CA ASP A 437 4.04 -1.92 -5.30
C ASP A 437 4.82 -1.89 -3.99
N PHE A 438 4.90 -0.71 -3.40
CA PHE A 438 5.51 -0.54 -2.08
C PHE A 438 4.93 0.67 -1.38
N HIS A 439 4.48 0.47 -0.14
CA HIS A 439 3.84 1.53 0.63
C HIS A 439 4.79 2.66 1.00
N VAL A 440 4.28 3.88 0.97
CA VAL A 440 5.03 5.06 1.40
C VAL A 440 4.14 5.96 2.25
N GLU A 441 4.36 5.94 3.56
CA GLU A 441 3.56 6.71 4.51
C GLU A 441 4.42 7.25 5.65
N ASP A 442 4.17 8.49 6.05
CA ASP A 442 4.86 9.10 7.19
C ASP A 442 4.11 8.86 8.50
N PHE A 443 4.83 8.88 9.62
CA PHE A 443 4.23 8.66 10.93
C PHE A 443 4.44 9.86 11.87
N MET A 444 3.42 10.17 12.66
CA MET A 444 3.50 11.22 13.67
C MET A 444 4.28 10.77 14.91
N PRO A 445 5.17 11.64 15.41
CA PRO A 445 5.92 11.37 16.64
C PRO A 445 5.02 11.25 17.87
N GLU A 446 5.38 10.37 18.81
CA GLU A 446 4.65 10.24 20.06
C GLU A 446 4.95 11.40 21.00
N ARG A 447 3.99 11.75 21.85
CA ARG A 447 4.17 12.83 22.79
C ARG A 447 3.75 12.45 24.21
N MET A 448 3.51 11.17 24.44
CA MET A 448 3.17 10.67 25.77
C MET A 448 3.80 9.32 26.06
N ALA A 449 4.49 9.23 27.20
CA ALA A 449 5.03 7.96 27.67
C ALA A 449 3.94 7.06 28.23
N LEU A 450 4.11 5.75 28.06
CA LEU A 450 3.15 4.77 28.54
C LEU A 450 3.87 3.49 28.98
N ASN A 451 3.35 2.85 30.02
CA ASN A 451 3.92 1.61 30.53
C ASN A 451 2.83 0.62 30.94
N LEU A 452 3.03 -0.63 30.59
CA LEU A 452 2.03 -1.68 30.87
C LEU A 452 2.68 -2.86 31.57
N THR A 453 3.14 -2.65 32.80
CA THR A 453 3.86 -3.68 33.54
C THR A 453 2.98 -4.87 33.89
N GLY A 454 3.53 -6.07 33.74
CA GLY A 454 2.84 -7.29 34.12
C GLY A 454 3.56 -8.03 35.24
N GLU A 455 3.42 -9.36 35.27
CA GLU A 455 4.14 -10.17 36.24
C GLU A 455 5.23 -11.00 35.56
N LYS A 456 6.39 -11.06 36.20
CA LYS A 456 7.52 -11.85 35.68
C LYS A 456 7.24 -13.34 35.73
N THR A 457 6.78 -13.81 36.89
CA THR A 457 6.42 -15.22 37.06
C THR A 457 5.10 -15.52 36.39
N PRO A 458 5.03 -16.64 35.64
CA PRO A 458 3.79 -17.02 34.97
C PRO A 458 2.65 -17.27 35.96
N LEU A 459 1.43 -16.88 35.58
CA LEU A 459 0.26 -17.07 36.42
C LEU A 459 -0.27 -18.51 36.37
N THR A 460 -0.89 -18.93 37.46
CA THR A 460 -1.64 -20.19 37.47
C THR A 460 -2.93 -19.98 36.66
N PRO A 461 -3.49 -21.06 36.10
CA PRO A 461 -4.73 -20.90 35.32
C PRO A 461 -5.86 -20.30 36.14
N LYS A 462 -5.90 -20.60 37.43
CA LYS A 462 -6.91 -20.03 38.32
C LYS A 462 -6.71 -18.53 38.56
N ASP A 463 -5.48 -18.06 38.45
CA ASP A 463 -5.17 -16.65 38.72
C ASP A 463 -5.81 -15.70 37.72
N GLU A 464 -6.36 -14.60 38.23
CA GLU A 464 -6.91 -13.54 37.39
C GLU A 464 -5.80 -12.82 36.64
N VAL A 465 -6.03 -12.53 35.35
CA VAL A 465 -5.08 -11.74 34.57
C VAL A 465 -5.10 -10.29 35.03
N LYS A 466 -3.94 -9.65 35.09
CA LYS A 466 -3.83 -8.26 35.55
C LYS A 466 -2.67 -7.52 34.89
N PHE A 467 -2.82 -6.20 34.77
CA PHE A 467 -1.79 -5.35 34.20
C PHE A 467 -1.82 -3.97 34.86
N SER A 468 -0.64 -3.42 35.13
CA SER A 468 -0.55 -2.06 35.67
C SER A 468 -0.20 -1.07 34.55
N VAL A 469 -1.02 -0.04 34.44
CA VAL A 469 -0.84 0.99 33.41
C VAL A 469 -0.37 2.31 34.01
N VAL A 470 0.66 2.91 33.42
CA VAL A 470 1.13 4.22 33.84
C VAL A 470 1.49 5.08 32.64
N GLY A 471 0.69 6.13 32.41
CA GLY A 471 0.95 7.03 31.30
C GLY A 471 1.18 8.45 31.78
N TYR A 472 2.09 9.17 31.11
CA TYR A 472 2.37 10.55 31.48
C TYR A 472 2.98 11.35 30.33
N TYR A 473 2.72 12.65 30.33
CA TYR A 473 3.28 13.54 29.32
C TYR A 473 4.79 13.67 29.47
N LEU A 474 5.49 13.76 28.34
CA LEU A 474 6.93 13.85 28.33
C LEU A 474 7.46 15.17 28.88
N TYR A 475 6.63 16.22 28.86
CA TYR A 475 7.07 17.52 29.34
C TYR A 475 7.03 17.60 30.87
N GLY A 476 6.45 16.59 31.50
CA GLY A 476 6.50 16.49 32.95
C GLY A 476 5.17 16.56 33.67
N ALA A 477 4.12 16.02 33.07
CA ALA A 477 2.83 15.95 33.74
C ALA A 477 2.20 14.56 33.62
N PRO A 478 1.44 14.16 34.65
CA PRO A 478 0.66 12.92 34.63
C PRO A 478 -0.45 12.98 33.58
N ALA A 479 -0.78 11.84 32.98
CA ALA A 479 -1.87 11.78 32.01
C ALA A 479 -3.20 11.68 32.74
N ASN A 480 -3.59 12.77 33.41
CA ASN A 480 -4.82 12.80 34.17
C ASN A 480 -6.05 12.88 33.28
N GLY A 481 -6.93 11.89 33.40
CA GLY A 481 -8.20 11.87 32.69
C GLY A 481 -8.08 11.35 31.27
N ASN A 482 -6.86 11.00 30.87
CA ASN A 482 -6.63 10.50 29.51
C ASN A 482 -7.29 9.15 29.28
N THR A 483 -7.92 9.00 28.11
CA THR A 483 -8.54 7.75 27.72
C THR A 483 -7.50 6.67 27.39
N LEU A 484 -7.78 5.44 27.80
CA LEU A 484 -6.94 4.29 27.50
C LEU A 484 -7.78 3.20 26.86
N GLN A 485 -7.62 3.02 25.55
CA GLN A 485 -8.34 1.98 24.83
C GLN A 485 -7.40 0.88 24.38
N GLY A 486 -7.80 -0.38 24.58
CA GLY A 486 -6.94 -1.49 24.21
C GLY A 486 -7.69 -2.78 23.95
N GLN A 487 -6.95 -3.84 23.62
CA GLN A 487 -7.57 -5.13 23.36
C GLN A 487 -6.81 -6.26 24.07
N LEU A 488 -7.55 -7.24 24.56
CA LEU A 488 -6.94 -8.39 25.23
C LEU A 488 -7.08 -9.65 24.39
N PHE A 489 -5.94 -10.24 24.03
CA PHE A 489 -5.94 -11.46 23.22
C PHE A 489 -5.37 -12.64 23.99
N LEU A 490 -5.94 -13.81 23.78
CA LEU A 490 -5.40 -15.03 24.37
C LEU A 490 -4.72 -15.87 23.29
N ARG A 491 -3.44 -16.16 23.50
CA ARG A 491 -2.67 -16.94 22.53
C ARG A 491 -1.91 -18.07 23.21
N PRO A 492 -1.68 -19.17 22.47
CA PRO A 492 -0.87 -20.28 23.00
C PRO A 492 0.57 -19.85 23.27
N LEU A 493 1.17 -20.40 24.32
CA LEU A 493 2.55 -20.08 24.67
C LEU A 493 3.47 -21.26 24.34
N ARG A 494 3.57 -21.59 23.06
CA ARG A 494 4.38 -22.72 22.62
C ARG A 494 5.87 -22.52 22.89
N GLU A 495 6.30 -21.27 22.89
CA GLU A 495 7.71 -20.96 23.13
C GLU A 495 7.89 -20.35 24.51
N ALA A 496 7.34 -21.01 25.52
CA ALA A 496 7.36 -20.51 26.89
C ALA A 496 8.77 -20.45 27.47
N VAL A 497 9.65 -21.34 27.01
CA VAL A 497 11.01 -21.38 27.52
C VAL A 497 12.01 -20.86 26.49
N SER A 498 12.48 -19.63 26.70
CA SER A 498 13.48 -19.03 25.83
C SER A 498 14.84 -19.71 25.95
N ALA A 499 15.07 -20.37 27.09
CA ALA A 499 16.33 -21.03 27.37
C ALA A 499 16.54 -22.25 26.48
N LEU A 500 15.46 -22.75 25.90
CA LEU A 500 15.53 -23.92 25.04
C LEU A 500 14.83 -23.66 23.72
N PRO A 501 15.50 -22.90 22.82
CA PRO A 501 14.90 -22.51 21.53
C PRO A 501 14.53 -23.71 20.66
N GLY A 502 13.42 -23.59 19.95
CA GLY A 502 12.97 -24.61 19.03
C GLY A 502 12.02 -25.60 19.69
N PHE A 503 12.08 -25.66 21.02
CA PHE A 503 11.18 -26.52 21.77
C PHE A 503 9.78 -25.93 21.79
N GLU A 504 8.77 -26.80 21.77
CA GLU A 504 7.38 -26.34 21.78
C GLU A 504 6.67 -26.84 23.04
N PHE A 505 5.72 -26.04 23.52
CA PHE A 505 5.00 -26.36 24.75
C PHE A 505 3.50 -26.21 24.54
N GLY A 506 2.73 -27.06 25.19
CA GLY A 506 1.28 -27.00 25.11
C GLY A 506 0.68 -27.86 24.03
N ASP A 507 -0.61 -28.17 24.17
CA ASP A 507 -1.28 -29.05 23.23
C ASP A 507 -1.75 -28.29 21.99
N ILE A 508 -1.18 -28.64 20.84
CA ILE A 508 -1.59 -28.04 19.57
C ILE A 508 -3.00 -28.49 19.19
N ALA A 509 -3.40 -29.65 19.70
CA ALA A 509 -4.73 -30.20 19.40
C ALA A 509 -5.82 -29.51 20.21
N ALA A 510 -5.41 -28.78 21.24
CA ALA A 510 -6.37 -28.09 22.11
C ALA A 510 -7.13 -27.02 21.34
N GLU A 511 -8.43 -26.93 21.59
CA GLU A 511 -9.29 -25.97 20.91
C GLU A 511 -9.50 -24.71 21.72
N ASN A 512 -9.92 -23.64 21.05
CA ASN A 512 -10.20 -22.35 21.68
C ASN A 512 -9.01 -21.77 22.44
N LEU A 513 -7.80 -22.03 21.95
CA LEU A 513 -6.60 -21.46 22.55
C LEU A 513 -6.36 -20.04 22.05
N SER A 514 -7.12 -19.62 21.04
CA SER A 514 -6.94 -18.32 20.44
C SER A 514 -8.27 -17.61 20.22
N ARG A 515 -8.58 -16.65 21.09
CA ARG A 515 -9.81 -15.87 20.96
C ARG A 515 -9.69 -14.52 21.67
N THR A 516 -10.42 -13.54 21.16
CA THR A 516 -10.45 -12.21 21.77
C THR A 516 -11.13 -12.27 23.13
N LEU A 517 -10.61 -11.51 24.10
CA LEU A 517 -11.20 -11.46 25.42
C LEU A 517 -12.22 -10.33 25.54
N ASP A 518 -11.74 -9.12 25.76
CA ASP A 518 -12.61 -7.96 25.90
C ASP A 518 -11.93 -6.68 25.41
N GLU A 519 -12.74 -5.69 25.05
CA GLU A 519 -12.23 -4.40 24.60
C GLU A 519 -12.00 -3.46 25.77
N VAL A 520 -10.76 -3.36 26.22
CA VAL A 520 -10.39 -2.49 27.32
C VAL A 520 -10.65 -1.03 26.97
N GLN A 521 -11.18 -0.28 27.93
CA GLN A 521 -11.42 1.15 27.77
C GLN A 521 -11.65 1.80 29.13
N LEU A 522 -10.65 2.53 29.62
CA LEU A 522 -10.73 3.10 30.96
C LEU A 522 -10.06 4.46 31.06
N THR A 523 -10.41 5.21 32.10
CA THR A 523 -9.84 6.53 32.33
C THR A 523 -8.79 6.50 33.45
N LEU A 524 -7.63 7.09 33.19
CA LEU A 524 -6.57 7.19 34.17
C LEU A 524 -6.93 8.18 35.29
N ASP A 525 -6.43 7.92 36.49
CA ASP A 525 -6.67 8.80 37.63
C ASP A 525 -5.80 10.05 37.56
N ASP A 526 -5.84 10.85 38.61
CA ASP A 526 -5.04 12.07 38.68
C ASP A 526 -3.55 11.76 38.65
N LYS A 527 -3.18 10.60 39.19
CA LYS A 527 -1.80 10.15 39.15
C LYS A 527 -1.43 9.58 37.79
N GLY A 528 -2.46 9.33 36.97
CA GLY A 528 -2.27 8.77 35.64
C GLY A 528 -2.17 7.26 35.65
N ARG A 529 -2.26 6.68 36.85
CA ARG A 529 -2.22 5.23 37.01
C ARG A 529 -3.55 4.57 36.66
N GLY A 530 -3.49 3.31 36.24
CA GLY A 530 -4.68 2.53 35.95
C GLY A 530 -4.41 1.05 36.06
N GLU A 531 -5.48 0.25 36.02
CA GLU A 531 -5.35 -1.20 36.13
C GLU A 531 -6.22 -1.91 35.10
N VAL A 532 -5.73 -3.01 34.55
CA VAL A 532 -6.49 -3.79 33.59
C VAL A 532 -6.54 -5.26 34.01
N SER A 533 -7.69 -5.70 34.49
CA SER A 533 -7.82 -7.07 35.01
C SER A 533 -8.98 -7.82 34.37
N THR A 534 -8.79 -9.12 34.17
CA THR A 534 -9.85 -9.98 33.64
C THR A 534 -9.83 -11.37 34.29
N GLU A 535 -11.03 -11.87 34.59
CA GLU A 535 -11.19 -13.18 35.20
C GLU A 535 -10.73 -14.30 34.27
N SER A 536 -10.12 -15.32 34.86
CA SER A 536 -9.64 -16.47 34.10
C SER A 536 -10.80 -17.23 33.46
N GLN A 537 -10.60 -17.66 32.22
CA GLN A 537 -11.61 -18.42 31.49
C GLN A 537 -11.02 -19.74 31.01
N TRP A 538 -9.88 -20.11 31.56
CA TRP A 538 -9.16 -21.31 31.17
C TRP A 538 -8.56 -22.01 32.39
N LYS A 539 -9.39 -22.20 33.42
CA LYS A 539 -8.93 -22.83 34.65
C LYS A 539 -8.54 -24.28 34.43
N GLU A 540 -9.17 -24.93 33.46
CA GLU A 540 -8.96 -26.34 33.19
C GLU A 540 -7.87 -26.60 32.14
N THR A 541 -7.17 -25.55 31.72
CA THR A 541 -6.17 -25.69 30.66
C THR A 541 -5.03 -26.61 31.08
N HIS A 542 -4.56 -27.42 30.14
CA HIS A 542 -3.44 -28.30 30.37
C HIS A 542 -2.19 -27.79 29.65
N SER A 543 -2.30 -26.59 29.09
CA SER A 543 -1.24 -26.02 28.28
C SER A 543 -0.90 -24.59 28.69
N PRO A 544 0.36 -24.18 28.48
CA PRO A 544 0.77 -22.80 28.72
C PRO A 544 0.04 -21.81 27.82
N LEU A 545 -0.25 -20.63 28.33
CA LEU A 545 -1.00 -19.62 27.59
C LEU A 545 -0.46 -18.23 27.91
N GLN A 546 -0.84 -17.25 27.08
CA GLN A 546 -0.44 -15.87 27.31
C GLN A 546 -1.55 -14.91 26.94
N VAL A 547 -1.68 -13.83 27.71
CA VAL A 547 -2.69 -12.82 27.47
C VAL A 547 -2.05 -11.50 27.04
N ILE A 548 -1.94 -11.32 25.72
CA ILE A 548 -1.43 -10.07 25.16
C ILE A 548 -2.39 -8.93 25.44
N PHE A 549 -1.84 -7.77 25.79
CA PHE A 549 -2.65 -6.58 26.03
C PHE A 549 -2.20 -5.44 25.13
N GLN A 550 -2.84 -5.32 23.97
CA GLN A 550 -2.55 -4.24 23.03
C GLN A 550 -3.30 -2.98 23.45
N GLY A 551 -2.75 -2.28 24.44
CA GLY A 551 -3.33 -1.03 24.91
C GLY A 551 -2.92 0.14 24.06
N SER A 552 -3.53 1.30 24.32
CA SER A 552 -3.26 2.52 23.59
C SER A 552 -3.71 3.73 24.41
N LEU A 553 -2.75 4.61 24.69
CA LEU A 553 -3.02 5.81 25.47
C LEU A 553 -3.40 6.99 24.58
N LEU A 554 -4.71 7.23 24.45
CA LEU A 554 -5.20 8.28 23.57
C LEU A 554 -4.88 9.68 24.08
N GLU A 555 -4.57 10.58 23.15
CA GLU A 555 -4.37 11.99 23.45
C GLU A 555 -5.71 12.73 23.44
N SER A 556 -5.68 13.99 23.87
CA SER A 556 -6.88 14.84 23.80
C SER A 556 -7.27 15.05 22.33
N GLY A 557 -6.28 14.98 21.44
CA GLY A 557 -6.52 15.04 20.01
C GLY A 557 -6.93 13.70 19.46
N GLY A 558 -6.88 12.68 20.30
CA GLY A 558 -7.28 11.33 19.92
C GLY A 558 -6.18 10.46 19.34
N ARG A 559 -4.99 11.01 19.18
CA ARG A 559 -3.85 10.22 18.73
C ARG A 559 -3.39 9.31 19.87
N PRO A 560 -3.32 8.00 19.62
CA PRO A 560 -3.02 7.03 20.68
C PRO A 560 -1.57 6.53 20.70
N VAL A 561 -1.05 6.32 21.91
CA VAL A 561 0.24 5.67 22.08
C VAL A 561 0.04 4.18 22.32
N THR A 562 0.15 3.39 21.25
CA THR A 562 -0.03 1.95 21.33
C THR A 562 1.13 1.26 22.05
N ARG A 563 0.81 0.25 22.86
CA ARG A 563 1.82 -0.56 23.55
C ARG A 563 1.28 -1.97 23.79
N ARG A 564 2.19 -2.94 23.86
CA ARG A 564 1.80 -4.33 24.10
C ARG A 564 2.40 -4.87 25.39
N ALA A 565 1.72 -5.84 26.00
CA ALA A 565 2.17 -6.42 27.25
C ALA A 565 1.74 -7.88 27.41
N GLU A 566 2.66 -8.80 27.14
CA GLU A 566 2.38 -10.23 27.27
C GLU A 566 2.38 -10.67 28.73
N GLN A 567 1.63 -11.72 29.03
CA GLN A 567 1.57 -12.28 30.38
C GLN A 567 1.52 -13.80 30.34
N ALA A 568 2.63 -14.44 30.70
CA ALA A 568 2.72 -15.90 30.68
C ALA A 568 1.78 -16.54 31.70
N ILE A 569 1.21 -17.69 31.33
CA ILE A 569 0.31 -18.43 32.21
C ILE A 569 0.63 -19.92 32.17
N TRP A 570 1.40 -20.38 33.14
CA TRP A 570 1.79 -21.79 33.22
C TRP A 570 0.84 -22.60 34.11
N PRO A 571 0.25 -23.66 33.54
CA PRO A 571 -0.62 -24.59 34.28
C PRO A 571 0.10 -25.26 35.45
N ALA A 572 1.40 -25.47 35.32
CA ALA A 572 2.19 -26.13 36.35
C ALA A 572 3.59 -25.55 36.44
N ASP A 573 4.30 -25.87 37.52
CA ASP A 573 5.64 -25.35 37.76
C ASP A 573 6.63 -25.80 36.68
N ALA A 574 6.35 -26.95 36.07
CA ALA A 574 7.18 -27.45 34.99
C ALA A 574 6.31 -28.16 33.95
N LEU A 575 6.66 -27.99 32.67
CA LEU A 575 5.85 -28.52 31.58
C LEU A 575 6.69 -29.29 30.57
N PRO A 576 6.10 -30.31 29.93
CA PRO A 576 6.74 -31.05 28.83
C PRO A 576 7.02 -30.16 27.61
N GLY A 577 8.12 -30.40 26.93
CA GLY A 577 8.49 -29.62 25.77
C GLY A 577 9.02 -30.48 24.64
N ILE A 578 8.57 -30.20 23.43
CA ILE A 578 8.91 -31.00 22.26
C ILE A 578 9.65 -30.17 21.20
N ARG A 579 10.65 -30.78 20.55
CA ARG A 579 11.36 -30.13 19.47
C ARG A 579 11.45 -31.07 18.26
N PRO A 580 11.37 -30.51 17.04
CA PRO A 580 11.52 -31.30 15.81
C PRO A 580 12.91 -31.17 15.19
N GLN A 581 13.72 -32.21 15.33
CA GLN A 581 15.09 -32.18 14.81
C GLN A 581 15.13 -32.10 13.28
N PHE A 582 14.12 -32.66 12.63
CA PHE A 582 14.05 -32.62 11.16
C PHE A 582 13.84 -31.19 10.65
N ALA A 583 14.51 -30.86 9.56
CA ALA A 583 14.44 -29.51 8.98
C ALA A 583 13.05 -29.20 8.43
N SER A 584 12.62 -27.95 8.59
CA SER A 584 11.35 -27.49 8.07
C SER A 584 11.51 -26.84 6.69
N LYS A 585 11.21 -27.60 5.64
CA LYS A 585 11.28 -27.09 4.28
C LYS A 585 10.19 -26.05 4.01
N SER A 586 10.50 -25.08 3.16
CA SER A 586 9.58 -23.98 2.88
C SER A 586 8.57 -24.31 1.77
N VAL A 587 7.56 -25.10 2.10
CA VAL A 587 6.49 -25.40 1.16
C VAL A 587 5.65 -24.15 0.88
N TYR A 588 5.34 -23.92 -0.39
CA TYR A 588 4.48 -22.80 -0.78
C TYR A 588 3.00 -23.11 -0.51
N ASP A 589 2.22 -22.06 -0.26
CA ASP A 589 0.78 -22.18 -0.10
C ASP A 589 0.06 -21.00 -0.72
N TYR A 590 -0.83 -21.27 -1.67
CA TYR A 590 -1.59 -20.23 -2.34
C TYR A 590 -2.67 -19.63 -1.44
N ARG A 591 -2.99 -20.35 -0.36
CA ARG A 591 -4.05 -19.92 0.55
C ARG A 591 -3.73 -18.58 1.23
N THR A 592 -2.44 -18.35 1.48
CA THR A 592 -2.01 -17.09 2.07
C THR A 592 -1.13 -16.30 1.10
N ASP A 593 -0.89 -16.88 -0.07
CA ASP A 593 -0.01 -16.31 -1.08
C ASP A 593 1.36 -15.98 -0.48
N SER A 594 1.86 -16.90 0.35
CA SER A 594 3.10 -16.66 1.07
C SER A 594 3.81 -17.97 1.42
N THR A 595 4.99 -18.17 0.84
CA THR A 595 5.79 -19.34 1.15
C THR A 595 6.20 -19.33 2.61
N VAL A 596 6.16 -20.49 3.26
CA VAL A 596 6.50 -20.59 4.67
C VAL A 596 7.01 -21.98 5.01
N LYS A 597 8.02 -22.06 5.87
CA LYS A 597 8.57 -23.35 6.29
C LYS A 597 7.68 -24.03 7.33
N GLN A 598 7.45 -25.32 7.13
CA GLN A 598 6.71 -26.13 8.08
C GLN A 598 7.44 -27.46 8.29
N PRO A 599 7.31 -28.06 9.49
CA PRO A 599 7.95 -29.35 9.71
C PRO A 599 7.40 -30.44 8.80
N ILE A 600 8.28 -31.33 8.35
CA ILE A 600 7.91 -32.44 7.46
C ILE A 600 8.94 -33.55 7.54
N VAL A 601 8.56 -34.74 7.07
CA VAL A 601 9.48 -35.87 7.02
C VAL A 601 9.05 -36.82 5.90
N ASP A 602 10.02 -37.53 5.33
CA ASP A 602 9.73 -38.47 4.24
C ASP A 602 8.86 -39.62 4.73
N GLU A 603 7.93 -40.06 3.89
CA GLU A 603 7.04 -41.15 4.25
C GLU A 603 7.80 -42.45 4.46
N GLY A 604 7.40 -43.21 5.47
CA GLY A 604 8.03 -44.49 5.76
C GLY A 604 9.30 -44.35 6.59
N SER A 605 9.65 -43.11 6.93
CA SER A 605 10.86 -42.84 7.71
C SER A 605 10.54 -42.49 9.16
N ASN A 606 11.45 -42.83 10.06
CA ASN A 606 11.29 -42.53 11.47
C ASN A 606 11.36 -41.03 11.76
N ALA A 607 10.57 -40.59 12.73
CA ALA A 607 10.58 -39.18 13.13
C ALA A 607 11.15 -38.99 14.53
N ALA A 608 12.33 -38.38 14.59
CA ALA A 608 12.95 -38.03 15.86
C ALA A 608 12.30 -36.80 16.49
N PHE A 609 12.32 -36.74 17.82
CA PHE A 609 11.82 -35.60 18.58
C PHE A 609 12.58 -35.44 19.89
N ASP A 610 12.85 -34.19 20.26
CA ASP A 610 13.49 -33.92 21.55
C ASP A 610 12.44 -33.61 22.61
N ILE A 611 12.63 -34.15 23.81
CA ILE A 611 11.68 -33.94 24.89
C ILE A 611 12.37 -33.44 26.14
N VAL A 612 11.76 -32.46 26.82
CA VAL A 612 12.32 -31.91 28.05
C VAL A 612 11.23 -31.63 29.09
N TYR A 613 11.63 -31.52 30.35
CA TYR A 613 10.69 -31.17 31.42
C TYR A 613 11.17 -29.92 32.15
N SER A 614 11.58 -28.93 31.37
CA SER A 614 12.12 -27.68 31.90
C SER A 614 11.04 -26.78 32.52
N ASP A 615 11.45 -25.95 33.47
CA ASP A 615 10.58 -24.95 34.06
C ASP A 615 10.77 -23.61 33.35
N ALA A 616 10.21 -22.54 33.93
CA ALA A 616 10.31 -21.21 33.33
C ALA A 616 11.75 -20.70 33.32
N GLN A 617 12.54 -21.11 34.29
CA GLN A 617 13.94 -20.70 34.39
C GLN A 617 14.80 -21.34 33.30
N GLY A 618 14.31 -22.45 32.75
CA GLY A 618 15.00 -23.17 31.70
C GLY A 618 15.77 -24.39 32.18
N VAL A 619 15.97 -24.50 33.48
CA VAL A 619 16.59 -25.70 34.04
C VAL A 619 15.63 -26.89 33.95
N LYS A 620 16.16 -28.06 33.63
CA LYS A 620 15.33 -29.25 33.45
C LYS A 620 15.12 -30.00 34.75
N LYS A 621 13.87 -30.35 35.05
CA LYS A 621 13.52 -31.10 36.24
C LYS A 621 13.33 -32.59 35.95
N ALA A 622 13.68 -33.42 36.93
CA ALA A 622 13.46 -34.86 36.82
C ALA A 622 11.98 -35.18 36.83
N VAL A 623 11.58 -36.19 36.04
CA VAL A 623 10.18 -36.59 35.95
C VAL A 623 10.09 -38.01 35.42
N SER A 624 8.94 -38.65 35.62
CA SER A 624 8.76 -40.03 35.18
C SER A 624 7.31 -40.31 34.80
N GLY A 625 7.11 -41.34 33.99
CA GLY A 625 5.78 -41.73 33.55
C GLY A 625 5.18 -40.84 32.48
N LEU A 626 6.03 -40.14 31.72
CA LEU A 626 5.53 -39.27 30.67
C LEU A 626 4.78 -40.07 29.60
N GLN A 627 3.63 -39.56 29.19
CA GLN A 627 2.81 -40.26 28.20
C GLN A 627 3.07 -39.75 26.78
N VAL A 628 4.05 -40.35 26.10
CA VAL A 628 4.39 -39.93 24.74
C VAL A 628 3.63 -40.74 23.69
N ARG A 629 2.51 -40.20 23.23
CA ARG A 629 1.68 -40.85 22.22
C ARG A 629 1.84 -40.22 20.84
N LEU A 630 1.78 -41.05 19.80
CA LEU A 630 1.87 -40.58 18.42
C LEU A 630 0.53 -40.66 17.71
N ILE A 631 -0.29 -39.63 17.85
CA ILE A 631 -1.60 -39.60 17.19
C ILE A 631 -1.47 -39.42 15.68
N ARG A 632 -2.33 -40.12 14.93
CA ARG A 632 -2.32 -40.03 13.47
C ARG A 632 -3.57 -39.31 12.97
N GLU A 633 -3.41 -38.06 12.53
CA GLU A 633 -4.54 -37.27 12.08
C GLU A 633 -5.06 -37.74 10.73
N ARG A 634 -6.37 -37.57 10.51
CA ARG A 634 -7.01 -38.00 9.27
C ARG A 634 -8.15 -37.05 8.90
N ARG A 635 -8.46 -36.99 7.61
CA ARG A 635 -9.48 -36.08 7.10
C ARG A 635 -10.26 -36.70 5.95
N ASP A 636 -11.55 -36.41 5.86
CA ASP A 636 -12.41 -36.93 4.80
C ASP A 636 -13.27 -35.84 4.18
N TYR A 637 -12.90 -35.41 2.99
CA TYR A 637 -13.64 -34.38 2.25
C TYR A 637 -15.03 -34.84 1.82
N TYR A 638 -15.98 -33.92 1.84
CA TYR A 638 -17.31 -34.18 1.29
C TYR A 638 -17.97 -32.86 0.86
N TRP A 639 -18.53 -32.85 -0.34
CA TRP A 639 -19.20 -31.66 -0.85
C TRP A 639 -20.56 -31.47 -0.18
N ASN A 640 -21.01 -30.23 -0.06
CA ASN A 640 -22.27 -29.93 0.59
C ASN A 640 -22.93 -28.67 0.04
N TRP A 641 -24.12 -28.83 -0.55
CA TRP A 641 -24.87 -27.71 -1.09
C TRP A 641 -25.47 -26.85 0.01
N SER A 642 -25.68 -25.58 -0.28
CA SER A 642 -26.28 -24.64 0.67
C SER A 642 -26.99 -23.52 -0.07
N GLU A 643 -27.86 -22.80 0.63
CA GLU A 643 -28.60 -21.70 0.02
C GLU A 643 -27.78 -20.40 0.05
N ASP A 644 -27.41 -19.97 1.24
CA ASP A 644 -26.67 -18.72 1.41
C ASP A 644 -25.18 -18.87 1.09
N GLU A 645 -24.73 -20.11 0.94
CA GLU A 645 -23.31 -20.37 0.71
C GLU A 645 -23.06 -21.09 -0.61
N GLY A 646 -24.07 -21.80 -1.11
CA GLY A 646 -23.90 -22.62 -2.30
C GLY A 646 -23.11 -23.87 -1.94
N TRP A 647 -22.60 -24.55 -2.97
CA TRP A 647 -21.79 -25.74 -2.74
C TRP A 647 -20.48 -25.37 -2.04
N GLN A 648 -20.05 -26.23 -1.11
CA GLN A 648 -18.84 -25.99 -0.34
C GLN A 648 -18.06 -27.27 -0.12
N SER A 649 -16.73 -27.15 -0.02
CA SER A 649 -15.86 -28.31 0.19
C SER A 649 -15.66 -28.61 1.68
N GLN A 650 -16.66 -29.23 2.29
CA GLN A 650 -16.60 -29.62 3.70
C GLN A 650 -15.71 -30.84 3.92
N PHE A 651 -15.17 -30.98 5.12
CA PHE A 651 -14.37 -32.15 5.48
C PHE A 651 -14.52 -32.52 6.95
N ASP A 652 -14.51 -33.82 7.24
CA ASP A 652 -14.54 -34.30 8.62
C ASP A 652 -13.17 -34.79 9.08
N GLN A 653 -12.73 -34.31 10.24
CA GLN A 653 -11.46 -34.73 10.81
C GLN A 653 -11.67 -35.81 11.88
N LYS A 654 -10.70 -36.71 11.99
CA LYS A 654 -10.74 -37.74 13.02
C LYS A 654 -9.34 -38.13 13.46
N ASP A 655 -9.15 -38.30 14.77
CA ASP A 655 -7.85 -38.67 15.31
C ASP A 655 -7.81 -40.13 15.72
N LEU A 656 -6.68 -40.78 15.46
CA LEU A 656 -6.52 -42.19 15.83
C LEU A 656 -5.13 -42.42 16.40
N ILE A 657 -5.06 -43.02 17.59
CA ILE A 657 -3.79 -43.34 18.22
C ILE A 657 -3.05 -44.39 17.38
N GLU A 658 -1.73 -44.24 17.27
CA GLU A 658 -0.92 -45.17 16.49
C GLU A 658 0.08 -45.92 17.36
N ASN A 659 0.71 -45.21 18.28
CA ASN A 659 1.68 -45.81 19.18
C ASN A 659 1.82 -45.02 20.48
N GLU A 660 2.34 -45.68 21.51
CA GLU A 660 2.43 -45.07 22.84
C GLU A 660 3.74 -45.45 23.53
N GLN A 661 4.26 -44.54 24.36
CA GLN A 661 5.50 -44.76 25.09
C GLN A 661 5.50 -44.06 26.45
N THR A 662 6.36 -44.54 27.34
CA THR A 662 6.46 -43.99 28.69
C THR A 662 7.87 -43.51 28.99
N LEU A 663 8.18 -42.27 28.57
CA LEU A 663 9.49 -41.68 28.80
C LEU A 663 9.71 -41.32 30.27
N ASP A 664 10.96 -41.42 30.71
CA ASP A 664 11.35 -41.09 32.08
C ASP A 664 12.58 -40.17 32.09
N LEU A 665 12.35 -38.87 31.95
CA LEU A 665 13.44 -37.89 31.92
C LEU A 665 14.17 -37.76 33.25
N LYS A 666 15.49 -37.57 33.17
CA LYS A 666 16.29 -37.27 34.35
C LYS A 666 16.60 -35.77 34.39
N ALA A 667 17.08 -35.30 35.54
CA ALA A 667 17.44 -33.89 35.68
C ALA A 667 18.59 -33.54 34.75
N ASP A 668 18.50 -32.35 34.15
CA ASP A 668 19.50 -31.87 33.20
C ASP A 668 19.74 -32.85 32.05
N GLU A 669 18.65 -33.37 31.49
CA GLU A 669 18.74 -34.33 30.38
C GLU A 669 17.70 -34.04 29.31
N THR A 670 18.08 -34.24 28.06
CA THR A 670 17.17 -34.06 26.93
C THR A 670 16.87 -35.40 26.27
N GLY A 671 15.61 -35.84 26.38
CA GLY A 671 15.20 -37.10 25.79
C GLY A 671 15.08 -37.01 24.28
N LYS A 672 15.15 -38.16 23.61
CA LYS A 672 15.08 -38.21 22.15
C LYS A 672 14.27 -39.40 21.66
N VAL A 673 12.97 -39.19 21.51
CA VAL A 673 12.07 -40.25 21.03
C VAL A 673 12.17 -40.38 19.51
N SER A 674 11.85 -41.56 18.98
CA SER A 674 11.86 -41.77 17.53
C SER A 674 10.67 -42.63 17.09
N PHE A 675 9.60 -41.97 16.64
CA PHE A 675 8.39 -42.67 16.21
C PHE A 675 8.30 -42.84 14.70
N PRO A 676 8.22 -44.10 14.23
CA PRO A 676 8.06 -44.38 12.80
C PRO A 676 6.77 -43.79 12.24
N VAL A 677 6.81 -43.33 10.99
CA VAL A 677 5.67 -42.61 10.41
C VAL A 677 5.26 -43.21 9.07
N GLU A 678 3.96 -43.27 8.83
CA GLU A 678 3.40 -43.77 7.57
C GLU A 678 3.26 -42.64 6.56
N TRP A 679 2.07 -42.04 6.53
CA TRP A 679 1.79 -40.92 5.64
C TRP A 679 0.65 -40.07 6.18
N GLY A 680 0.52 -38.84 5.66
CA GLY A 680 -0.54 -37.95 6.08
C GLY A 680 -0.23 -37.16 7.32
N ALA A 681 -1.21 -36.39 7.79
CA ALA A 681 -1.04 -35.55 8.96
C ALA A 681 -0.81 -36.35 10.25
N TYR A 682 0.09 -35.84 11.10
CA TYR A 682 0.43 -36.51 12.34
C TYR A 682 0.55 -35.51 13.49
N ARG A 683 0.47 -36.02 14.71
CA ARG A 683 0.64 -35.17 15.89
C ARG A 683 1.26 -35.94 17.04
N LEU A 684 2.46 -35.53 17.44
CA LEU A 684 3.13 -36.17 18.57
C LEU A 684 2.83 -35.43 19.86
N GLU A 685 2.19 -36.11 20.81
CA GLU A 685 1.86 -35.51 22.09
C GLU A 685 2.58 -36.20 23.24
N VAL A 686 2.73 -35.46 24.34
CA VAL A 686 3.32 -35.98 25.56
C VAL A 686 2.54 -35.41 26.74
N LYS A 687 2.26 -36.27 27.72
CA LYS A 687 1.47 -35.86 28.88
C LYS A 687 2.24 -36.05 30.18
N ALA A 688 2.47 -34.94 30.88
CA ALA A 688 3.11 -34.94 32.18
C ALA A 688 2.16 -35.49 33.26
N PRO A 689 2.73 -36.03 34.35
CA PRO A 689 1.92 -36.57 35.46
C PRO A 689 0.98 -35.53 36.08
N ASN A 690 1.38 -34.27 36.09
CA ASN A 690 0.55 -33.20 36.64
C ASN A 690 -0.49 -32.69 35.65
N GLU A 691 -1.00 -33.61 34.83
CA GLU A 691 -2.02 -33.33 33.82
C GLU A 691 -1.62 -32.27 32.79
N ALA A 692 -0.33 -31.94 32.72
CA ALA A 692 0.17 -31.07 31.68
C ALA A 692 0.19 -31.81 30.36
N VAL A 693 -0.09 -31.12 29.27
CA VAL A 693 -0.08 -31.73 27.95
C VAL A 693 0.67 -30.83 26.96
N SER A 694 1.46 -31.45 26.10
CA SER A 694 2.16 -30.70 25.06
C SER A 694 2.20 -31.51 23.77
N SER A 695 2.00 -30.87 22.62
CA SER A 695 1.96 -31.62 21.37
C SER A 695 2.41 -30.80 20.17
N VAL A 696 2.93 -31.50 19.16
CA VAL A 696 3.41 -30.87 17.94
C VAL A 696 2.89 -31.62 16.71
N ARG A 697 2.15 -30.90 15.86
CA ARG A 697 1.74 -31.43 14.58
C ARG A 697 2.91 -31.50 13.59
N PHE A 698 2.90 -32.51 12.75
CA PHE A 698 3.88 -32.61 11.66
C PHE A 698 3.31 -33.45 10.53
N TRP A 699 3.62 -33.05 9.30
CA TRP A 699 3.06 -33.71 8.12
C TRP A 699 4.07 -34.65 7.47
N ALA A 700 3.61 -35.85 7.11
CA ALA A 700 4.47 -36.87 6.52
C ALA A 700 4.62 -36.70 5.01
N GLY A 701 3.88 -35.75 4.45
CA GLY A 701 3.92 -35.53 3.00
C GLY A 701 4.08 -34.09 2.59
N TYR A 702 4.66 -33.87 1.42
CA TYR A 702 4.85 -32.53 0.88
C TYR A 702 3.53 -31.89 0.49
N SER A 703 2.51 -32.72 0.27
CA SER A 703 1.18 -32.24 -0.09
C SER A 703 0.47 -31.74 1.16
N TRP A 704 0.99 -30.67 1.75
CA TRP A 704 0.43 -30.09 2.95
C TRP A 704 -0.95 -29.51 2.71
N GLN A 705 -1.84 -29.67 3.70
CA GLN A 705 -3.19 -29.13 3.58
C GLN A 705 -3.37 -27.88 4.45
N ASP A 706 -4.01 -26.87 3.88
CA ASP A 706 -4.33 -25.65 4.61
C ASP A 706 -5.82 -25.61 4.95
N ASN A 707 -6.18 -24.77 5.92
CA ASN A 707 -7.59 -24.58 6.26
C ASN A 707 -8.37 -24.00 5.08
N SER A 708 -9.61 -24.45 4.92
CA SER A 708 -10.47 -24.03 3.83
C SER A 708 -9.81 -24.26 2.47
N ASP A 709 -9.14 -25.39 2.32
CA ASP A 709 -8.47 -25.74 1.08
C ASP A 709 -8.87 -27.15 0.62
N GLY A 710 -9.55 -27.22 -0.51
CA GLY A 710 -10.01 -28.50 -1.03
C GLY A 710 -8.92 -29.26 -1.75
N SER A 711 -8.07 -29.95 -0.99
CA SER A 711 -6.97 -30.72 -1.55
C SER A 711 -7.46 -31.88 -2.40
N GLY A 712 -8.65 -32.37 -2.09
CA GLY A 712 -9.23 -33.49 -2.84
C GLY A 712 -10.71 -33.65 -2.58
N ALA A 713 -11.52 -33.02 -3.43
CA ALA A 713 -12.98 -33.07 -3.29
C ALA A 713 -13.67 -32.94 -4.63
N VAL A 714 -14.93 -33.38 -4.69
CA VAL A 714 -15.70 -33.36 -5.92
C VAL A 714 -16.75 -32.26 -5.93
N ARG A 715 -16.56 -31.26 -6.78
CA ARG A 715 -17.54 -30.21 -6.98
C ARG A 715 -18.73 -30.75 -7.78
N PRO A 716 -19.92 -30.13 -7.61
CA PRO A 716 -21.09 -30.58 -8.36
C PRO A 716 -20.91 -30.39 -9.86
N ASP A 717 -21.47 -31.31 -10.64
CA ASP A 717 -21.33 -31.36 -12.10
C ASP A 717 -19.89 -31.10 -12.57
N ARG A 718 -19.75 -30.68 -13.82
CA ARG A 718 -18.44 -30.44 -14.42
C ARG A 718 -17.52 -31.66 -14.29
N VAL A 719 -16.22 -31.46 -14.45
CA VAL A 719 -15.29 -32.57 -14.32
C VAL A 719 -14.27 -32.32 -13.21
N THR A 720 -14.36 -33.12 -12.15
CA THR A 720 -13.42 -33.03 -11.04
C THR A 720 -12.13 -33.81 -11.34
N LEU A 721 -11.26 -33.20 -12.13
CA LEU A 721 -10.02 -33.85 -12.56
C LEU A 721 -9.11 -34.14 -11.37
N LYS A 722 -8.46 -35.29 -11.40
CA LYS A 722 -7.56 -35.70 -10.33
C LYS A 722 -6.24 -36.21 -10.90
N LEU A 723 -5.15 -35.93 -10.18
CA LEU A 723 -3.83 -36.40 -10.59
C LEU A 723 -3.31 -37.48 -9.66
N ASP A 724 -2.69 -38.51 -10.23
CA ASP A 724 -2.12 -39.61 -9.45
C ASP A 724 -0.94 -39.16 -8.59
N LYS A 725 -0.25 -38.10 -9.05
CA LYS A 725 0.91 -37.59 -8.34
C LYS A 725 0.80 -36.09 -8.08
N ALA A 726 1.39 -35.65 -6.97
CA ALA A 726 1.38 -34.24 -6.58
C ALA A 726 2.18 -33.38 -7.55
N SER A 727 3.15 -34.00 -8.22
CA SER A 727 4.02 -33.28 -9.15
C SER A 727 4.49 -34.20 -10.27
N TYR A 728 4.97 -33.62 -11.37
CA TYR A 728 5.36 -34.40 -12.53
C TYR A 728 6.62 -33.88 -13.19
N ARG A 729 7.27 -34.78 -13.93
CA ARG A 729 8.51 -34.49 -14.65
C ARG A 729 8.38 -34.98 -16.08
N PRO A 730 9.20 -34.46 -17.00
CA PRO A 730 9.08 -34.86 -18.41
C PRO A 730 9.24 -36.37 -18.62
N GLY A 731 10.04 -37.03 -17.81
CA GLY A 731 10.16 -38.48 -17.89
C GLY A 731 9.02 -39.22 -17.22
N ASP A 732 8.26 -38.50 -16.39
CA ASP A 732 7.09 -39.06 -15.71
C ASP A 732 5.88 -39.21 -16.63
N THR A 733 4.97 -40.10 -16.28
CA THR A 733 3.71 -40.24 -17.02
C THR A 733 2.49 -39.93 -16.15
N ILE A 734 1.74 -38.91 -16.55
CA ILE A 734 0.53 -38.49 -15.83
C ILE A 734 -0.63 -39.45 -16.09
N LYS A 735 -1.53 -39.57 -15.12
CA LYS A 735 -2.75 -40.35 -15.29
C LYS A 735 -3.97 -39.62 -14.75
N LEU A 736 -4.52 -38.72 -15.56
CA LEU A 736 -5.69 -37.94 -15.20
C LEU A 736 -6.93 -38.80 -15.01
N HIS A 737 -7.77 -38.44 -14.03
CA HIS A 737 -9.01 -39.17 -13.79
C HIS A 737 -10.24 -38.30 -14.05
N ILE A 738 -10.79 -38.41 -15.26
CA ILE A 738 -12.02 -37.72 -15.63
C ILE A 738 -13.20 -38.28 -14.84
N ALA A 739 -14.09 -37.40 -14.39
CA ALA A 739 -15.24 -37.83 -13.59
C ALA A 739 -16.46 -36.92 -13.78
N ALA A 740 -17.00 -36.90 -14.99
CA ALA A 740 -18.20 -36.12 -15.29
C ALA A 740 -19.44 -36.75 -14.63
N PRO A 741 -20.41 -35.91 -14.22
CA PRO A 741 -21.65 -36.41 -13.60
C PRO A 741 -22.42 -37.34 -14.52
N THR A 742 -22.34 -37.08 -15.83
CA THR A 742 -23.08 -37.85 -16.82
C THR A 742 -22.24 -38.08 -18.07
N ALA A 743 -22.65 -39.05 -18.88
CA ALA A 743 -21.94 -39.39 -20.11
C ALA A 743 -22.01 -38.25 -21.12
N GLY A 744 -20.93 -38.06 -21.87
CA GLY A 744 -20.88 -37.03 -22.89
C GLY A 744 -19.55 -36.92 -23.60
N LYS A 745 -19.61 -36.80 -24.92
CA LYS A 745 -18.42 -36.59 -25.73
C LYS A 745 -17.88 -35.18 -25.57
N GLY A 746 -16.57 -35.03 -25.77
CA GLY A 746 -15.92 -33.74 -25.70
C GLY A 746 -14.44 -33.83 -25.98
N TYR A 747 -13.62 -33.19 -25.16
CA TYR A 747 -12.17 -33.21 -25.37
C TYR A 747 -11.38 -32.89 -24.11
N ALA A 748 -10.09 -33.22 -24.14
CA ALA A 748 -9.19 -32.93 -23.02
C ALA A 748 -7.80 -32.58 -23.53
N MET A 749 -7.19 -31.55 -22.94
CA MET A 749 -5.86 -31.13 -23.39
C MET A 749 -5.12 -30.25 -22.39
N VAL A 750 -3.80 -30.22 -22.51
CA VAL A 750 -2.95 -29.36 -21.69
C VAL A 750 -2.68 -28.03 -22.39
N GLU A 751 -3.55 -27.05 -22.16
CA GLU A 751 -3.43 -25.73 -22.76
C GLU A 751 -2.26 -24.93 -22.18
N SER A 752 -1.72 -24.02 -22.98
CA SER A 752 -0.63 -23.16 -22.55
C SER A 752 -0.82 -21.74 -23.10
N SER A 753 -0.03 -20.81 -22.60
CA SER A 753 -0.17 -19.41 -22.99
C SER A 753 0.11 -19.19 -24.48
N GLU A 754 0.98 -20.01 -25.05
CA GLU A 754 1.27 -19.95 -26.48
C GLU A 754 0.37 -20.86 -27.29
N GLY A 755 -0.46 -21.65 -26.61
CA GLY A 755 -1.36 -22.58 -27.28
C GLY A 755 -1.35 -23.97 -26.68
N PRO A 756 -2.36 -24.78 -27.03
CA PRO A 756 -2.54 -26.13 -26.49
C PRO A 756 -1.40 -27.08 -26.83
N LEU A 757 -1.08 -27.98 -25.91
CA LEU A 757 -0.08 -29.02 -26.16
C LEU A 757 -0.76 -30.21 -26.82
N TRP A 758 -1.61 -30.90 -26.06
CA TRP A 758 -2.50 -31.88 -26.64
C TRP A 758 -3.50 -31.19 -27.55
N TRP A 759 -3.85 -31.84 -28.65
CA TRP A 759 -4.87 -31.31 -29.54
C TRP A 759 -6.19 -32.03 -29.30
N GLN A 760 -6.61 -32.84 -30.26
CA GLN A 760 -7.82 -33.63 -30.10
C GLN A 760 -7.64 -34.75 -29.08
N GLU A 761 -8.68 -35.02 -28.31
CA GLU A 761 -8.70 -36.15 -27.38
C GLU A 761 -10.12 -36.45 -26.94
N ILE A 762 -10.83 -37.24 -27.75
CA ILE A 762 -12.22 -37.57 -27.48
C ILE A 762 -12.36 -38.40 -26.20
N ASP A 763 -13.43 -38.15 -25.45
CA ASP A 763 -13.67 -38.86 -24.20
C ASP A 763 -15.15 -39.19 -24.02
N VAL A 764 -15.42 -40.40 -23.54
CA VAL A 764 -16.80 -40.84 -23.30
C VAL A 764 -16.92 -41.46 -21.91
N ARG A 765 -16.92 -40.60 -20.87
CA ARG A 765 -17.06 -41.07 -19.47
C ARG A 765 -18.43 -41.70 -19.21
N ALA A 766 -18.46 -42.69 -18.32
CA ALA A 766 -19.72 -43.28 -17.88
C ALA A 766 -19.98 -42.90 -16.42
N GLN A 767 -19.09 -43.35 -15.55
CA GLN A 767 -19.12 -42.95 -14.14
C GLN A 767 -17.68 -42.69 -13.67
N GLY A 768 -16.83 -42.31 -14.62
CA GLY A 768 -15.43 -42.06 -14.33
C GLY A 768 -14.52 -42.68 -15.37
N LEU A 769 -13.41 -42.01 -15.65
CA LEU A 769 -12.47 -42.49 -16.65
C LEU A 769 -11.05 -42.07 -16.28
N ASP A 770 -10.07 -42.92 -16.61
CA ASP A 770 -8.69 -42.68 -16.20
C ASP A 770 -7.73 -42.67 -17.40
N LEU A 771 -7.77 -41.58 -18.16
CA LEU A 771 -6.89 -41.42 -19.32
C LEU A 771 -5.44 -41.20 -18.90
N THR A 772 -4.51 -41.71 -19.72
CA THR A 772 -3.08 -41.53 -19.45
C THR A 772 -2.50 -40.37 -20.26
N ILE A 773 -1.76 -39.50 -19.57
CA ILE A 773 -1.13 -38.34 -20.21
C ILE A 773 0.39 -38.40 -20.13
N PRO A 774 1.07 -38.56 -21.27
CA PRO A 774 2.54 -38.56 -21.30
C PRO A 774 3.11 -37.16 -21.56
N VAL A 775 3.58 -36.50 -20.50
CA VAL A 775 4.15 -35.16 -20.64
C VAL A 775 5.43 -35.18 -21.48
N ASP A 776 5.54 -34.23 -22.41
CA ASP A 776 6.71 -34.13 -23.29
C ASP A 776 7.90 -33.48 -22.60
N LYS A 777 9.10 -33.82 -23.05
CA LYS A 777 10.32 -33.28 -22.50
C LYS A 777 10.55 -31.81 -22.84
N THR A 778 9.90 -31.33 -23.89
CA THR A 778 10.10 -29.97 -24.37
C THR A 778 9.30 -28.93 -23.57
N TRP A 779 8.45 -29.40 -22.67
CA TRP A 779 7.58 -28.51 -21.92
C TRP A 779 8.31 -27.86 -20.74
N ASN A 780 9.09 -26.84 -21.03
CA ASN A 780 9.80 -26.09 -20.00
C ASN A 780 9.00 -24.89 -19.52
N ARG A 781 7.75 -25.13 -19.12
CA ARG A 781 6.85 -24.05 -18.71
C ARG A 781 6.05 -24.45 -17.48
N HIS A 782 5.71 -23.46 -16.64
CA HIS A 782 4.88 -23.69 -15.48
C HIS A 782 3.45 -23.18 -15.67
N ASP A 783 3.19 -22.62 -16.85
CA ASP A 783 1.89 -22.04 -17.15
C ASP A 783 0.90 -23.05 -17.72
N LEU A 784 1.33 -24.30 -17.85
CA LEU A 784 0.50 -25.35 -18.41
C LEU A 784 -0.75 -25.61 -17.57
N TYR A 785 -1.87 -25.86 -18.24
CA TYR A 785 -3.15 -26.08 -17.55
C TYR A 785 -4.01 -27.13 -18.24
N LEU A 786 -4.31 -28.20 -17.52
CA LEU A 786 -5.23 -29.23 -17.99
C LEU A 786 -6.64 -28.68 -18.15
N SER A 787 -7.35 -29.13 -19.17
CA SER A 787 -8.72 -28.69 -19.42
C SER A 787 -9.53 -29.79 -20.08
N THR A 788 -10.82 -29.85 -19.74
CA THR A 788 -11.72 -30.87 -20.25
C THR A 788 -13.11 -30.29 -20.54
N LEU A 789 -13.79 -30.89 -21.51
CA LEU A 789 -15.17 -30.52 -21.83
C LEU A 789 -15.96 -31.75 -22.25
N VAL A 790 -17.24 -31.78 -21.88
CA VAL A 790 -18.15 -32.88 -22.26
C VAL A 790 -19.57 -32.35 -22.44
N VAL A 791 -20.37 -33.01 -23.28
CA VAL A 791 -21.76 -32.60 -23.47
C VAL A 791 -22.72 -33.80 -23.53
N ARG A 792 -23.80 -33.70 -22.77
CA ARG A 792 -24.81 -34.76 -22.70
C ARG A 792 -25.92 -34.58 -23.73
N PRO A 793 -26.09 -35.57 -24.62
CA PRO A 793 -27.15 -35.52 -25.64
C PRO A 793 -28.46 -36.18 -25.20
N GLY A 794 -28.89 -35.90 -23.97
CA GLY A 794 -30.13 -36.46 -23.46
C GLY A 794 -31.36 -35.96 -24.20
N ASP A 795 -32.11 -36.87 -24.78
CA ASP A 795 -33.33 -36.53 -25.50
C ASP A 795 -34.38 -35.95 -24.57
N LYS A 796 -34.39 -36.44 -23.33
CA LYS A 796 -35.29 -35.94 -22.30
C LYS A 796 -34.49 -35.53 -21.08
N SER A 797 -34.53 -34.24 -20.74
CA SER A 797 -33.71 -33.72 -19.65
C SER A 797 -34.31 -34.10 -18.31
N ARG A 798 -34.22 -35.38 -17.96
CA ARG A 798 -34.66 -35.86 -16.67
C ARG A 798 -33.75 -35.30 -15.56
N SER A 799 -34.37 -34.87 -14.46
CA SER A 799 -33.65 -34.30 -13.32
C SER A 799 -32.71 -33.15 -13.74
N ALA A 800 -33.17 -32.32 -14.67
CA ALA A 800 -32.39 -31.20 -15.20
C ALA A 800 -31.04 -31.64 -15.74
N THR A 801 -30.01 -31.52 -14.92
CA THR A 801 -28.62 -31.89 -15.26
C THR A 801 -28.04 -31.02 -16.36
N PRO A 802 -26.92 -30.35 -16.08
CA PRO A 802 -26.27 -29.50 -17.09
C PRO A 802 -25.80 -30.31 -18.29
N LYS A 803 -25.87 -29.72 -19.48
CA LYS A 803 -25.44 -30.40 -20.69
C LYS A 803 -23.93 -30.27 -20.85
N ARG A 804 -23.48 -29.03 -21.02
CA ARG A 804 -22.05 -28.75 -21.09
C ARG A 804 -21.40 -28.90 -19.72
N ALA A 805 -20.16 -29.38 -19.70
CA ALA A 805 -19.38 -29.45 -18.47
C ALA A 805 -17.90 -29.23 -18.78
N VAL A 806 -17.25 -28.43 -17.94
CA VAL A 806 -15.85 -28.05 -18.15
C VAL A 806 -15.03 -28.29 -16.90
N GLY A 807 -13.78 -28.74 -17.07
CA GLY A 807 -12.90 -29.00 -15.94
C GLY A 807 -11.47 -28.55 -16.16
N VAL A 808 -11.09 -27.46 -15.50
CA VAL A 808 -9.73 -26.94 -15.59
C VAL A 808 -8.94 -27.26 -14.32
N LEU A 809 -7.67 -27.61 -14.48
CA LEU A 809 -6.80 -27.87 -13.32
C LEU A 809 -5.34 -27.60 -13.64
N HIS A 810 -4.63 -26.96 -12.72
CA HIS A 810 -3.22 -26.66 -12.92
C HIS A 810 -2.37 -27.93 -12.94
N LEU A 811 -1.34 -27.94 -13.78
CA LEU A 811 -0.42 -29.06 -13.84
C LEU A 811 0.93 -28.70 -13.23
N PRO A 812 1.24 -29.31 -12.07
CA PRO A 812 2.53 -29.12 -11.39
C PRO A 812 3.69 -29.61 -12.25
N LEU A 813 4.83 -28.95 -12.19
CA LEU A 813 5.96 -29.33 -13.02
C LEU A 813 7.31 -28.97 -12.39
N GLY A 814 7.34 -27.95 -11.54
CA GLY A 814 8.57 -27.54 -10.89
C GLY A 814 9.11 -28.59 -9.94
N ASP A 815 10.33 -29.04 -10.22
CA ASP A 815 10.97 -30.07 -9.40
C ASP A 815 11.43 -29.53 -8.06
N GLU A 816 11.34 -30.36 -7.02
CA GLU A 816 11.78 -29.98 -5.68
C GLU A 816 13.31 -29.84 -5.58
N ASN A 817 14.04 -30.58 -6.41
CA ASN A 817 15.50 -30.59 -6.34
C ASN A 817 16.12 -29.24 -6.69
N ARG A 818 15.41 -28.46 -7.50
CA ARG A 818 15.89 -27.15 -7.92
C ARG A 818 15.99 -26.20 -6.73
N ARG A 819 15.19 -26.43 -5.71
CA ARG A 819 15.21 -25.63 -4.49
C ARG A 819 16.50 -25.83 -3.70
N LEU A 820 17.03 -24.75 -3.13
CA LEU A 820 18.20 -24.82 -2.27
C LEU A 820 17.80 -24.94 -0.80
N ASP A 821 18.47 -25.80 -0.06
CA ASP A 821 18.22 -25.94 1.37
C ASP A 821 19.05 -24.95 2.18
N LEU A 822 18.66 -23.68 2.12
CA LEU A 822 19.34 -22.64 2.88
C LEU A 822 19.11 -22.84 4.37
N ALA A 823 20.14 -22.56 5.18
CA ALA A 823 20.05 -22.78 6.62
C ALA A 823 20.77 -21.69 7.41
N LEU A 824 20.05 -20.62 7.72
CA LEU A 824 20.59 -19.54 8.53
C LEU A 824 20.78 -19.98 9.98
N GLU A 825 21.83 -19.44 10.63
CA GLU A 825 22.10 -19.75 12.01
C GLU A 825 22.46 -18.48 12.79
N THR A 826 21.50 -17.99 13.57
CA THR A 826 21.68 -16.75 14.32
C THR A 826 21.27 -16.94 15.78
N PRO A 827 21.88 -16.16 16.69
CA PRO A 827 21.51 -16.25 18.11
C PRO A 827 20.06 -15.82 18.35
N ALA A 828 19.40 -16.47 19.31
CA ALA A 828 18.01 -16.15 19.64
C ALA A 828 17.91 -14.75 20.25
N LYS A 829 18.96 -14.31 20.92
CA LYS A 829 18.98 -13.01 21.58
C LYS A 829 20.34 -12.35 21.43
N MET A 830 20.37 -11.02 21.43
CA MET A 830 21.62 -10.27 21.32
C MET A 830 21.49 -8.86 21.89
N ARG A 831 22.60 -8.34 22.38
CA ARG A 831 22.65 -6.97 22.90
C ARG A 831 22.68 -5.94 21.76
N PRO A 832 22.07 -4.77 22.01
CA PRO A 832 22.09 -3.61 21.10
C PRO A 832 23.49 -3.03 20.93
N ASN A 833 23.75 -2.43 19.76
CA ASN A 833 25.06 -1.91 19.40
C ASN A 833 26.11 -3.01 19.36
N GLN A 834 25.70 -4.18 18.85
CA GLN A 834 26.59 -5.30 18.66
C GLN A 834 26.41 -5.85 17.25
N PRO A 835 27.48 -6.45 16.67
CA PRO A 835 27.38 -6.94 15.30
C PRO A 835 26.81 -8.36 15.22
N LEU A 836 25.58 -8.47 14.71
CA LEU A 836 24.93 -9.77 14.51
C LEU A 836 25.68 -10.59 13.46
N THR A 837 25.81 -11.89 13.71
CA THR A 837 26.46 -12.79 12.77
C THR A 837 25.45 -13.76 12.17
N VAL A 838 25.54 -13.97 10.86
CA VAL A 838 24.63 -14.87 10.17
C VAL A 838 25.39 -15.93 9.38
N LYS A 839 25.30 -17.18 9.83
CA LYS A 839 25.98 -18.29 9.16
C LYS A 839 25.09 -18.90 8.08
N ILE A 840 25.63 -18.97 6.86
CA ILE A 840 24.91 -19.54 5.72
C ILE A 840 25.39 -20.96 5.43
N LYS A 841 24.48 -21.82 4.99
CA LYS A 841 24.83 -23.20 4.68
C LYS A 841 23.87 -23.82 3.65
N ALA A 842 24.12 -23.52 2.37
CA ALA A 842 23.33 -24.11 1.30
C ALA A 842 23.67 -25.60 1.11
N SER A 843 22.67 -26.39 0.75
CA SER A 843 22.86 -27.82 0.53
C SER A 843 21.68 -28.42 -0.24
N THR A 844 21.85 -29.67 -0.68
CA THR A 844 20.76 -30.42 -1.31
C THR A 844 21.03 -31.92 -1.21
N LYS A 845 19.95 -32.70 -1.16
CA LYS A 845 20.07 -34.15 -1.05
C LYS A 845 20.66 -34.76 -2.31
N ASN A 846 21.36 -35.89 -2.14
CA ASN A 846 22.04 -36.60 -3.23
C ASN A 846 23.15 -35.79 -3.87
N GLY A 847 22.84 -34.58 -4.33
CA GLY A 847 23.83 -33.72 -4.95
C GLY A 847 24.86 -33.20 -3.98
N GLU A 848 24.41 -32.39 -3.02
CA GLU A 848 25.29 -31.77 -2.02
C GLU A 848 26.45 -31.03 -2.68
N LYS A 849 26.16 -30.35 -3.78
CA LYS A 849 27.18 -29.63 -4.54
C LYS A 849 26.75 -28.20 -4.85
N PRO A 850 26.83 -27.32 -3.86
CA PRO A 850 26.42 -25.91 -3.98
C PRO A 850 27.51 -25.05 -4.61
N LYS A 851 27.68 -25.15 -5.93
CA LYS A 851 28.73 -24.43 -6.63
C LYS A 851 28.43 -22.93 -6.76
N GLN A 852 29.34 -22.11 -6.26
CA GLN A 852 29.29 -20.65 -6.43
C GLN A 852 27.95 -20.02 -6.05
N VAL A 853 27.32 -20.53 -5.01
CA VAL A 853 26.03 -20.00 -4.56
C VAL A 853 26.16 -18.57 -4.07
N ASN A 854 25.24 -17.71 -4.49
CA ASN A 854 25.20 -16.33 -4.03
C ASN A 854 24.07 -16.13 -3.02
N VAL A 855 24.33 -15.38 -1.96
CA VAL A 855 23.33 -15.14 -0.92
C VAL A 855 23.23 -13.65 -0.61
N LEU A 856 22.02 -13.17 -0.38
CA LEU A 856 21.82 -11.76 -0.06
C LEU A 856 21.15 -11.58 1.30
N VAL A 857 21.96 -11.63 2.35
CA VAL A 857 21.46 -11.47 3.72
C VAL A 857 20.95 -10.05 3.97
N SER A 858 19.89 -9.94 4.75
CA SER A 858 19.31 -8.65 5.12
C SER A 858 18.55 -8.77 6.43
N ALA A 859 18.30 -7.64 7.09
CA ALA A 859 17.56 -7.64 8.34
C ALA A 859 16.63 -6.43 8.44
N VAL A 860 15.40 -6.68 8.90
CA VAL A 860 14.41 -5.61 9.03
C VAL A 860 13.66 -5.77 10.35
N ASP A 861 13.30 -4.66 10.98
CA ASP A 861 12.53 -4.69 12.22
C ASP A 861 11.18 -5.35 11.98
N SER A 862 10.78 -6.21 12.91
CA SER A 862 9.52 -6.94 12.78
C SER A 862 8.31 -6.02 12.88
N GLY A 863 8.47 -4.90 13.58
CA GLY A 863 7.37 -3.99 13.80
C GLY A 863 7.00 -3.22 12.54
N VAL A 864 7.94 -3.14 11.61
CA VAL A 864 7.66 -2.51 10.32
C VAL A 864 6.99 -3.51 9.37
N LEU A 865 7.52 -4.73 9.34
CA LEU A 865 6.98 -5.77 8.47
C LEU A 865 5.57 -6.22 8.88
N ASN A 866 5.29 -6.16 10.18
CA ASN A 866 3.99 -6.60 10.70
C ASN A 866 2.83 -5.73 10.25
N ILE A 867 3.11 -4.47 9.95
CA ILE A 867 2.06 -3.53 9.55
C ILE A 867 1.41 -3.95 8.23
N THR A 868 2.20 -4.57 7.36
CA THR A 868 1.68 -5.04 6.08
C THR A 868 1.77 -6.56 5.97
N ASP A 869 2.23 -7.22 7.03
CA ASP A 869 2.48 -8.65 7.03
C ASP A 869 3.39 -9.05 5.87
N TYR A 870 4.49 -8.32 5.72
CA TYR A 870 5.40 -8.54 4.60
C TYR A 870 5.98 -9.94 4.62
N VAL A 871 6.00 -10.58 3.46
CA VAL A 871 6.49 -11.94 3.33
C VAL A 871 7.92 -11.95 2.81
N THR A 872 8.73 -12.88 3.31
CA THR A 872 10.08 -13.06 2.80
C THR A 872 9.97 -13.57 1.37
N PRO A 873 10.64 -12.87 0.43
CA PRO A 873 10.55 -13.26 -0.99
C PRO A 873 11.08 -14.67 -1.23
N ASP A 874 10.43 -15.38 -2.14
CA ASP A 874 10.84 -16.73 -2.50
C ASP A 874 11.11 -16.83 -4.01
N PRO A 875 12.39 -16.80 -4.38
CA PRO A 875 12.78 -16.89 -5.80
C PRO A 875 12.27 -18.18 -6.44
N TRP A 876 12.21 -19.25 -5.65
CA TRP A 876 11.72 -20.53 -6.14
C TRP A 876 10.25 -20.43 -6.51
N GLN A 877 9.46 -19.78 -5.66
CA GLN A 877 8.07 -19.50 -5.98
C GLN A 877 7.96 -18.45 -7.08
N ALA A 878 8.94 -17.55 -7.12
CA ALA A 878 8.95 -16.47 -8.11
C ALA A 878 9.13 -16.98 -9.53
N PHE A 879 9.81 -18.11 -9.67
CA PHE A 879 10.10 -18.65 -11.00
C PHE A 879 9.32 -19.93 -11.29
N PHE A 880 9.40 -20.89 -10.37
CA PHE A 880 8.75 -22.18 -10.53
C PHE A 880 7.30 -22.20 -10.05
N GLY A 881 6.84 -21.07 -9.53
CA GLY A 881 5.50 -20.98 -8.96
C GLY A 881 4.42 -21.02 -10.03
N GLN A 882 3.19 -21.30 -9.60
CA GLN A 882 2.07 -21.46 -10.53
C GLN A 882 1.78 -20.17 -11.29
N LYS A 883 1.57 -20.30 -12.59
CA LYS A 883 1.23 -19.16 -13.44
C LYS A 883 -0.27 -19.09 -13.68
N ARG A 884 -0.75 -17.92 -14.10
CA ARG A 884 -2.17 -17.74 -14.39
C ARG A 884 -2.56 -18.47 -15.68
N TYR A 885 -3.84 -18.81 -15.78
CA TYR A 885 -4.37 -19.50 -16.95
C TYR A 885 -4.19 -18.64 -18.21
N GLY A 886 -3.70 -19.26 -19.27
CA GLY A 886 -3.36 -18.55 -20.49
C GLY A 886 -4.44 -18.45 -21.55
N ALA A 887 -5.62 -19.00 -21.27
CA ALA A 887 -6.67 -19.06 -22.27
C ALA A 887 -7.95 -18.38 -21.81
N ASP A 888 -8.78 -17.96 -22.76
CA ASP A 888 -10.08 -17.38 -22.45
C ASP A 888 -11.21 -18.18 -23.10
N ILE A 889 -11.93 -18.95 -22.28
CA ILE A 889 -13.00 -19.82 -22.79
C ILE A 889 -14.20 -19.05 -23.35
N TYR A 890 -14.74 -19.54 -24.46
CA TYR A 890 -15.96 -19.01 -25.07
C TYR A 890 -16.76 -20.13 -25.71
N ASP A 891 -18.07 -20.15 -25.48
CA ASP A 891 -18.94 -21.12 -26.13
C ASP A 891 -20.40 -20.67 -26.09
N ILE A 892 -21.19 -21.15 -27.06
CA ILE A 892 -22.60 -20.78 -27.15
C ILE A 892 -23.47 -21.62 -26.23
N TYR A 893 -22.87 -22.64 -25.61
CA TYR A 893 -23.58 -23.50 -24.69
C TYR A 893 -24.02 -22.72 -23.46
N GLY A 894 -24.88 -23.34 -22.65
CA GLY A 894 -25.47 -22.67 -21.50
C GLY A 894 -24.45 -22.02 -20.59
N GLN A 895 -24.70 -20.76 -20.26
CA GLN A 895 -23.77 -19.95 -19.48
C GLN A 895 -23.58 -20.52 -18.08
N VAL A 896 -22.37 -20.40 -17.56
CA VAL A 896 -22.04 -20.85 -16.21
C VAL A 896 -22.90 -20.10 -15.20
N ILE A 897 -23.32 -20.79 -14.15
CA ILE A 897 -24.19 -20.21 -13.13
C ILE A 897 -23.66 -18.89 -12.57
N GLU A 898 -22.68 -18.97 -11.68
CA GLU A 898 -22.02 -17.80 -11.12
C GLU A 898 -20.76 -18.21 -10.40
N GLY A 899 -20.89 -19.19 -9.51
CA GLY A 899 -19.78 -19.74 -8.78
C GLY A 899 -19.47 -18.98 -7.50
N GLN A 900 -20.20 -17.89 -7.28
CA GLN A 900 -20.11 -17.09 -6.05
C GLN A 900 -18.72 -16.47 -5.80
N GLY A 901 -17.75 -16.84 -6.63
CA GLY A 901 -16.39 -16.34 -6.48
C GLY A 901 -15.53 -17.18 -5.56
N ARG A 902 -14.22 -16.99 -5.65
CA ARG A 902 -13.27 -17.70 -4.81
C ARG A 902 -13.27 -17.16 -3.38
N LEU A 903 -12.95 -18.02 -2.42
CA LEU A 903 -12.82 -17.60 -1.02
C LEU A 903 -11.65 -16.62 -0.87
N ALA A 904 -11.80 -15.65 0.02
CA ALA A 904 -10.79 -14.60 0.18
C ALA A 904 -10.37 -14.40 1.63
N ALA A 905 -9.06 -14.17 1.81
CA ALA A 905 -8.48 -13.88 3.12
C ALA A 905 -8.74 -12.44 3.56
N LEU A 906 -8.68 -12.21 4.87
CA LEU A 906 -8.85 -10.86 5.41
C LEU A 906 -7.96 -10.60 6.62
N ARG A 907 -7.68 -9.33 6.89
CA ARG A 907 -6.88 -8.94 8.03
C ARG A 907 -7.61 -7.84 8.82
N PHE A 908 -7.37 -6.58 8.43
CA PHE A 908 -8.01 -5.44 9.08
C PHE A 908 -8.13 -4.26 8.12
N GLY A 909 -8.14 -4.56 6.82
CA GLY A 909 -8.28 -3.53 5.81
C GLY A 909 -7.00 -2.74 5.57
N GLY A 910 -7.13 -1.60 4.90
CA GLY A 910 -5.99 -0.75 4.59
C GLY A 910 -5.62 0.17 5.75
N ASP A 911 -4.61 0.99 5.54
CA ASP A 911 -4.12 1.88 6.59
C ASP A 911 -3.38 3.08 6.00
N GLY A 912 -3.04 4.05 6.85
CA GLY A 912 -2.32 5.23 6.43
C GLY A 912 -3.15 6.35 5.82
N ASP A 913 -4.46 6.27 5.97
CA ASP A 913 -5.34 7.31 5.45
C ASP A 913 -5.51 8.49 6.41
N GLU A 914 -5.56 8.21 7.71
CA GLU A 914 -5.84 9.25 8.71
C GLU A 914 -4.75 10.32 8.78
N LEU A 915 -3.51 9.91 8.54
CA LEU A 915 -2.38 10.83 8.59
C LEU A 915 -2.49 11.88 7.47
N LYS A 916 -3.06 11.49 6.34
CA LYS A 916 -3.30 12.43 5.25
C LYS A 916 -4.34 13.46 5.66
N ARG A 917 -5.34 13.00 6.42
CA ARG A 917 -6.37 13.89 6.94
C ARG A 917 -5.80 14.85 7.98
N GLY A 918 -4.78 14.39 8.69
CA GLY A 918 -4.16 15.20 9.73
C GLY A 918 -3.08 16.13 9.22
N GLY A 919 -2.77 16.04 7.94
CA GLY A 919 -1.72 16.86 7.33
C GLY A 919 -0.36 16.23 7.47
N LYS A 920 0.63 16.81 6.79
CA LYS A 920 1.99 16.29 6.81
C LYS A 920 2.67 16.53 8.17
N PRO A 921 3.28 15.47 8.73
CA PRO A 921 3.98 15.50 10.01
C PRO A 921 5.19 16.44 10.01
N PRO A 922 5.45 17.11 11.14
CA PRO A 922 6.59 18.01 11.30
C PRO A 922 7.90 17.27 11.56
N VAL A 923 8.38 16.53 10.55
CA VAL A 923 9.66 15.84 10.60
C VAL A 923 9.80 14.91 11.81
N ASN A 924 9.35 13.67 11.66
CA ASN A 924 9.45 12.67 12.71
C ASN A 924 10.90 12.22 12.94
N HIS A 925 11.22 11.88 14.18
CA HIS A 925 12.55 11.41 14.55
C HIS A 925 12.62 9.89 14.69
N VAL A 926 11.59 9.21 14.19
CA VAL A 926 11.49 7.75 14.35
C VAL A 926 12.66 7.03 13.68
N ASN A 927 13.17 5.99 14.35
CA ASN A 927 14.27 5.20 13.83
C ASN A 927 13.80 3.91 13.16
N ILE A 928 13.95 3.84 11.84
CA ILE A 928 13.60 2.64 11.09
C ILE A 928 14.83 1.76 10.91
N VAL A 929 14.89 0.67 11.68
CA VAL A 929 16.02 -0.24 11.60
C VAL A 929 15.92 -1.13 10.36
N VAL A 930 16.92 -1.02 9.50
CA VAL A 930 16.99 -1.84 8.29
C VAL A 930 18.43 -1.98 7.83
N GLN A 931 18.77 -3.16 7.32
CA GLN A 931 20.13 -3.46 6.88
C GLN A 931 20.12 -4.43 5.71
N GLN A 932 21.08 -4.25 4.80
CA GLN A 932 21.24 -5.18 3.68
C GLN A 932 22.69 -5.24 3.24
N ALA A 933 23.37 -6.30 3.65
CA ALA A 933 24.77 -6.51 3.31
C ALA A 933 24.93 -6.84 1.83
N LEU A 934 26.11 -6.55 1.28
CA LEU A 934 26.43 -6.88 -0.10
C LEU A 934 26.41 -8.39 -0.29
N PRO A 935 26.00 -8.85 -1.49
CA PRO A 935 25.89 -10.30 -1.74
C PRO A 935 27.23 -11.01 -1.60
N VAL A 936 27.20 -12.23 -1.06
CA VAL A 936 28.42 -12.97 -0.79
C VAL A 936 28.41 -14.34 -1.46
N THR A 937 29.59 -14.81 -1.83
CA THR A 937 29.74 -16.12 -2.45
C THR A 937 30.10 -17.19 -1.42
N LEU A 938 29.32 -18.26 -1.37
CA LEU A 938 29.59 -19.38 -0.48
C LEU A 938 30.79 -20.18 -0.97
N ASN A 939 31.53 -20.77 -0.03
CA ASN A 939 32.72 -21.54 -0.37
C ASN A 939 32.38 -22.95 -0.89
N GLU A 940 33.39 -23.80 -0.98
CA GLU A 940 33.22 -25.16 -1.50
C GLU A 940 32.29 -25.99 -0.63
N GLN A 941 32.27 -25.72 0.67
CA GLN A 941 31.41 -26.44 1.61
C GLN A 941 30.00 -25.87 1.60
N GLY A 942 29.83 -24.71 0.96
CA GLY A 942 28.55 -24.02 0.95
C GLY A 942 28.38 -23.15 2.18
N GLU A 943 29.40 -23.17 3.04
CA GLU A 943 29.37 -22.36 4.26
C GLU A 943 29.62 -20.89 3.96
N GLY A 944 29.07 -20.02 4.80
CA GLY A 944 29.27 -18.58 4.65
C GLY A 944 28.96 -17.84 5.93
N SER A 945 29.24 -16.54 5.94
CA SER A 945 28.98 -15.70 7.11
C SER A 945 28.80 -14.25 6.73
N VAL A 946 27.89 -13.56 7.43
CA VAL A 946 27.64 -12.14 7.19
C VAL A 946 27.43 -11.38 8.50
N THR A 947 28.20 -10.31 8.69
CA THR A 947 28.12 -9.53 9.91
C THR A 947 27.37 -8.21 9.71
N LEU A 948 26.17 -8.12 10.29
CA LEU A 948 25.38 -6.89 10.22
C LEU A 948 25.52 -6.08 11.50
N PRO A 949 26.04 -4.85 11.39
CA PRO A 949 26.26 -3.96 12.53
C PRO A 949 24.97 -3.32 13.06
N ILE A 950 24.29 -4.02 13.96
CA ILE A 950 23.05 -3.52 14.55
C ILE A 950 23.32 -2.30 15.43
N GLY A 951 22.42 -1.32 15.37
CA GLY A 951 22.54 -0.11 16.16
C GLY A 951 21.81 -0.19 17.49
N ASP A 952 21.51 0.98 18.06
CA ASP A 952 20.79 1.05 19.32
C ASP A 952 19.30 0.79 19.09
N PHE A 953 18.89 -0.46 19.26
CA PHE A 953 17.52 -0.87 18.97
C PHE A 953 17.05 -1.94 19.95
N ASN A 954 15.76 -1.89 20.30
CA ASN A 954 15.19 -2.85 21.23
C ASN A 954 13.88 -3.46 20.71
N GLY A 955 13.98 -4.68 20.21
CA GLY A 955 12.84 -5.40 19.69
C GLY A 955 13.26 -6.59 18.86
N GLU A 956 12.27 -7.32 18.34
CA GLU A 956 12.53 -8.44 17.45
C GLU A 956 13.10 -7.93 16.13
N LEU A 957 14.03 -8.68 15.55
CA LEU A 957 14.64 -8.30 14.28
C LEU A 957 14.62 -9.48 13.31
N ARG A 958 13.80 -9.35 12.27
CA ARG A 958 13.65 -10.43 11.30
C ARG A 958 14.78 -10.45 10.29
N VAL A 959 15.52 -11.56 10.26
CA VAL A 959 16.58 -11.77 9.28
C VAL A 959 16.03 -12.55 8.10
N MET A 960 16.42 -12.15 6.89
CA MET A 960 15.98 -12.81 5.66
C MET A 960 17.17 -13.03 4.73
N ALA A 961 17.12 -14.10 3.94
CA ALA A 961 18.21 -14.41 3.03
C ALA A 961 17.74 -15.14 1.79
N GLN A 962 17.94 -14.50 0.64
CA GLN A 962 17.72 -15.14 -0.65
C GLN A 962 19.02 -15.79 -1.14
N ALA A 963 18.90 -16.84 -1.95
CA ALA A 963 20.06 -17.52 -2.49
C ALA A 963 19.80 -17.97 -3.93
N TRP A 964 20.85 -17.94 -4.75
CA TRP A 964 20.70 -18.28 -6.16
C TRP A 964 22.01 -18.72 -6.82
N THR A 965 21.87 -19.43 -7.94
CA THR A 965 23.02 -19.82 -8.76
C THR A 965 22.70 -19.57 -10.23
N ALA A 966 22.35 -20.65 -10.94
CA ALA A 966 21.94 -20.56 -12.34
C ALA A 966 20.48 -20.97 -12.48
N ASP A 967 20.15 -22.16 -12.00
CA ASP A 967 18.78 -22.65 -12.01
C ASP A 967 18.30 -22.91 -10.58
N ASP A 968 19.23 -23.19 -9.68
CA ASP A 968 18.90 -23.38 -8.28
C ASP A 968 18.51 -22.07 -7.61
N PHE A 969 17.58 -22.14 -6.67
CA PHE A 969 17.13 -20.97 -5.92
C PHE A 969 16.73 -21.38 -4.51
N GLY A 970 16.77 -20.42 -3.58
CA GLY A 970 16.37 -20.68 -2.21
C GLY A 970 16.08 -19.42 -1.42
N SER A 971 15.48 -19.60 -0.25
CA SER A 971 15.17 -18.48 0.63
C SER A 971 14.99 -18.98 2.07
N ASN A 972 15.30 -18.12 3.04
CA ASN A 972 15.13 -18.49 4.44
C ASN A 972 14.99 -17.27 5.33
N GLU A 973 14.50 -17.47 6.54
CA GLU A 973 14.32 -16.38 7.50
C GLU A 973 14.44 -16.85 8.94
N SER A 974 14.85 -15.95 9.83
CA SER A 974 14.94 -16.27 11.25
C SER A 974 14.83 -15.03 12.12
N LYS A 975 14.07 -15.13 13.20
CA LYS A 975 13.89 -14.03 14.14
C LYS A 975 15.12 -13.87 15.04
N VAL A 976 15.42 -12.63 15.42
CA VAL A 976 16.52 -12.33 16.34
C VAL A 976 16.13 -11.22 17.31
N ILE A 977 15.74 -11.59 18.52
CA ILE A 977 15.36 -10.62 19.55
C ILE A 977 16.56 -9.78 19.99
N VAL A 978 16.34 -8.48 20.17
CA VAL A 978 17.38 -7.59 20.68
C VAL A 978 16.87 -6.82 21.89
N ALA A 979 17.64 -6.79 22.96
CA ALA A 979 17.20 -6.11 24.19
C ALA A 979 18.36 -5.53 24.98
N ALA A 980 18.27 -4.22 25.28
CA ALA A 980 19.28 -3.54 26.07
C ALA A 980 19.17 -3.85 27.55
N PRO A 981 20.32 -3.97 28.24
CA PRO A 981 20.35 -4.13 29.70
C PRO A 981 19.69 -2.95 30.43
N VAL A 982 19.79 -1.76 29.86
CA VAL A 982 19.23 -0.56 30.49
C VAL A 982 18.74 0.43 29.43
N ILE A 983 17.61 1.07 29.70
CA ILE A 983 17.05 2.06 28.78
C ILE A 983 17.44 3.48 29.20
N ALA A 984 17.74 4.32 28.22
CA ALA A 984 18.08 5.72 28.50
C ALA A 984 17.55 6.62 27.38
N GLU A 985 16.50 7.38 27.69
CA GLU A 985 15.86 8.23 26.69
C GLU A 985 15.81 9.69 27.13
N LEU A 986 16.63 10.52 26.50
CA LEU A 986 16.59 11.97 26.73
C LEU A 986 15.36 12.58 26.07
N ASN A 987 14.79 13.60 26.70
CA ASN A 987 13.66 14.33 26.13
C ASN A 987 14.03 15.79 25.90
N MET A 988 14.25 16.15 24.64
CA MET A 988 14.75 17.47 24.30
C MET A 988 13.96 18.11 23.16
N PRO A 989 13.94 19.46 23.11
CA PRO A 989 13.29 20.20 22.03
C PRO A 989 13.94 19.93 20.68
N ARG A 990 13.14 19.96 19.62
CA ARG A 990 13.62 19.65 18.27
C ARG A 990 14.69 20.64 17.82
N PHE A 991 14.66 21.84 18.39
CA PHE A 991 15.64 22.87 18.07
C PHE A 991 15.78 23.84 19.23
N MET A 992 16.88 24.60 19.24
CA MET A 992 17.08 25.62 20.26
C MET A 992 17.66 26.90 19.65
N ALA A 993 17.02 28.03 19.96
CA ALA A 993 17.52 29.34 19.55
C ALA A 993 18.74 29.70 20.39
N SER A 994 19.62 30.52 19.84
CA SER A 994 20.84 30.91 20.53
C SER A 994 20.54 31.69 21.81
N GLY A 995 21.23 31.34 22.88
CA GLY A 995 21.08 32.02 24.16
C GLY A 995 19.93 31.49 25.00
N ASP A 996 19.20 30.53 24.45
CA ASP A 996 18.05 29.93 25.14
C ASP A 996 18.50 28.92 26.20
N THR A 997 17.68 28.77 27.24
CA THR A 997 17.92 27.77 28.27
C THR A 997 16.79 26.74 28.29
N SER A 998 17.13 25.48 28.51
CA SER A 998 16.16 24.40 28.44
C SER A 998 16.40 23.31 29.49
N ARG A 999 15.33 22.83 30.11
CA ARG A 999 15.43 21.77 31.10
C ARG A 999 15.22 20.39 30.51
N LEU A 1000 16.31 19.73 30.12
CA LEU A 1000 16.23 18.40 29.55
C LEU A 1000 15.85 17.36 30.61
N THR A 1001 15.23 16.27 30.17
CA THR A 1001 14.89 15.19 31.09
C THR A 1001 15.37 13.84 30.57
N LEU A 1002 16.38 13.29 31.23
CA LEU A 1002 16.93 11.99 30.85
C LEU A 1002 16.25 10.86 31.60
N ASP A 1003 15.31 10.19 30.94
CA ASP A 1003 14.68 8.99 31.48
C ASP A 1003 15.66 7.82 31.50
N ILE A 1004 15.60 7.02 32.55
CA ILE A 1004 16.44 5.84 32.69
C ILE A 1004 15.64 4.68 33.27
N THR A 1005 15.49 3.61 32.50
CA THR A 1005 14.70 2.47 32.93
C THR A 1005 15.56 1.23 33.16
N ASN A 1006 15.27 0.51 34.26
CA ASN A 1006 15.99 -0.72 34.59
C ASN A 1006 15.10 -1.94 34.46
N LEU A 1007 15.15 -2.60 33.31
CA LEU A 1007 14.33 -3.78 33.06
C LEU A 1007 14.95 -5.06 33.62
N THR A 1008 16.17 -4.95 34.13
CA THR A 1008 16.86 -6.10 34.71
C THR A 1008 16.20 -6.52 36.02
N ASP A 1009 16.36 -7.79 36.38
CA ASP A 1009 15.73 -8.36 37.56
C ASP A 1009 16.43 -7.94 38.86
N LYS A 1010 17.59 -7.30 38.73
CA LYS A 1010 18.36 -6.88 39.90
C LYS A 1010 18.67 -5.39 39.86
N PRO A 1011 18.80 -4.75 41.04
CA PRO A 1011 19.10 -3.32 41.16
C PRO A 1011 20.45 -2.94 40.57
N GLN A 1012 20.55 -1.73 40.01
CA GLN A 1012 21.80 -1.26 39.43
C GLN A 1012 22.27 0.05 40.07
N LYS A 1013 23.59 0.20 40.21
CA LYS A 1013 24.19 1.42 40.72
C LYS A 1013 24.86 2.19 39.59
N LEU A 1014 24.08 2.94 38.84
CA LEU A 1014 24.56 3.60 37.62
C LEU A 1014 25.43 4.82 37.88
N ASN A 1015 26.30 5.13 36.93
CA ASN A 1015 27.12 6.34 36.96
C ASN A 1015 27.03 7.07 35.63
N VAL A 1016 26.19 8.10 35.58
CA VAL A 1016 25.94 8.84 34.33
C VAL A 1016 26.85 10.05 34.18
N ALA A 1017 27.86 9.92 33.34
CA ALA A 1017 28.78 11.02 33.06
C ALA A 1017 28.29 11.86 31.88
N LEU A 1018 27.44 12.84 32.17
CA LEU A 1018 26.91 13.73 31.14
C LEU A 1018 27.99 14.65 30.55
N THR A 1019 27.90 14.90 29.26
CA THR A 1019 28.82 15.80 28.57
C THR A 1019 28.11 16.56 27.46
N ALA A 1020 28.72 17.64 27.00
CA ALA A 1020 28.12 18.47 25.95
C ALA A 1020 29.17 18.97 24.97
N SER A 1021 28.75 19.20 23.73
CA SER A 1021 29.63 19.65 22.67
C SER A 1021 28.87 20.45 21.63
N GLY A 1022 29.58 21.19 20.80
CA GLY A 1022 28.95 22.04 19.81
C GLY A 1022 28.33 23.26 20.47
N LEU A 1023 27.32 23.84 19.83
CA LEU A 1023 26.68 25.03 20.35
C LEU A 1023 25.66 24.70 21.44
N LEU A 1024 26.13 24.03 22.49
CA LEU A 1024 25.32 23.69 23.65
C LEU A 1024 26.22 23.60 24.87
N GLU A 1025 25.66 23.85 26.05
CA GLU A 1025 26.44 23.87 27.28
C GLU A 1025 25.61 23.51 28.51
N LEU A 1026 26.07 22.52 29.27
CA LEU A 1026 25.39 22.14 30.50
C LEU A 1026 25.45 23.26 31.52
N VAL A 1027 24.33 23.51 32.20
CA VAL A 1027 24.29 24.54 33.23
C VAL A 1027 24.72 23.98 34.58
N SER A 1028 24.29 22.76 34.88
CA SER A 1028 24.59 22.11 36.14
C SER A 1028 25.67 21.03 35.99
N ASP A 1029 26.30 20.69 37.11
CA ASP A 1029 27.30 19.62 37.14
C ASP A 1029 26.64 18.25 36.92
N SER A 1030 27.42 17.31 36.39
CA SER A 1030 26.92 15.97 36.11
C SER A 1030 26.55 15.24 37.41
N PRO A 1031 25.41 14.53 37.39
CA PRO A 1031 24.90 13.80 38.56
C PRO A 1031 25.82 12.69 39.02
N ALA A 1032 25.85 12.44 40.33
CA ALA A 1032 26.68 11.39 40.90
C ALA A 1032 26.06 10.01 40.68
N ALA A 1033 26.18 9.15 41.69
CA ALA A 1033 25.64 7.80 41.61
C ALA A 1033 24.11 7.80 41.53
N VAL A 1034 23.58 6.87 40.75
CA VAL A 1034 22.13 6.73 40.60
C VAL A 1034 21.71 5.29 40.88
N GLU A 1035 21.18 5.07 42.08
CA GLU A 1035 20.64 3.76 42.41
C GLU A 1035 19.34 3.54 41.65
N LEU A 1036 19.06 2.29 41.27
CA LEU A 1036 17.86 2.00 40.52
C LEU A 1036 17.36 0.58 40.78
N ALA A 1037 16.26 0.48 41.51
CA ALA A 1037 15.62 -0.80 41.79
C ALA A 1037 15.03 -1.39 40.51
N PRO A 1038 14.96 -2.72 40.42
CA PRO A 1038 14.43 -3.34 39.20
C PRO A 1038 12.99 -2.94 38.92
N GLY A 1039 12.69 -2.71 37.64
CA GLY A 1039 11.33 -2.35 37.23
C GLY A 1039 11.04 -0.88 37.43
N VAL A 1040 12.01 -0.14 37.91
CA VAL A 1040 11.82 1.28 38.23
C VAL A 1040 12.49 2.21 37.22
N ARG A 1041 11.73 3.19 36.75
CA ARG A 1041 12.28 4.25 35.91
C ARG A 1041 12.59 5.48 36.74
N THR A 1042 13.51 6.31 36.26
CA THR A 1042 13.87 7.54 36.94
C THR A 1042 14.11 8.64 35.92
N THR A 1043 14.08 9.90 36.36
CA THR A 1043 14.21 11.02 35.44
C THR A 1043 15.24 12.04 35.92
N LEU A 1044 16.45 11.97 35.36
CA LEU A 1044 17.47 12.96 35.66
C LEU A 1044 17.12 14.31 35.04
N PHE A 1045 17.39 15.38 35.76
CA PHE A 1045 17.16 16.73 35.22
C PHE A 1045 18.47 17.32 34.71
N ILE A 1046 18.43 17.85 33.49
CA ILE A 1046 19.62 18.33 32.79
C ILE A 1046 19.42 19.73 32.22
N PRO A 1047 19.60 20.76 33.06
CA PRO A 1047 19.56 22.13 32.55
C PRO A 1047 20.64 22.36 31.49
N VAL A 1048 20.32 23.15 30.48
CA VAL A 1048 21.23 23.35 29.36
C VAL A 1048 21.02 24.73 28.75
N ARG A 1049 22.00 25.21 28.00
CA ARG A 1049 21.94 26.53 27.39
C ARG A 1049 22.58 26.52 26.01
N ALA A 1050 21.93 27.18 25.05
CA ALA A 1050 22.43 27.20 23.67
C ALA A 1050 23.44 28.31 23.46
N LEU A 1051 24.58 27.96 22.85
CA LEU A 1051 25.61 28.92 22.51
C LEU A 1051 25.20 29.75 21.29
N PRO A 1052 25.66 31.00 21.22
CA PRO A 1052 25.32 31.91 20.12
C PRO A 1052 25.81 31.43 18.75
N GLY A 1053 25.05 31.73 17.71
CA GLY A 1053 25.42 31.39 16.35
C GLY A 1053 24.73 30.18 15.77
N TYR A 1054 24.67 30.13 14.45
CA TYR A 1054 24.08 28.99 13.74
C TYR A 1054 24.99 27.77 13.80
N GLY A 1055 24.39 26.58 13.83
CA GLY A 1055 25.18 25.36 13.83
C GLY A 1055 24.50 24.17 14.46
N ASP A 1056 25.30 23.20 14.92
CA ASP A 1056 24.77 22.03 15.61
C ASP A 1056 25.24 21.98 17.07
N GLY A 1057 24.43 21.33 17.91
CA GLY A 1057 24.80 21.09 19.28
C GLY A 1057 24.54 19.64 19.63
N GLU A 1058 25.21 19.13 20.65
CA GLU A 1058 25.06 17.72 21.01
C GLU A 1058 25.30 17.47 22.50
N ILE A 1059 24.59 16.48 23.04
CA ILE A 1059 24.79 16.07 24.42
C ILE A 1059 25.07 14.57 24.49
N GLN A 1060 26.23 14.23 25.03
CA GLN A 1060 26.63 12.83 25.16
C GLN A 1060 26.38 12.31 26.58
N ALA A 1061 26.12 11.01 26.68
CA ALA A 1061 25.92 10.37 27.97
C ALA A 1061 26.60 9.00 27.98
N THR A 1062 27.27 8.70 29.09
CA THR A 1062 28.03 7.48 29.24
C THR A 1062 27.74 6.83 30.59
N ILE A 1063 26.60 6.15 30.69
CA ILE A 1063 26.24 5.43 31.90
C ILE A 1063 27.23 4.30 32.14
N SER A 1064 27.60 4.08 33.40
CA SER A 1064 28.57 3.05 33.74
C SER A 1064 28.12 2.22 34.93
N GLY A 1065 28.56 0.97 34.98
CA GLY A 1065 28.18 0.07 36.06
C GLY A 1065 27.59 -1.23 35.55
N LEU A 1066 26.26 -1.27 35.44
CA LEU A 1066 25.53 -2.43 34.94
C LEU A 1066 25.77 -3.68 35.79
N ALA A 1067 27.00 -4.19 35.74
CA ALA A 1067 27.42 -5.36 36.52
C ALA A 1067 26.54 -6.58 36.25
N LEU A 1068 26.57 -7.05 35.01
CA LEU A 1068 25.84 -8.26 34.65
C LEU A 1068 26.73 -9.49 34.87
N PRO A 1069 26.31 -10.40 35.75
CA PRO A 1069 27.09 -11.61 36.00
C PRO A 1069 27.22 -12.49 34.77
N GLY A 1070 28.39 -13.11 34.59
CA GLY A 1070 28.57 -14.07 33.52
C GLY A 1070 28.62 -13.45 32.14
N GLU A 1071 28.76 -12.13 32.08
CA GLU A 1071 28.70 -11.41 30.82
C GLU A 1071 29.30 -10.01 30.90
N THR A 1072 30.56 -9.88 30.51
CA THR A 1072 31.20 -8.57 30.44
C THR A 1072 30.56 -7.71 29.37
N VAL A 1073 30.49 -6.40 29.61
CA VAL A 1073 29.89 -5.48 28.65
C VAL A 1073 30.43 -4.06 28.83
N ALA A 1074 30.62 -3.37 27.72
CA ALA A 1074 31.09 -1.99 27.74
C ALA A 1074 30.02 -1.04 28.26
N ASP A 1075 30.44 0.08 28.84
CA ASP A 1075 29.51 1.08 29.35
C ASP A 1075 28.68 1.67 28.21
N GLN A 1076 27.43 2.01 28.51
CA GLN A 1076 26.52 2.56 27.51
C GLN A 1076 27.02 3.89 26.96
N HIS A 1077 26.81 4.11 25.66
CA HIS A 1077 27.22 5.35 25.02
C HIS A 1077 26.11 5.90 24.13
N LYS A 1078 25.43 6.94 24.61
CA LYS A 1078 24.39 7.56 23.80
C LYS A 1078 24.72 9.02 23.48
N GLN A 1079 24.19 9.51 22.36
CA GLN A 1079 24.41 10.89 21.96
C GLN A 1079 23.10 11.49 21.43
N TRP A 1080 22.91 12.79 21.66
CA TRP A 1080 21.72 13.47 21.18
C TRP A 1080 22.07 14.82 20.56
N LYS A 1081 21.98 14.89 19.23
CA LYS A 1081 22.30 16.12 18.50
C LYS A 1081 21.03 16.87 18.08
N ILE A 1082 21.05 18.18 18.25
CA ILE A 1082 19.95 19.05 17.83
C ILE A 1082 20.50 20.34 17.22
N GLY A 1083 19.72 20.94 16.33
CA GLY A 1083 20.15 22.14 15.65
C GLY A 1083 20.12 23.37 16.53
N VAL A 1084 20.91 24.39 16.14
CA VAL A 1084 20.96 25.66 16.84
C VAL A 1084 20.86 26.79 15.83
N ARG A 1085 19.65 27.31 15.67
CA ARG A 1085 19.35 28.42 14.75
C ARG A 1085 19.13 29.71 15.54
N PRO A 1086 19.91 30.75 15.24
CA PRO A 1086 19.81 32.04 15.95
C PRO A 1086 18.44 32.68 15.80
N ALA A 1087 17.98 33.34 16.86
CA ALA A 1087 16.62 33.85 16.94
C ALA A 1087 16.32 34.92 15.88
N PHE A 1088 17.36 35.55 15.36
CA PHE A 1088 17.17 36.64 14.41
C PHE A 1088 17.86 36.35 13.09
N PRO A 1089 17.29 36.87 11.98
CA PRO A 1089 17.85 36.67 10.64
C PRO A 1089 19.24 37.27 10.48
N ALA A 1090 20.09 36.62 9.71
CA ALA A 1090 21.46 37.10 9.49
C ALA A 1090 21.47 38.43 8.75
N GLN A 1091 22.32 39.34 9.21
CA GLN A 1091 22.49 40.64 8.56
C GLN A 1091 23.76 40.65 7.70
N THR A 1092 23.76 41.51 6.68
CA THR A 1092 24.89 41.61 5.76
C THR A 1092 25.22 43.06 5.44
N VAL A 1093 26.50 43.31 5.18
CA VAL A 1093 26.93 44.61 4.66
C VAL A 1093 27.64 44.40 3.32
N ASN A 1094 27.43 45.34 2.39
CA ASN A 1094 27.90 45.17 1.02
C ASN A 1094 28.53 46.43 0.43
N TYR A 1095 29.76 46.72 0.86
CA TYR A 1095 30.50 47.86 0.33
C TYR A 1095 31.08 47.56 -1.05
N GLY A 1096 31.36 48.60 -1.83
CA GLY A 1096 31.97 48.43 -3.13
C GLY A 1096 32.30 49.75 -3.81
N THR A 1097 33.53 49.88 -4.30
CA THR A 1097 33.95 51.12 -4.95
C THR A 1097 35.18 50.94 -5.83
N ALA A 1098 35.32 51.81 -6.83
CA ALA A 1098 36.51 51.84 -7.66
C ALA A 1098 37.48 52.90 -7.16
N LEU A 1099 38.75 52.53 -7.00
CA LEU A 1099 39.75 53.48 -6.53
C LEU A 1099 40.68 53.95 -7.64
N GLN A 1100 40.85 55.26 -7.74
CA GLN A 1100 41.88 55.84 -8.59
C GLN A 1100 43.22 55.60 -7.90
N PRO A 1101 44.32 55.60 -8.67
CA PRO A 1101 45.59 55.27 -8.02
C PRO A 1101 45.97 56.25 -6.91
N GLY A 1102 46.53 55.73 -5.83
CA GLY A 1102 46.92 56.52 -4.67
C GLY A 1102 45.79 56.73 -3.67
N GLU A 1103 44.57 56.38 -4.07
CA GLU A 1103 43.41 56.48 -3.19
C GLU A 1103 43.33 55.33 -2.21
N THR A 1104 42.67 55.55 -1.08
CA THR A 1104 42.55 54.52 -0.05
C THR A 1104 41.11 54.37 0.45
N TRP A 1105 40.60 53.14 0.41
CA TRP A 1105 39.29 52.84 0.95
C TRP A 1105 39.39 52.22 2.35
N ALA A 1106 38.39 52.48 3.18
CA ALA A 1106 38.33 51.89 4.51
C ALA A 1106 36.89 51.64 4.95
N ILE A 1107 36.66 50.51 5.61
CA ILE A 1107 35.34 50.14 6.09
C ILE A 1107 34.92 51.04 7.25
N PRO A 1108 33.68 51.55 7.22
CA PRO A 1108 33.18 52.39 8.31
C PRO A 1108 33.17 51.65 9.65
N ALA A 1109 33.48 52.37 10.73
CA ALA A 1109 33.50 51.78 12.06
C ALA A 1109 32.11 51.38 12.54
N ASP A 1110 31.10 52.09 12.05
CA ASP A 1110 29.72 51.88 12.48
C ASP A 1110 29.03 50.72 11.75
N GLY A 1111 29.67 50.20 10.72
CA GLY A 1111 29.04 49.16 9.90
C GLY A 1111 29.08 47.77 10.50
N LEU A 1112 29.91 47.54 11.50
CA LEU A 1112 30.05 46.23 12.11
C LEU A 1112 29.67 46.22 13.59
N GLN A 1113 29.09 47.32 14.07
CA GLN A 1113 28.81 47.48 15.49
C GLN A 1113 27.80 46.47 16.03
N ASN A 1114 26.89 46.02 15.17
CA ASN A 1114 25.82 45.13 15.59
C ASN A 1114 26.18 43.64 15.57
N PHE A 1115 27.07 43.26 14.66
CA PHE A 1115 27.43 41.86 14.48
C PHE A 1115 28.19 41.27 15.67
N SER A 1116 27.85 40.04 16.03
CA SER A 1116 28.64 39.27 16.97
C SER A 1116 29.91 38.76 16.28
N PRO A 1117 31.07 38.93 16.93
CA PRO A 1117 32.36 38.55 16.33
C PRO A 1117 32.45 37.07 15.97
N VAL A 1118 31.79 36.21 16.76
CA VAL A 1118 31.84 34.78 16.52
C VAL A 1118 31.15 34.37 15.21
N THR A 1119 30.10 35.11 14.85
CA THR A 1119 29.32 34.79 13.67
C THR A 1119 29.76 35.56 12.44
N LEU A 1120 30.45 36.69 12.66
CA LEU A 1120 30.84 37.56 11.56
C LEU A 1120 31.88 36.91 10.65
N GLU A 1121 31.71 37.11 9.34
CA GLU A 1121 32.69 36.67 8.36
C GLU A 1121 32.55 37.54 7.11
N GLY A 1122 33.62 37.66 6.34
CA GLY A 1122 33.56 38.55 5.19
C GLY A 1122 34.32 38.09 3.96
N GLN A 1123 34.05 38.74 2.83
CA GLN A 1123 34.76 38.45 1.60
C GLN A 1123 35.18 39.75 0.93
N LEU A 1124 36.40 39.77 0.39
CA LEU A 1124 36.95 40.95 -0.26
C LEU A 1124 37.39 40.64 -1.68
N LEU A 1125 36.66 41.18 -2.65
CA LEU A 1125 37.00 41.01 -4.06
C LEU A 1125 37.79 42.21 -4.55
N LEU A 1126 38.79 41.95 -5.39
CA LEU A 1126 39.60 43.00 -5.99
C LEU A 1126 39.78 42.71 -7.48
N SER A 1127 39.71 43.75 -8.31
CA SER A 1127 39.86 43.56 -9.76
C SER A 1127 40.25 44.84 -10.48
N GLY A 1128 40.91 44.69 -11.63
CA GLY A 1128 41.30 45.83 -12.44
C GLY A 1128 40.17 46.32 -13.35
N LYS A 1129 39.10 45.53 -13.39
CA LYS A 1129 37.90 45.87 -14.15
C LYS A 1129 36.68 45.62 -13.26
N PRO A 1130 35.55 46.28 -13.56
CA PRO A 1130 34.39 46.09 -12.66
C PRO A 1130 33.97 44.63 -12.57
N PRO A 1131 33.63 44.17 -11.36
CA PRO A 1131 33.37 42.74 -11.14
C PRO A 1131 31.97 42.43 -10.62
N LEU A 1132 31.79 41.16 -10.28
CA LEU A 1132 30.59 40.70 -9.57
C LEU A 1132 31.01 39.62 -8.57
N ASN A 1133 30.45 39.66 -7.37
CA ASN A 1133 30.83 38.69 -6.35
C ASN A 1133 30.00 37.42 -6.44
N ILE A 1134 30.50 36.46 -7.20
CA ILE A 1134 29.80 35.20 -7.43
C ILE A 1134 29.63 34.39 -6.14
N ALA A 1135 30.59 34.53 -5.23
CA ALA A 1135 30.57 33.77 -3.98
C ALA A 1135 29.36 34.13 -3.14
N ARG A 1136 28.93 35.38 -3.19
CA ARG A 1136 27.76 35.82 -2.44
C ARG A 1136 26.49 35.19 -3.01
N TYR A 1137 26.40 35.19 -4.34
CA TYR A 1137 25.24 34.62 -5.01
C TYR A 1137 25.16 33.11 -4.77
N ILE A 1138 26.33 32.48 -4.69
CA ILE A 1138 26.40 31.05 -4.44
C ILE A 1138 25.98 30.73 -3.02
N LYS A 1139 26.51 31.49 -2.07
CA LYS A 1139 26.17 31.29 -0.66
C LYS A 1139 24.69 31.56 -0.40
N GLU A 1140 24.14 32.54 -1.11
CA GLU A 1140 22.73 32.91 -0.93
C GLU A 1140 21.81 31.88 -1.55
N LEU A 1141 22.14 31.41 -2.75
CA LEU A 1141 21.34 30.37 -3.38
C LEU A 1141 21.40 29.08 -2.58
N LYS A 1142 22.56 28.81 -2.00
CA LYS A 1142 22.74 27.62 -1.18
C LYS A 1142 22.01 27.71 0.16
N ALA A 1143 21.94 28.92 0.71
CA ALA A 1143 21.40 29.12 2.06
C ALA A 1143 19.87 29.07 2.12
N TYR A 1144 19.21 29.17 0.98
CA TYR A 1144 17.76 29.24 0.97
C TYR A 1144 17.13 27.89 1.35
N PRO A 1145 16.21 27.91 2.33
CA PRO A 1145 15.58 26.69 2.85
C PRO A 1145 14.33 26.23 2.10
N TYR A 1146 13.44 27.17 1.78
CA TYR A 1146 12.13 26.84 1.22
C TYR A 1146 12.22 26.18 -0.15
N GLY A 1147 11.34 25.21 -0.39
CA GLY A 1147 11.46 24.32 -1.52
C GLY A 1147 10.58 24.57 -2.75
N CYS A 1148 10.06 25.76 -2.90
CA CYS A 1148 9.23 26.10 -4.06
C CYS A 1148 10.03 25.90 -5.35
N LEU A 1149 9.36 25.68 -6.45
CA LEU A 1149 9.97 25.27 -7.71
C LEU A 1149 11.07 26.20 -8.24
N GLU A 1150 10.77 27.51 -8.30
CA GLU A 1150 11.72 28.46 -8.85
C GLU A 1150 12.97 28.56 -8.00
N GLN A 1151 12.78 28.52 -6.68
CA GLN A 1151 13.90 28.56 -5.75
C GLN A 1151 14.73 27.29 -5.85
N THR A 1152 14.07 26.19 -6.18
CA THR A 1152 14.74 24.91 -6.32
C THR A 1152 15.64 24.90 -7.56
N ALA A 1153 15.09 25.36 -8.68
CA ALA A 1153 15.87 25.41 -9.91
C ALA A 1153 17.00 26.43 -9.80
N SER A 1154 16.70 27.59 -9.24
CA SER A 1154 17.68 28.64 -9.06
C SER A 1154 18.79 28.21 -8.11
N GLY A 1155 18.43 27.36 -7.14
CA GLY A 1155 19.41 26.78 -6.24
C GLY A 1155 20.14 25.61 -6.87
N LEU A 1156 19.60 25.12 -7.99
CA LEU A 1156 20.21 24.00 -8.70
C LEU A 1156 21.22 24.43 -9.76
N PHE A 1157 21.05 25.63 -10.30
CA PHE A 1157 22.00 26.15 -11.30
C PHE A 1157 23.47 26.22 -10.81
N PRO A 1158 23.73 26.78 -9.62
CA PRO A 1158 25.12 26.80 -9.17
C PRO A 1158 25.74 25.41 -9.05
N SER A 1159 24.93 24.43 -8.64
CA SER A 1159 25.41 23.05 -8.56
C SER A 1159 25.70 22.51 -9.96
N LEU A 1160 25.00 23.05 -10.94
CA LEU A 1160 25.15 22.62 -12.32
C LEU A 1160 26.41 23.16 -12.98
N TYR A 1161 26.71 24.44 -12.76
CA TYR A 1161 27.81 25.07 -13.48
C TYR A 1161 29.13 25.21 -12.71
N THR A 1162 29.11 24.95 -11.40
CA THR A 1162 30.32 25.07 -10.60
C THR A 1162 31.02 23.73 -10.39
N ASN A 1163 32.28 23.80 -9.99
CA ASN A 1163 33.07 22.61 -9.67
C ASN A 1163 33.90 22.84 -8.41
N ALA A 1164 34.39 21.76 -7.81
CA ALA A 1164 35.08 21.83 -6.53
C ALA A 1164 36.35 22.68 -6.59
N ALA A 1165 37.02 22.69 -7.73
CA ALA A 1165 38.23 23.49 -7.90
C ALA A 1165 37.87 24.97 -8.02
N GLN A 1166 36.85 25.26 -8.83
CA GLN A 1166 36.35 26.61 -9.00
C GLN A 1166 35.76 27.14 -7.70
N LEU A 1167 35.16 26.24 -6.93
CA LEU A 1167 34.55 26.61 -5.66
C LEU A 1167 35.60 26.88 -4.59
N GLN A 1168 36.62 26.02 -4.55
CA GLN A 1168 37.72 26.19 -3.61
C GLN A 1168 38.55 27.43 -3.94
N ALA A 1169 38.61 27.78 -5.22
CA ALA A 1169 39.37 28.94 -5.67
C ALA A 1169 38.75 30.23 -5.13
N LEU A 1170 37.43 30.21 -4.94
CA LEU A 1170 36.72 31.35 -4.38
C LEU A 1170 36.84 31.37 -2.86
N GLY A 1171 37.39 30.29 -2.31
CA GLY A 1171 37.53 30.13 -0.88
C GLY A 1171 36.29 29.54 -0.24
N ILE A 1172 35.27 29.30 -1.05
CA ILE A 1172 34.06 28.63 -0.59
C ILE A 1172 34.35 27.16 -0.28
N LYS A 1173 33.78 26.66 0.82
CA LYS A 1173 33.88 25.25 1.13
C LYS A 1173 32.60 24.54 0.71
N GLY A 1174 32.72 23.29 0.25
CA GLY A 1174 31.56 22.57 -0.24
C GLY A 1174 31.76 21.08 -0.44
N ASP A 1175 30.71 20.42 -0.89
CA ASP A 1175 30.69 18.97 -1.10
C ASP A 1175 31.50 18.54 -2.32
N SER A 1176 31.95 17.29 -2.31
CA SER A 1176 32.70 16.70 -3.41
C SER A 1176 31.83 16.60 -4.67
N ASP A 1177 32.48 16.61 -5.83
CA ASP A 1177 31.77 16.73 -7.11
C ASP A 1177 30.77 15.60 -7.37
N GLU A 1178 31.06 14.41 -6.88
CA GLU A 1178 30.13 13.30 -7.03
C GLU A 1178 28.86 13.56 -6.22
N LYS A 1179 29.04 14.05 -5.00
CA LYS A 1179 27.92 14.41 -4.14
C LYS A 1179 27.15 15.58 -4.74
N ARG A 1180 27.87 16.46 -5.44
CA ARG A 1180 27.23 17.61 -6.07
C ARG A 1180 26.35 17.18 -7.24
N ARG A 1181 26.87 16.28 -8.07
CA ARG A 1181 26.09 15.76 -9.19
C ARG A 1181 24.89 14.96 -8.69
N ALA A 1182 25.08 14.25 -7.58
CA ALA A 1182 23.98 13.53 -6.96
C ALA A 1182 22.91 14.50 -6.46
N SER A 1183 23.37 15.65 -5.97
CA SER A 1183 22.46 16.70 -5.53
C SER A 1183 21.70 17.27 -6.72
N VAL A 1184 22.37 17.33 -7.87
CA VAL A 1184 21.73 17.77 -9.10
C VAL A 1184 20.66 16.77 -9.52
N ASP A 1185 20.94 15.49 -9.32
CA ASP A 1185 19.98 14.45 -9.69
C ASP A 1185 18.74 14.48 -8.81
N ILE A 1186 18.95 14.52 -7.49
CA ILE A 1186 17.85 14.54 -6.55
C ILE A 1186 17.07 15.86 -6.69
N GLY A 1187 17.77 16.91 -7.10
CA GLY A 1187 17.12 18.18 -7.35
C GLY A 1187 16.26 18.14 -8.59
N ILE A 1188 16.72 17.43 -9.61
CA ILE A 1188 15.94 17.24 -10.83
C ILE A 1188 14.69 16.42 -10.51
N SER A 1189 14.83 15.44 -9.63
CA SER A 1189 13.67 14.67 -9.18
C SER A 1189 12.71 15.57 -8.40
N ARG A 1190 13.28 16.50 -7.65
CA ARG A 1190 12.48 17.46 -6.89
C ARG A 1190 11.69 18.36 -7.81
N LEU A 1191 12.28 18.70 -8.95
CA LEU A 1191 11.60 19.51 -9.95
C LEU A 1191 10.51 18.72 -10.66
N LEU A 1192 10.79 17.45 -10.92
CA LEU A 1192 9.83 16.57 -11.57
C LEU A 1192 8.63 16.28 -10.67
N GLN A 1193 8.86 16.38 -9.36
CA GLN A 1193 7.79 16.18 -8.39
C GLN A 1193 6.71 17.27 -8.52
N MET A 1194 7.13 18.45 -8.92
CA MET A 1194 6.22 19.60 -9.01
C MET A 1194 5.42 19.64 -10.31
N GLN A 1195 5.77 18.78 -11.26
CA GLN A 1195 5.18 18.84 -12.60
C GLN A 1195 3.69 18.52 -12.60
N ARG A 1196 2.93 19.33 -13.34
CA ARG A 1196 1.50 19.12 -13.52
C ARG A 1196 1.21 18.01 -14.52
N ASP A 1197 0.03 17.42 -14.43
CA ASP A 1197 -0.39 16.33 -15.31
C ASP A 1197 -0.43 16.75 -16.78
N ASN A 1198 -0.65 18.03 -17.04
CA ASN A 1198 -0.69 18.54 -18.40
C ASN A 1198 0.71 18.78 -18.95
N GLY A 1199 1.72 18.56 -18.11
CA GLY A 1199 3.10 18.78 -18.48
C GLY A 1199 3.61 20.14 -18.07
N GLY A 1200 2.73 20.95 -17.50
CA GLY A 1200 3.13 22.25 -16.98
C GLY A 1200 3.72 22.15 -15.60
N PHE A 1201 4.10 23.29 -15.03
CA PHE A 1201 4.68 23.33 -13.69
C PHE A 1201 3.98 24.35 -12.81
N ALA A 1202 4.02 24.12 -11.49
CA ALA A 1202 3.38 25.02 -10.55
C ALA A 1202 4.34 25.44 -9.44
N LEU A 1203 4.09 26.60 -8.84
CA LEU A 1203 5.00 27.20 -7.89
C LEU A 1203 5.21 26.42 -6.60
N TRP A 1204 4.18 25.68 -6.15
CA TRP A 1204 4.25 25.03 -4.85
C TRP A 1204 3.83 23.56 -4.85
N ASP A 1205 2.77 23.24 -5.59
CA ASP A 1205 2.23 21.89 -5.57
C ASP A 1205 1.68 21.49 -6.94
N LYS A 1206 1.64 20.20 -7.20
CA LYS A 1206 1.19 19.68 -8.49
C LYS A 1206 -0.27 20.01 -8.78
N ASN A 1207 -1.05 20.20 -7.72
CA ASN A 1207 -2.46 20.52 -7.85
C ASN A 1207 -2.71 22.01 -8.08
N GLY A 1208 -1.65 22.81 -7.98
CA GLY A 1208 -1.77 24.25 -8.08
C GLY A 1208 -1.85 24.77 -9.51
N ASP A 1209 -2.09 26.06 -9.65
CA ASP A 1209 -2.19 26.70 -10.96
C ASP A 1209 -0.88 26.66 -11.72
N GLU A 1210 -0.96 26.46 -13.03
CA GLU A 1210 0.22 26.39 -13.87
C GLU A 1210 0.97 27.73 -13.89
N GLU A 1211 2.30 27.65 -13.84
CA GLU A 1211 3.13 28.84 -13.95
C GLU A 1211 3.95 28.75 -15.24
N TYR A 1212 3.50 29.48 -16.26
CA TYR A 1212 4.04 29.32 -17.61
C TYR A 1212 5.51 29.72 -17.74
N TRP A 1213 5.85 30.90 -17.22
CA TRP A 1213 7.22 31.37 -17.29
C TRP A 1213 8.16 30.49 -16.48
N LEU A 1214 7.67 30.04 -15.32
CA LEU A 1214 8.44 29.10 -14.51
C LEU A 1214 8.52 27.73 -15.18
N THR A 1215 7.51 27.39 -15.97
CA THR A 1215 7.53 26.13 -16.71
C THR A 1215 8.64 26.18 -17.75
N ALA A 1216 8.74 27.30 -18.45
CA ALA A 1216 9.80 27.50 -19.42
C ALA A 1216 11.16 27.58 -18.74
N TYR A 1217 11.17 28.07 -17.50
CA TYR A 1217 12.41 28.18 -16.73
C TYR A 1217 12.93 26.80 -16.35
N VAL A 1218 12.05 25.96 -15.83
CA VAL A 1218 12.41 24.59 -15.49
C VAL A 1218 12.76 23.80 -16.74
N MET A 1219 12.10 24.11 -17.84
CA MET A 1219 12.44 23.47 -19.11
C MET A 1219 13.85 23.87 -19.56
N ASP A 1220 14.21 25.11 -19.27
CA ASP A 1220 15.54 25.60 -19.64
C ASP A 1220 16.60 24.92 -18.80
N PHE A 1221 16.37 24.84 -17.49
CA PHE A 1221 17.33 24.19 -16.61
C PHE A 1221 17.44 22.70 -16.91
N LEU A 1222 16.33 22.07 -17.29
CA LEU A 1222 16.36 20.65 -17.60
C LEU A 1222 17.10 20.37 -18.90
N VAL A 1223 16.92 21.26 -19.88
CA VAL A 1223 17.61 21.12 -21.15
C VAL A 1223 19.11 21.30 -20.95
N ARG A 1224 19.49 22.38 -20.26
CA ARG A 1224 20.90 22.65 -20.02
C ARG A 1224 21.54 21.59 -19.13
N ALA A 1225 20.77 21.02 -18.21
CA ALA A 1225 21.24 19.91 -17.40
C ALA A 1225 21.44 18.67 -18.26
N GLY A 1226 20.64 18.55 -19.32
CA GLY A 1226 20.80 17.45 -20.26
C GLY A 1226 22.03 17.67 -21.11
N GLU A 1227 22.37 18.93 -21.34
CA GLU A 1227 23.60 19.27 -22.06
C GLU A 1227 24.84 18.94 -21.21
N GLN A 1228 24.67 18.93 -19.90
CA GLN A 1228 25.75 18.63 -18.98
C GLN A 1228 25.88 17.11 -18.77
N GLY A 1229 24.98 16.36 -19.39
CA GLY A 1229 25.01 14.91 -19.31
C GLY A 1229 24.15 14.28 -18.24
N TYR A 1230 23.52 15.10 -17.41
CA TYR A 1230 22.58 14.58 -16.42
C TYR A 1230 21.35 14.00 -17.12
N SER A 1231 20.87 12.86 -16.62
CA SER A 1231 19.73 12.19 -17.23
C SER A 1231 18.39 12.79 -16.80
N VAL A 1232 17.49 12.95 -17.76
CA VAL A 1232 16.11 13.35 -17.47
C VAL A 1232 15.18 12.43 -18.24
N PRO A 1233 14.01 12.10 -17.67
CA PRO A 1233 13.04 11.30 -18.44
C PRO A 1233 12.59 12.02 -19.71
N THR A 1234 12.42 11.28 -20.80
CA THR A 1234 12.01 11.86 -22.07
C THR A 1234 10.58 12.39 -22.04
N ASP A 1235 9.71 11.74 -21.26
CA ASP A 1235 8.30 12.09 -21.22
C ASP A 1235 8.07 13.48 -20.65
N ALA A 1236 8.89 13.87 -19.68
CA ALA A 1236 8.75 15.17 -19.05
C ALA A 1236 9.19 16.28 -19.98
N ILE A 1237 10.32 16.07 -20.65
CA ILE A 1237 10.84 17.03 -21.62
C ILE A 1237 9.88 17.16 -22.80
N ASN A 1238 9.25 16.05 -23.17
CA ASN A 1238 8.30 16.06 -24.28
C ASN A 1238 7.02 16.81 -23.93
N ARG A 1239 6.46 16.51 -22.76
CA ARG A 1239 5.25 17.21 -22.31
C ARG A 1239 5.52 18.70 -22.08
N GLY A 1240 6.71 19.01 -21.59
CA GLY A 1240 7.06 20.40 -21.34
C GLY A 1240 7.29 21.17 -22.63
N ASN A 1241 7.88 20.51 -23.61
CA ASN A 1241 8.05 21.11 -24.93
C ASN A 1241 6.70 21.30 -25.61
N GLU A 1242 5.78 20.38 -25.33
CA GLU A 1242 4.41 20.53 -25.82
C GLU A 1242 3.74 21.73 -25.16
N ARG A 1243 4.08 21.96 -23.90
CA ARG A 1243 3.54 23.11 -23.18
C ARG A 1243 4.08 24.42 -23.73
N LEU A 1244 5.38 24.44 -24.04
CA LEU A 1244 5.98 25.64 -24.61
C LEU A 1244 5.43 25.91 -26.01
N LEU A 1245 5.21 24.83 -26.77
CA LEU A 1245 4.64 24.96 -28.10
C LEU A 1245 3.21 25.48 -28.01
N ARG A 1246 2.51 25.08 -26.94
CA ARG A 1246 1.18 25.62 -26.67
C ARG A 1246 1.27 27.09 -26.30
N TYR A 1247 2.35 27.47 -25.63
CA TYR A 1247 2.56 28.88 -25.29
C TYR A 1247 2.81 29.70 -26.54
N LEU A 1248 3.43 29.09 -27.54
CA LEU A 1248 3.73 29.81 -28.78
C LEU A 1248 2.51 29.91 -29.69
N GLN A 1249 1.78 28.81 -29.81
CA GLN A 1249 0.67 28.73 -30.76
C GLN A 1249 -0.66 29.21 -30.19
N ASP A 1250 -0.82 29.08 -28.87
CA ASP A 1250 -2.07 29.49 -28.23
C ASP A 1250 -1.82 30.37 -27.00
N PRO A 1251 -1.46 31.64 -27.23
CA PRO A 1251 -1.22 32.62 -26.17
C PRO A 1251 -2.43 32.84 -25.25
N GLY A 1252 -3.62 32.76 -25.81
CA GLY A 1252 -4.82 33.18 -25.10
C GLY A 1252 -5.32 32.21 -24.04
N MET A 1253 -4.87 30.96 -24.09
CA MET A 1253 -5.27 29.98 -23.07
C MET A 1253 -4.64 30.33 -21.71
N MET A 1254 -3.52 31.04 -21.75
CA MET A 1254 -2.79 31.40 -20.54
C MET A 1254 -3.59 32.34 -19.65
N SER A 1255 -3.48 32.15 -18.34
CA SER A 1255 -4.18 32.99 -17.37
C SER A 1255 -3.22 33.48 -16.29
N ILE A 1256 -3.01 34.79 -16.24
CA ILE A 1256 -2.12 35.39 -15.26
C ILE A 1256 -2.84 36.53 -14.56
N PRO A 1257 -3.74 36.19 -13.63
CA PRO A 1257 -4.67 37.13 -12.98
C PRO A 1257 -3.99 38.28 -12.25
N TYR A 1258 -2.82 38.05 -11.66
CA TYR A 1258 -2.14 39.08 -10.89
C TYR A 1258 -1.39 40.08 -11.76
N ALA A 1259 -1.22 39.75 -13.04
CA ALA A 1259 -0.53 40.64 -13.97
C ALA A 1259 -1.34 41.91 -14.24
N ASP A 1260 -0.66 43.05 -14.29
CA ASP A 1260 -1.30 44.31 -14.63
C ASP A 1260 -1.35 44.51 -16.14
N ASN A 1261 -0.26 44.13 -16.80
CA ASN A 1261 -0.17 44.17 -18.25
C ASN A 1261 -0.08 42.76 -18.82
N LEU A 1262 -1.23 42.20 -19.19
CA LEU A 1262 -1.30 40.82 -19.63
C LEU A 1262 -0.52 40.56 -20.91
N LYS A 1263 -0.49 41.54 -21.80
CA LYS A 1263 0.20 41.38 -23.08
C LYS A 1263 1.71 41.26 -22.91
N ALA A 1264 2.27 42.05 -22.00
CA ALA A 1264 3.70 41.99 -21.71
C ALA A 1264 4.08 40.66 -21.09
N SER A 1265 3.18 40.12 -20.28
CA SER A 1265 3.42 38.84 -19.61
C SER A 1265 3.38 37.70 -20.62
N LYS A 1266 2.36 37.71 -21.47
CA LYS A 1266 2.24 36.69 -22.51
C LYS A 1266 3.41 36.79 -23.48
N PHE A 1267 3.87 38.00 -23.74
CA PHE A 1267 5.01 38.19 -24.62
C PHE A 1267 6.30 37.67 -23.99
N ALA A 1268 6.43 37.85 -22.68
CA ALA A 1268 7.61 37.37 -21.97
C ALA A 1268 7.64 35.84 -21.96
N VAL A 1269 6.49 35.24 -21.69
CA VAL A 1269 6.38 33.79 -21.67
C VAL A 1269 6.64 33.20 -23.04
N GLN A 1270 6.04 33.83 -24.07
CA GLN A 1270 6.21 33.37 -25.44
C GLN A 1270 7.65 33.50 -25.90
N SER A 1271 8.31 34.56 -25.45
CA SER A 1271 9.69 34.81 -25.86
C SER A 1271 10.65 33.83 -25.21
N TYR A 1272 10.49 33.63 -23.89
CA TYR A 1272 11.38 32.73 -23.18
C TYR A 1272 11.16 31.29 -23.62
N ALA A 1273 9.90 30.93 -23.85
CA ALA A 1273 9.59 29.61 -24.40
C ALA A 1273 10.15 29.47 -25.80
N ALA A 1274 10.16 30.57 -26.55
CA ALA A 1274 10.72 30.57 -27.89
C ALA A 1274 12.22 30.31 -27.84
N LEU A 1275 12.87 30.82 -26.79
CA LEU A 1275 14.30 30.62 -26.63
C LEU A 1275 14.60 29.17 -26.23
N VAL A 1276 13.86 28.67 -25.26
CA VAL A 1276 14.08 27.31 -24.77
C VAL A 1276 13.80 26.28 -25.87
N LEU A 1277 12.82 26.57 -26.73
CA LEU A 1277 12.52 25.69 -27.85
C LEU A 1277 13.54 25.84 -28.97
N ALA A 1278 14.00 27.07 -29.21
CA ALA A 1278 14.98 27.31 -30.26
C ALA A 1278 16.31 26.64 -29.95
N ARG A 1279 16.66 26.55 -28.67
CA ARG A 1279 17.87 25.85 -28.27
C ARG A 1279 17.78 24.36 -28.59
N GLN A 1280 16.55 23.84 -28.58
CA GLN A 1280 16.29 22.46 -28.93
C GLN A 1280 16.00 22.28 -30.41
N GLN A 1281 16.01 23.40 -31.15
CA GLN A 1281 15.65 23.43 -32.57
C GLN A 1281 14.24 22.90 -32.80
N LYS A 1282 13.34 23.19 -31.86
CA LYS A 1282 11.95 22.72 -31.96
C LYS A 1282 10.96 23.85 -32.17
N ALA A 1283 11.46 25.09 -32.29
CA ALA A 1283 10.58 26.25 -32.45
C ALA A 1283 10.35 26.58 -33.92
N PRO A 1284 9.08 26.53 -34.36
CA PRO A 1284 8.72 26.90 -35.74
C PRO A 1284 9.02 28.37 -36.03
N LEU A 1285 9.45 28.68 -37.25
CA LEU A 1285 9.77 30.05 -37.61
C LEU A 1285 8.55 30.98 -37.64
N GLY A 1286 7.40 30.42 -38.01
CA GLY A 1286 6.21 31.23 -38.19
C GLY A 1286 5.67 31.78 -36.87
N ALA A 1287 5.76 30.97 -35.82
CA ALA A 1287 5.35 31.40 -34.50
C ALA A 1287 6.27 32.51 -34.00
N LEU A 1288 7.57 32.37 -34.25
CA LEU A 1288 8.53 33.37 -33.84
C LEU A 1288 8.32 34.68 -34.59
N ARG A 1289 7.93 34.57 -35.84
CA ARG A 1289 7.64 35.76 -36.64
C ARG A 1289 6.36 36.45 -36.16
N GLU A 1290 5.36 35.64 -35.81
CA GLU A 1290 4.10 36.18 -35.30
C GLU A 1290 4.31 36.88 -33.95
N ILE A 1291 5.17 36.31 -33.12
CA ILE A 1291 5.54 36.95 -31.85
C ILE A 1291 6.33 38.22 -32.14
N TRP A 1292 7.12 38.19 -33.20
CA TRP A 1292 7.91 39.36 -33.60
C TRP A 1292 7.02 40.50 -34.08
N GLU A 1293 5.85 40.15 -34.63
CA GLU A 1293 4.89 41.15 -35.08
C GLU A 1293 4.36 41.99 -33.92
N HIS A 1294 4.34 41.39 -32.73
CA HIS A 1294 3.84 42.08 -31.54
C HIS A 1294 4.96 42.48 -30.59
N ARG A 1295 6.05 43.00 -31.15
CA ARG A 1295 7.21 43.40 -30.37
C ARG A 1295 6.91 44.55 -29.42
N ALA A 1296 5.90 45.34 -29.77
CA ALA A 1296 5.51 46.50 -28.96
C ALA A 1296 4.98 46.11 -27.59
N ASP A 1297 4.47 44.89 -27.49
CA ASP A 1297 3.86 44.39 -26.25
C ASP A 1297 4.87 44.27 -25.11
N ALA A 1298 6.15 44.12 -25.45
CA ALA A 1298 7.18 43.89 -24.44
C ALA A 1298 7.33 45.08 -23.49
N ALA A 1299 7.49 44.77 -22.20
CA ALA A 1299 7.72 45.79 -21.19
C ALA A 1299 9.18 45.80 -20.75
N SER A 1300 9.97 44.92 -21.37
CA SER A 1300 11.39 44.80 -21.05
C SER A 1300 12.16 44.29 -22.27
N GLY A 1301 13.46 44.56 -22.31
CA GLY A 1301 14.27 44.14 -23.43
C GLY A 1301 14.67 42.68 -23.41
N LEU A 1302 14.57 42.06 -22.24
CA LEU A 1302 14.94 40.64 -22.10
C LEU A 1302 14.12 39.71 -23.01
N PRO A 1303 12.78 39.80 -22.99
CA PRO A 1303 12.03 38.97 -23.95
C PRO A 1303 12.40 39.24 -25.41
N LEU A 1304 12.70 40.48 -25.74
CA LEU A 1304 13.10 40.83 -27.09
C LEU A 1304 14.44 40.19 -27.46
N LEU A 1305 15.32 40.08 -26.48
CA LEU A 1305 16.63 39.49 -26.71
C LEU A 1305 16.51 37.97 -26.86
N GLN A 1306 15.71 37.36 -26.00
CA GLN A 1306 15.49 35.91 -26.09
C GLN A 1306 14.81 35.56 -27.40
N LEU A 1307 13.88 36.40 -27.83
CA LEU A 1307 13.21 36.23 -29.11
C LEU A 1307 14.18 36.43 -30.27
N GLY A 1308 15.16 37.31 -30.09
CA GLY A 1308 16.15 37.55 -31.13
C GLY A 1308 17.12 36.41 -31.28
N VAL A 1309 17.49 35.80 -30.16
CA VAL A 1309 18.33 34.60 -30.20
C VAL A 1309 17.54 33.45 -30.79
N ALA A 1310 16.26 33.39 -30.45
CA ALA A 1310 15.37 32.35 -30.97
C ALA A 1310 15.19 32.48 -32.47
N LEU A 1311 15.20 33.70 -32.97
CA LEU A 1311 15.05 33.96 -34.40
C LEU A 1311 16.33 33.67 -35.14
N LYS A 1312 17.45 34.14 -34.58
CA LYS A 1312 18.75 33.93 -35.22
C LYS A 1312 19.14 32.46 -35.24
N THR A 1313 18.71 31.71 -34.23
CA THR A 1313 19.00 30.28 -34.16
C THR A 1313 18.29 29.50 -35.26
N MET A 1314 17.12 29.99 -35.67
CA MET A 1314 16.30 29.31 -36.67
C MET A 1314 16.59 29.81 -38.08
N GLY A 1315 17.61 30.66 -38.20
CA GLY A 1315 18.03 31.16 -39.50
C GLY A 1315 17.38 32.46 -39.96
N ASP A 1316 16.44 32.97 -39.17
CA ASP A 1316 15.87 34.29 -39.45
C ASP A 1316 16.76 35.36 -38.85
N ALA A 1317 17.94 35.52 -39.42
CA ALA A 1317 18.97 36.40 -38.86
C ALA A 1317 18.57 37.89 -38.88
N THR A 1318 17.74 38.28 -39.83
CA THR A 1318 17.38 39.69 -39.96
C THR A 1318 16.45 40.16 -38.84
N ARG A 1319 15.35 39.43 -38.64
CA ARG A 1319 14.40 39.75 -37.58
C ARG A 1319 15.04 39.58 -36.21
N GLY A 1320 15.95 38.62 -36.11
CA GLY A 1320 16.64 38.38 -34.86
C GLY A 1320 17.62 39.49 -34.56
N GLU A 1321 18.28 40.01 -35.59
CA GLU A 1321 19.19 41.14 -35.41
C GLU A 1321 18.41 42.38 -35.02
N GLU A 1322 17.24 42.56 -35.61
CA GLU A 1322 16.37 43.68 -35.25
C GLU A 1322 15.89 43.56 -33.81
N ALA A 1323 15.66 42.33 -33.37
CA ALA A 1323 15.19 42.09 -32.02
C ALA A 1323 16.29 42.32 -30.99
N ILE A 1324 17.49 41.82 -31.29
CA ILE A 1324 18.64 42.00 -30.41
C ILE A 1324 19.02 43.48 -30.33
N ALA A 1325 18.85 44.19 -31.45
CA ALA A 1325 19.13 45.62 -31.47
C ALA A 1325 18.11 46.39 -30.66
N LEU A 1326 16.84 46.04 -30.83
CA LEU A 1326 15.76 46.69 -30.09
C LEU A 1326 15.82 46.40 -28.59
N ALA A 1327 16.36 45.23 -28.23
CA ALA A 1327 16.32 44.76 -26.85
C ALA A 1327 17.12 45.63 -25.90
N LEU A 1328 18.22 46.23 -26.38
CA LEU A 1328 19.05 47.08 -25.54
C LEU A 1328 18.52 48.50 -25.48
N LYS A 1329 17.53 48.79 -26.32
CA LYS A 1329 16.98 50.15 -26.41
C LYS A 1329 15.63 50.25 -25.70
N THR A 1330 15.24 49.18 -25.00
CA THR A 1330 13.93 49.13 -24.34
C THR A 1330 14.05 48.73 -22.88
N PRO A 1331 14.44 49.67 -22.02
CA PRO A 1331 14.63 49.42 -20.58
C PRO A 1331 13.35 49.00 -19.86
N ARG A 1332 13.48 48.12 -18.88
CA ARG A 1332 12.36 47.68 -18.05
C ARG A 1332 11.84 48.84 -17.19
N ASN A 1333 10.53 48.88 -16.98
CA ASN A 1333 9.93 49.92 -16.16
C ASN A 1333 10.43 49.86 -14.71
N SER A 1334 10.70 51.02 -14.13
CA SER A 1334 11.24 51.10 -12.77
C SER A 1334 10.16 50.95 -11.70
N ASP A 1335 8.90 50.95 -12.12
CA ASP A 1335 7.79 50.87 -11.18
C ASP A 1335 7.57 49.42 -10.75
N GLU A 1336 8.01 49.11 -9.53
CA GLU A 1336 7.93 47.77 -8.98
C GLU A 1336 6.49 47.30 -8.77
N ARG A 1337 5.58 48.25 -8.62
CA ARG A 1337 4.17 47.95 -8.37
C ARG A 1337 3.52 47.24 -9.57
N ILE A 1338 4.11 47.41 -10.74
CA ILE A 1338 3.60 46.79 -11.96
C ILE A 1338 4.07 45.34 -12.06
N TRP A 1339 3.22 44.41 -11.63
CA TRP A 1339 3.55 42.99 -11.64
C TRP A 1339 3.47 42.40 -13.05
N LEU A 1340 4.59 41.88 -13.54
CA LEU A 1340 4.63 41.25 -14.85
C LEU A 1340 4.44 39.73 -14.77
N GLY A 1341 4.79 39.15 -13.62
CA GLY A 1341 4.68 37.72 -13.43
C GLY A 1341 5.88 36.95 -13.95
N ASP A 1342 6.86 37.68 -14.48
CA ASP A 1342 8.06 37.07 -15.02
C ASP A 1342 9.10 36.81 -13.93
N TYR A 1343 8.77 37.22 -12.71
CA TYR A 1343 9.67 37.09 -11.55
C TYR A 1343 10.98 37.82 -11.78
N GLY A 1344 10.92 38.94 -12.49
CA GLY A 1344 12.12 39.67 -12.85
C GLY A 1344 12.23 41.07 -12.29
N SER A 1345 13.34 41.72 -12.62
CA SER A 1345 13.61 43.11 -12.24
C SER A 1345 14.65 43.66 -13.18
N SER A 1346 14.91 44.96 -13.12
CA SER A 1346 15.87 45.59 -14.02
C SER A 1346 17.27 44.99 -13.82
N LEU A 1347 17.58 44.61 -12.59
CA LEU A 1347 18.84 43.96 -12.27
C LEU A 1347 18.92 42.57 -12.88
N ARG A 1348 17.87 41.79 -12.66
CA ARG A 1348 17.80 40.42 -13.18
C ARG A 1348 17.78 40.45 -14.71
N ASP A 1349 17.10 41.45 -15.26
CA ASP A 1349 17.00 41.57 -16.71
C ASP A 1349 18.34 41.96 -17.31
N ASN A 1350 19.03 42.92 -16.70
CA ASN A 1350 20.34 43.32 -17.20
C ASN A 1350 21.37 42.20 -17.10
N ALA A 1351 21.27 41.40 -16.03
CA ALA A 1351 22.21 40.30 -15.84
C ALA A 1351 21.95 39.18 -16.83
N LEU A 1352 20.69 38.79 -16.96
CA LEU A 1352 20.32 37.70 -17.86
C LEU A 1352 20.58 38.09 -19.31
N MET A 1353 20.33 39.36 -19.64
CA MET A 1353 20.64 39.87 -20.97
C MET A 1353 22.14 39.93 -21.20
N LEU A 1354 22.92 40.18 -20.15
CA LEU A 1354 24.36 40.19 -20.28
C LEU A 1354 24.88 38.79 -20.59
N SER A 1355 24.37 37.81 -19.87
CA SER A 1355 24.77 36.42 -20.10
C SER A 1355 24.32 35.95 -21.48
N LEU A 1356 23.14 36.38 -21.90
CA LEU A 1356 22.62 36.03 -23.22
C LEU A 1356 23.44 36.67 -24.34
N LEU A 1357 23.97 37.86 -24.07
CA LEU A 1357 24.79 38.55 -25.05
C LEU A 1357 26.16 37.89 -25.18
N GLU A 1358 26.79 37.61 -24.05
CA GLU A 1358 28.11 36.99 -24.07
C GLU A 1358 28.07 35.55 -24.60
N GLU A 1359 26.99 34.84 -24.31
CA GLU A 1359 26.87 33.45 -24.74
C GLU A 1359 26.77 33.33 -26.26
N ASN A 1360 26.15 34.32 -26.89
CA ASN A 1360 25.97 34.31 -28.34
C ASN A 1360 26.91 35.28 -29.04
N LYS A 1361 27.83 35.86 -28.27
CA LYS A 1361 28.84 36.78 -28.78
C LYS A 1361 28.23 37.98 -29.50
N LEU A 1362 27.08 38.44 -29.01
CA LEU A 1362 26.37 39.55 -29.64
C LEU A 1362 26.77 40.90 -29.07
N LEU A 1363 27.02 41.86 -29.96
CA LEU A 1363 27.29 43.25 -29.60
C LEU A 1363 28.30 43.43 -28.46
N PRO A 1364 29.58 43.15 -28.72
CA PRO A 1364 30.63 43.26 -27.70
C PRO A 1364 30.75 44.66 -27.11
N ASP A 1365 30.49 45.68 -27.93
CA ASP A 1365 30.63 47.06 -27.49
C ASP A 1365 29.64 47.43 -26.39
N GLU A 1366 28.44 46.86 -26.46
CA GLU A 1366 27.41 47.13 -25.46
C GLU A 1366 27.62 46.33 -24.18
N GLN A 1367 28.35 45.22 -24.31
CA GLN A 1367 28.57 44.32 -23.17
C GLN A 1367 29.37 44.97 -22.06
N TYR A 1368 30.27 45.89 -22.44
CA TYR A 1368 31.11 46.55 -21.45
C TYR A 1368 30.33 47.57 -20.64
N THR A 1369 29.51 48.36 -21.32
CA THR A 1369 28.66 49.34 -20.64
C THR A 1369 27.61 48.64 -19.79
N LEU A 1370 27.06 47.55 -20.32
CA LEU A 1370 26.07 46.77 -19.58
C LEU A 1370 26.70 46.12 -18.36
N LEU A 1371 27.97 45.76 -18.48
CA LEU A 1371 28.70 45.14 -17.38
C LEU A 1371 29.02 46.16 -16.30
N ASN A 1372 29.45 47.35 -16.72
CA ASN A 1372 29.73 48.42 -15.76
C ASN A 1372 28.48 48.88 -15.03
N THR A 1373 27.36 48.89 -15.75
CA THR A 1373 26.09 49.30 -15.15
C THR A 1373 25.60 48.24 -14.17
N LEU A 1374 25.64 46.98 -14.62
CA LEU A 1374 25.19 45.88 -13.77
C LEU A 1374 26.04 45.76 -12.52
N SER A 1375 27.35 45.97 -12.68
CA SER A 1375 28.26 45.93 -11.54
C SER A 1375 28.01 47.10 -10.61
N GLN A 1376 27.69 48.26 -11.18
CA GLN A 1376 27.39 49.44 -10.36
C GLN A 1376 26.10 49.28 -9.56
N GLN A 1377 25.13 48.56 -10.12
CA GLN A 1377 23.83 48.45 -9.46
C GLN A 1377 23.65 47.21 -8.58
N ALA A 1378 24.45 46.16 -8.82
CA ALA A 1378 24.23 44.90 -8.14
C ALA A 1378 24.74 44.86 -6.70
N PHE A 1379 25.94 45.41 -6.47
CA PHE A 1379 26.60 45.26 -5.18
C PHE A 1379 25.89 45.97 -4.03
N GLY A 1380 25.16 47.05 -4.35
CA GLY A 1380 24.59 47.89 -3.31
C GLY A 1380 23.32 47.38 -2.66
N GLU A 1381 22.68 46.39 -3.28
CA GLU A 1381 21.43 45.83 -2.74
C GLU A 1381 21.67 45.09 -1.42
N ARG A 1382 20.79 45.31 -0.46
CA ARG A 1382 20.87 44.62 0.82
C ARG A 1382 20.19 43.25 0.75
N TRP A 1383 19.12 43.16 -0.02
CA TRP A 1383 18.39 41.91 -0.18
C TRP A 1383 18.24 41.57 -1.66
N LEU A 1384 18.24 40.28 -1.97
CA LEU A 1384 18.11 39.83 -3.35
C LEU A 1384 17.23 38.59 -3.45
N SER A 1385 16.38 38.56 -4.48
CA SER A 1385 15.57 37.38 -4.77
C SER A 1385 16.46 36.29 -5.35
N THR A 1386 16.04 35.04 -5.19
CA THR A 1386 16.82 33.91 -5.69
C THR A 1386 17.00 33.97 -7.20
N GLN A 1387 16.01 34.55 -7.89
CA GLN A 1387 16.10 34.73 -9.32
C GLN A 1387 17.20 35.72 -9.69
N GLU A 1388 17.23 36.84 -8.98
CA GLU A 1388 18.25 37.85 -9.18
C GLU A 1388 19.63 37.31 -8.82
N SER A 1389 19.68 36.49 -7.77
CA SER A 1389 20.93 35.88 -7.35
C SER A 1389 21.43 34.90 -8.39
N ASN A 1390 20.50 34.24 -9.07
CA ASN A 1390 20.84 33.27 -10.10
C ASN A 1390 21.33 33.96 -11.37
N ALA A 1391 20.63 35.01 -11.79
CA ALA A 1391 21.03 35.75 -12.96
C ALA A 1391 22.38 36.45 -12.74
N LEU A 1392 22.57 36.95 -11.52
CA LEU A 1392 23.86 37.54 -11.15
C LEU A 1392 24.94 36.48 -11.06
N PHE A 1393 24.54 35.26 -10.73
CA PHE A 1393 25.49 34.14 -10.69
C PHE A 1393 25.96 33.78 -12.09
N LEU A 1394 25.02 33.68 -13.02
CA LEU A 1394 25.36 33.39 -14.42
C LEU A 1394 26.17 34.53 -15.03
N ALA A 1395 25.85 35.76 -14.63
CA ALA A 1395 26.58 36.92 -15.13
C ALA A 1395 28.00 36.96 -14.61
N ALA A 1396 28.18 36.63 -13.33
CA ALA A 1396 29.50 36.56 -12.74
C ALA A 1396 30.30 35.41 -13.34
N ARG A 1397 29.62 34.31 -13.64
CA ARG A 1397 30.25 33.16 -14.28
C ARG A 1397 30.71 33.53 -15.68
N THR A 1398 29.96 34.43 -16.31
CA THR A 1398 30.31 34.94 -17.64
C THR A 1398 31.62 35.72 -17.61
N ILE A 1399 31.88 36.41 -16.49
CA ILE A 1399 33.02 37.32 -16.41
C ILE A 1399 34.11 36.85 -15.44
N GLN A 1400 34.05 35.60 -14.99
CA GLN A 1400 35.01 35.10 -14.00
C GLN A 1400 36.45 35.10 -14.50
N ASP A 1401 36.64 34.94 -15.80
CA ASP A 1401 37.98 34.92 -16.36
C ASP A 1401 38.23 36.12 -17.27
N LEU A 1402 37.83 37.31 -16.81
CA LEU A 1402 38.09 38.54 -17.54
C LEU A 1402 39.43 39.13 -17.13
N PRO A 1403 40.34 39.31 -18.11
CA PRO A 1403 41.67 39.85 -17.85
C PRO A 1403 41.65 41.27 -17.30
N GLY A 1404 42.58 41.59 -16.40
CA GLY A 1404 42.65 42.91 -15.80
C GLY A 1404 43.67 42.96 -14.68
N LYS A 1405 44.87 43.45 -14.99
CA LYS A 1405 45.94 43.57 -14.01
C LYS A 1405 45.58 44.56 -12.90
N TRP A 1406 45.98 44.23 -11.68
CA TRP A 1406 45.71 45.11 -10.53
C TRP A 1406 46.69 44.86 -9.40
N GLN A 1407 46.90 45.90 -8.59
CA GLN A 1407 47.76 45.82 -7.41
C GLN A 1407 47.08 46.51 -6.24
N ALA A 1408 47.39 46.07 -5.01
CA ALA A 1408 46.75 46.63 -3.83
C ALA A 1408 47.61 46.48 -2.58
N GLN A 1409 47.36 47.32 -1.57
CA GLN A 1409 48.08 47.25 -0.31
C GLN A 1409 47.11 47.13 0.86
N THR A 1410 46.65 45.91 1.11
CA THR A 1410 45.66 45.66 2.16
C THR A 1410 46.26 45.70 3.57
N SER A 1411 45.43 46.07 4.54
CA SER A 1411 45.85 46.15 5.93
C SER A 1411 46.18 44.77 6.54
N PHE A 1412 45.53 43.73 6.05
CA PHE A 1412 45.69 42.40 6.65
C PHE A 1412 46.91 41.64 6.14
N SER A 1413 47.61 42.21 5.17
CA SER A 1413 48.81 41.57 4.64
C SER A 1413 49.95 42.57 4.43
N ALA A 1414 51.16 42.16 4.76
CA ALA A 1414 52.34 43.00 4.59
C ALA A 1414 52.79 42.99 3.13
N GLU A 1415 52.79 41.81 2.52
CA GLU A 1415 53.14 41.67 1.11
C GLU A 1415 52.07 42.33 0.23
N GLN A 1416 52.50 43.02 -0.81
CA GLN A 1416 51.57 43.66 -1.73
C GLN A 1416 50.72 42.64 -2.47
N LEU A 1417 49.43 42.88 -2.56
CA LEU A 1417 48.53 42.06 -3.36
C LEU A 1417 48.62 42.42 -4.84
N THR A 1418 48.39 41.43 -5.70
CA THR A 1418 48.42 41.65 -7.14
C THR A 1418 47.65 40.54 -7.86
N GLY A 1419 47.18 40.83 -9.07
CA GLY A 1419 46.46 39.82 -9.83
C GLY A 1419 46.16 40.20 -11.27
N GLU A 1420 46.24 39.20 -12.16
CA GLU A 1420 45.89 39.40 -13.56
C GLU A 1420 44.39 39.29 -13.78
N LYS A 1421 43.66 38.91 -12.74
CA LYS A 1421 42.22 38.74 -12.80
C LYS A 1421 41.61 39.00 -11.43
N ALA A 1422 40.28 39.06 -11.38
CA ALA A 1422 39.58 39.32 -10.13
C ALA A 1422 39.87 38.23 -9.11
N GLN A 1423 40.07 38.64 -7.86
CA GLN A 1423 40.38 37.68 -6.79
C GLN A 1423 39.53 37.96 -5.56
N ASN A 1424 39.08 36.89 -4.90
CA ASN A 1424 38.22 37.03 -3.73
C ASN A 1424 38.83 36.40 -2.48
N SER A 1425 39.44 37.22 -1.64
CA SER A 1425 40.05 36.73 -0.41
C SER A 1425 39.08 36.74 0.75
N ASN A 1426 39.00 35.65 1.50
CA ASN A 1426 38.16 35.56 2.68
C ASN A 1426 38.77 36.34 3.85
N LEU A 1427 37.92 36.85 4.73
CA LEU A 1427 38.38 37.62 5.87
C LEU A 1427 37.61 37.29 7.15
N ASN A 1428 38.34 37.15 8.25
CA ASN A 1428 37.73 36.97 9.56
C ASN A 1428 37.38 38.32 10.17
N SER A 1429 36.61 38.31 11.25
CA SER A 1429 36.11 39.56 11.83
C SER A 1429 37.23 40.48 12.31
N ASP A 1430 38.33 39.90 12.77
CA ASP A 1430 39.46 40.69 13.24
C ASP A 1430 40.07 41.51 12.10
N GLN A 1431 40.18 40.89 10.93
CA GLN A 1431 40.64 41.58 9.74
C GLN A 1431 39.60 42.60 9.25
N LEU A 1432 38.33 42.30 9.52
CA LEU A 1432 37.24 43.16 9.06
C LEU A 1432 37.13 44.47 9.85
N VAL A 1433 37.39 44.41 11.16
CA VAL A 1433 37.29 45.59 12.00
C VAL A 1433 38.31 46.66 11.61
N THR A 1434 39.49 46.21 11.16
CA THR A 1434 40.57 47.11 10.82
C THR A 1434 40.88 47.13 9.33
N LEU A 1435 39.93 46.66 8.52
CA LEU A 1435 40.14 46.53 7.08
C LEU A 1435 40.39 47.88 6.41
N GLN A 1436 41.34 47.90 5.48
CA GLN A 1436 41.71 49.10 4.75
C GLN A 1436 42.51 48.74 3.51
N VAL A 1437 42.03 49.16 2.35
CA VAL A 1437 42.67 48.79 1.08
C VAL A 1437 43.09 49.99 0.24
N SER A 1438 44.37 50.08 -0.07
CA SER A 1438 44.89 51.16 -0.92
C SER A 1438 45.24 50.67 -2.31
N ASN A 1439 45.02 51.52 -3.31
CA ASN A 1439 45.36 51.19 -4.69
C ASN A 1439 46.79 51.58 -5.04
N SER A 1440 47.71 50.64 -4.89
CA SER A 1440 49.12 50.89 -5.15
C SER A 1440 49.46 50.84 -6.64
N GLY A 1441 48.51 50.38 -7.45
CA GLY A 1441 48.73 50.24 -8.88
C GLY A 1441 48.64 51.54 -9.66
N ASP A 1442 49.10 51.51 -10.90
CA ASP A 1442 49.04 52.68 -11.78
C ASP A 1442 47.69 52.79 -12.49
N GLN A 1443 46.82 51.81 -12.26
CA GLN A 1443 45.52 51.74 -12.92
C GLN A 1443 44.41 51.60 -11.88
N PRO A 1444 43.19 52.03 -12.24
CA PRO A 1444 42.08 52.00 -11.27
C PRO A 1444 41.76 50.60 -10.78
N LEU A 1445 41.36 50.50 -9.51
CA LEU A 1445 41.14 49.20 -8.87
C LEU A 1445 39.75 49.11 -8.25
N TRP A 1446 38.87 48.36 -8.90
CA TRP A 1446 37.55 48.06 -8.35
C TRP A 1446 37.68 47.09 -7.17
N LEU A 1447 36.85 47.31 -6.15
CA LEU A 1447 36.84 46.46 -4.97
C LEU A 1447 35.43 46.27 -4.44
N ARG A 1448 35.20 45.09 -3.86
CA ARG A 1448 33.92 44.76 -3.26
C ARG A 1448 34.14 44.12 -1.89
N MET A 1449 33.23 44.37 -0.96
CA MET A 1449 33.34 43.82 0.38
C MET A 1449 31.98 43.34 0.86
N ASP A 1450 31.80 42.02 0.92
CA ASP A 1450 30.54 41.44 1.36
C ASP A 1450 30.71 40.68 2.66
N ALA A 1451 30.24 41.27 3.76
CA ALA A 1451 30.31 40.62 5.07
C ALA A 1451 28.92 40.21 5.55
N SER A 1452 28.88 39.22 6.42
CA SER A 1452 27.62 38.69 6.94
C SER A 1452 27.81 38.13 8.35
N GLY A 1453 26.73 38.15 9.13
CA GLY A 1453 26.74 37.57 10.46
C GLY A 1453 25.44 37.77 11.21
N TYR A 1454 25.29 37.05 12.32
CA TYR A 1454 24.08 37.15 13.14
C TYR A 1454 24.23 38.20 14.24
N PRO A 1455 23.32 39.19 14.26
CA PRO A 1455 23.35 40.25 15.27
C PRO A 1455 23.20 39.73 16.69
N GLN A 1456 23.92 40.34 17.61
CA GLN A 1456 23.90 39.93 19.02
C GLN A 1456 22.56 40.22 19.70
N SER A 1457 21.81 41.16 19.15
CA SER A 1457 20.55 41.58 19.74
C SER A 1457 19.51 41.86 18.66
N ALA A 1458 18.25 41.91 19.06
CA ALA A 1458 17.15 42.10 18.11
C ALA A 1458 17.20 43.47 17.45
N PRO A 1459 17.16 43.48 16.11
CA PRO A 1459 17.09 44.70 15.30
C PRO A 1459 15.79 45.45 15.54
N LEU A 1460 15.82 46.78 15.42
CA LEU A 1460 14.62 47.58 15.59
C LEU A 1460 13.58 47.21 14.54
N PRO A 1461 12.32 47.05 14.97
CA PRO A 1461 11.24 46.65 14.04
C PRO A 1461 11.05 47.69 12.95
N ALA A 1462 10.74 47.23 11.73
CA ALA A 1462 10.69 48.12 10.59
C ALA A 1462 9.77 47.58 9.50
N ASN A 1463 9.37 48.46 8.58
CA ASN A 1463 8.49 48.05 7.50
C ASN A 1463 8.65 48.89 6.24
N ASN A 1464 8.36 48.24 5.10
CA ASN A 1464 8.38 48.88 3.80
C ASN A 1464 7.34 48.21 2.92
N VAL A 1465 6.32 48.99 2.54
CA VAL A 1465 5.13 48.49 1.86
C VAL A 1465 4.38 47.48 2.72
N LEU A 1466 5.01 46.34 2.98
CA LEU A 1466 4.44 45.31 3.84
C LEU A 1466 4.45 45.72 5.32
N GLN A 1467 3.50 45.18 6.07
CA GLN A 1467 3.41 45.40 7.51
C GLN A 1467 2.95 44.11 8.17
N ILE A 1468 3.40 43.87 9.40
CA ILE A 1468 3.03 42.65 10.11
C ILE A 1468 3.08 42.86 11.62
N GLU A 1469 2.21 42.16 12.34
CA GLU A 1469 2.22 42.20 13.80
C GLU A 1469 1.72 40.88 14.36
N ARG A 1470 2.32 40.45 15.46
CA ARG A 1470 1.96 39.17 16.07
C ARG A 1470 1.29 39.37 17.43
N HIS A 1471 0.26 38.56 17.69
CA HIS A 1471 -0.43 38.63 18.97
C HIS A 1471 -0.68 37.24 19.55
N ILE A 1472 0.08 36.89 20.59
CA ILE A 1472 -0.16 35.66 21.32
C ILE A 1472 -1.52 35.74 22.01
N LEU A 1473 -2.26 34.64 22.01
CA LEU A 1473 -3.59 34.61 22.62
C LEU A 1473 -3.82 33.32 23.38
N GLY A 1474 -4.81 33.32 24.26
CA GLY A 1474 -5.23 32.10 24.93
C GLY A 1474 -6.13 31.30 24.01
N THR A 1475 -6.45 30.07 24.41
CA THR A 1475 -7.37 29.24 23.63
C THR A 1475 -8.77 29.85 23.63
N ASP A 1476 -9.08 30.62 24.67
CA ASP A 1476 -10.36 31.31 24.77
C ASP A 1476 -10.32 32.63 24.00
N GLY A 1477 -9.15 32.96 23.48
CA GLY A 1477 -8.98 34.16 22.66
C GLY A 1477 -8.58 35.42 23.39
N LYS A 1478 -8.48 35.36 24.71
CA LYS A 1478 -8.00 36.50 25.49
C LYS A 1478 -6.49 36.64 25.34
N SER A 1479 -5.99 37.87 25.50
CA SER A 1479 -4.56 38.13 25.41
C SER A 1479 -3.79 37.38 26.51
N LYS A 1480 -2.61 36.89 26.17
CA LYS A 1480 -1.84 36.07 27.10
C LYS A 1480 -0.36 36.44 27.08
N SER A 1481 0.15 36.90 28.23
CA SER A 1481 1.55 37.28 28.36
C SER A 1481 2.48 36.09 28.17
N LEU A 1482 3.58 36.31 27.46
CA LEU A 1482 4.56 35.25 27.22
C LEU A 1482 5.26 34.81 28.49
N ASP A 1483 5.42 35.75 29.43
CA ASP A 1483 6.08 35.45 30.69
C ASP A 1483 5.21 34.59 31.61
N SER A 1484 5.85 33.82 32.48
CA SER A 1484 5.18 32.95 33.43
C SER A 1484 4.27 31.94 32.73
N LEU A 1485 4.72 31.41 31.60
CA LEU A 1485 3.96 30.40 30.89
C LEU A 1485 4.27 29.00 31.42
N ARG A 1486 3.23 28.28 31.84
CA ARG A 1486 3.40 26.92 32.36
C ARG A 1486 3.64 25.93 31.24
N SER A 1487 4.35 24.85 31.56
CA SER A 1487 4.59 23.79 30.59
C SER A 1487 3.29 23.08 30.23
N GLY A 1488 3.14 22.77 28.95
CA GLY A 1488 1.96 22.06 28.46
C GLY A 1488 0.82 22.99 28.14
N ASP A 1489 1.02 24.28 28.37
CA ASP A 1489 0.00 25.28 28.04
C ASP A 1489 -0.21 25.39 26.53
N LEU A 1490 -1.46 25.51 26.12
CA LEU A 1490 -1.78 25.73 24.72
C LEU A 1490 -1.95 27.22 24.44
N VAL A 1491 -1.46 27.67 23.30
CA VAL A 1491 -1.55 29.09 22.94
C VAL A 1491 -1.91 29.25 21.47
N LEU A 1492 -2.60 30.35 21.18
CA LEU A 1492 -3.07 30.66 19.84
C LEU A 1492 -2.37 31.91 19.30
N VAL A 1493 -1.31 31.70 18.51
CA VAL A 1493 -0.62 32.80 17.86
C VAL A 1493 -1.48 33.43 16.77
N TRP A 1494 -1.48 34.76 16.73
CA TRP A 1494 -2.29 35.52 15.78
C TRP A 1494 -1.45 36.51 14.97
N LEU A 1495 -0.92 36.05 13.85
CA LEU A 1495 -0.26 36.92 12.89
C LEU A 1495 -1.26 37.78 12.12
N GLN A 1496 -0.88 39.02 11.82
CA GLN A 1496 -1.71 39.94 11.07
C GLN A 1496 -0.86 40.72 10.07
N VAL A 1497 -1.26 40.69 8.80
CA VAL A 1497 -0.47 41.29 7.74
C VAL A 1497 -1.26 42.38 7.00
N LYS A 1498 -0.56 43.45 6.61
CA LYS A 1498 -1.15 44.54 5.85
C LYS A 1498 -0.19 44.99 4.75
N ALA A 1499 -0.67 45.76 3.80
CA ALA A 1499 0.19 46.27 2.73
C ALA A 1499 -0.38 47.52 2.07
N SER A 1500 0.49 48.45 1.70
CA SER A 1500 0.09 49.65 0.99
C SER A 1500 -0.08 49.37 -0.50
N ASN A 1501 0.37 48.20 -0.93
CA ASN A 1501 0.27 47.78 -2.32
C ASN A 1501 0.04 46.27 -2.39
N SER A 1502 -0.54 45.80 -3.50
CA SER A 1502 -0.79 44.37 -3.67
C SER A 1502 0.53 43.60 -3.70
N VAL A 1503 0.58 42.49 -2.97
CA VAL A 1503 1.78 41.66 -2.90
C VAL A 1503 1.41 40.20 -3.14
N PRO A 1504 1.22 39.83 -4.41
CA PRO A 1504 0.79 38.47 -4.80
C PRO A 1504 1.76 37.38 -4.35
N ASP A 1505 3.04 37.69 -4.30
CA ASP A 1505 4.06 36.71 -3.95
C ASP A 1505 4.56 36.87 -2.51
N ALA A 1506 3.69 37.35 -1.63
CA ALA A 1506 4.07 37.57 -0.24
C ALA A 1506 4.41 36.26 0.45
N LEU A 1507 5.37 36.31 1.37
CA LEU A 1507 5.75 35.14 2.14
C LEU A 1507 5.82 35.50 3.63
N VAL A 1508 5.03 34.81 4.43
CA VAL A 1508 5.01 35.05 5.87
C VAL A 1508 5.86 34.03 6.61
N VAL A 1509 6.92 34.51 7.25
CA VAL A 1509 7.80 33.66 8.04
C VAL A 1509 7.75 34.07 9.51
N ASP A 1510 7.42 33.11 10.37
CA ASP A 1510 7.35 33.37 11.80
C ASP A 1510 8.14 32.31 12.57
N LEU A 1511 9.41 32.60 12.84
CA LEU A 1511 10.27 31.68 13.56
C LEU A 1511 9.75 31.48 14.98
N LEU A 1512 9.71 30.22 15.42
CA LEU A 1512 9.29 29.92 16.79
C LEU A 1512 10.40 30.16 17.80
N PRO A 1513 10.05 30.79 18.93
CA PRO A 1513 10.93 30.72 20.10
C PRO A 1513 11.04 29.27 20.57
N ALA A 1514 12.20 28.87 21.07
CA ALA A 1514 12.36 27.51 21.56
C ALA A 1514 11.50 27.32 22.81
N GLY A 1515 11.08 26.08 23.06
CA GLY A 1515 10.22 25.78 24.19
C GLY A 1515 8.77 25.82 23.79
N LEU A 1516 8.49 26.52 22.68
CA LEU A 1516 7.18 26.45 22.04
C LEU A 1516 7.28 25.48 20.86
N GLU A 1517 6.32 24.57 20.77
CA GLU A 1517 6.33 23.60 19.68
C GLU A 1517 5.04 23.70 18.88
N LEU A 1518 5.16 23.73 17.56
CA LEU A 1518 4.01 23.84 16.68
C LEU A 1518 3.08 22.64 16.75
N GLU A 1519 1.78 22.92 16.78
CA GLU A 1519 0.79 21.90 16.52
C GLU A 1519 0.62 21.79 15.02
N ASN A 1520 0.69 20.57 14.50
CA ASN A 1520 0.62 20.38 13.06
C ASN A 1520 -0.83 20.32 12.59
N GLN A 1521 -1.50 21.47 12.64
CA GLN A 1521 -2.89 21.58 12.22
C GLN A 1521 -3.12 22.86 11.44
N ASN A 1522 -3.87 22.76 10.35
CA ASN A 1522 -4.17 23.91 9.52
C ASN A 1522 -5.49 24.56 9.94
N LEU A 1523 -5.39 25.69 10.65
CA LEU A 1523 -6.57 26.39 11.14
C LEU A 1523 -7.43 26.95 10.00
N ALA A 1524 -6.81 27.14 8.84
CA ALA A 1524 -7.55 27.60 7.66
C ALA A 1524 -8.60 26.56 7.25
N ASN A 1525 -8.30 25.29 7.51
CA ASN A 1525 -9.26 24.22 7.28
C ASN A 1525 -10.25 24.11 8.43
N GLY A 1526 -9.97 24.85 9.50
CA GLY A 1526 -10.83 24.86 10.67
C GLY A 1526 -10.53 23.78 11.69
N SER A 1527 -9.57 22.90 11.37
CA SER A 1527 -9.14 21.88 12.32
C SER A 1527 -8.48 22.53 13.53
N ALA A 1528 -8.84 22.05 14.72
CA ALA A 1528 -8.32 22.63 15.95
C ALA A 1528 -8.48 21.68 17.13
N SER A 1529 -7.74 21.94 18.21
CA SER A 1529 -7.85 21.14 19.43
C SER A 1529 -9.23 21.29 20.06
N LEU A 1530 -9.87 22.42 19.78
CA LEU A 1530 -11.22 22.68 20.28
C LEU A 1530 -12.02 23.52 19.29
N GLU A 1531 -13.29 23.18 19.12
CA GLU A 1531 -14.21 23.97 18.31
C GLU A 1531 -15.25 24.64 19.19
N GLN A 1532 -15.26 24.27 20.47
CA GLN A 1532 -16.27 24.76 21.41
C GLN A 1532 -16.15 26.27 21.67
N SER A 1533 -14.93 26.79 21.59
CA SER A 1533 -14.70 28.21 21.78
C SER A 1533 -15.24 29.02 20.60
N GLY A 1534 -15.73 30.21 20.89
CA GLY A 1534 -16.26 31.08 19.86
C GLY A 1534 -16.06 32.54 20.21
N GLY A 1535 -16.58 33.43 19.37
CA GLY A 1535 -16.44 34.86 19.61
C GLY A 1535 -15.10 35.39 19.13
N GLU A 1536 -14.18 35.57 20.06
CA GLU A 1536 -12.86 36.12 19.75
C GLU A 1536 -12.04 35.21 18.83
N VAL A 1537 -12.26 33.91 18.92
CA VAL A 1537 -11.50 32.95 18.13
C VAL A 1537 -12.16 32.66 16.78
N GLN A 1538 -13.49 32.57 16.77
CA GLN A 1538 -14.21 32.13 15.59
C GLN A 1538 -14.08 33.09 14.41
N ASN A 1539 -14.15 34.39 14.69
CA ASN A 1539 -14.01 35.40 13.64
C ASN A 1539 -12.61 35.41 13.06
N LEU A 1540 -11.62 35.05 13.88
CA LEU A 1540 -10.24 34.97 13.41
C LEU A 1540 -10.07 33.82 12.44
N LEU A 1541 -10.67 32.68 12.76
CA LEU A 1541 -10.65 31.53 11.86
C LEU A 1541 -11.42 31.84 10.58
N ASN A 1542 -12.48 32.62 10.71
CA ASN A 1542 -13.24 33.06 9.54
C ASN A 1542 -12.43 34.00 8.66
N GLN A 1543 -11.57 34.79 9.28
CA GLN A 1543 -10.70 35.70 8.53
C GLN A 1543 -9.58 34.94 7.85
N MET A 1544 -9.05 33.93 8.53
CA MET A 1544 -8.02 33.08 7.93
C MET A 1544 -8.61 32.26 6.79
N GLN A 1545 -9.90 31.97 6.88
CA GLN A 1545 -10.61 31.25 5.83
C GLN A 1545 -10.66 32.06 4.54
N GLN A 1546 -10.73 33.39 4.69
CA GLN A 1546 -10.82 34.28 3.53
C GLN A 1546 -9.46 34.55 2.89
N ALA A 1547 -8.39 34.18 3.59
CA ALA A 1547 -7.04 34.43 3.11
C ALA A 1547 -6.73 33.63 1.84
N SER A 1548 -6.01 34.27 0.91
CA SER A 1548 -5.57 33.60 -0.30
C SER A 1548 -4.24 32.90 -0.08
N ILE A 1549 -4.25 31.85 0.73
CA ILE A 1549 -3.03 31.12 1.05
C ILE A 1549 -2.52 30.34 -0.16
N LYS A 1550 -1.28 30.61 -0.55
CA LYS A 1550 -0.65 29.88 -1.65
C LYS A 1550 0.08 28.64 -1.15
N HIS A 1551 0.57 28.72 0.08
CA HIS A 1551 1.33 27.63 0.68
C HIS A 1551 1.37 27.78 2.20
N ILE A 1552 1.59 26.66 2.89
CA ILE A 1552 1.71 26.68 4.35
C ILE A 1552 2.62 25.55 4.81
N GLU A 1553 3.28 25.75 5.95
CA GLU A 1553 4.20 24.76 6.49
C GLU A 1553 4.27 24.84 8.01
N PHE A 1554 4.62 23.72 8.64
CA PHE A 1554 4.74 23.64 10.08
C PHE A 1554 6.06 23.00 10.48
N ARG A 1555 7.15 23.71 10.21
CA ARG A 1555 8.49 23.27 10.55
C ARG A 1555 8.73 23.31 12.06
N ASP A 1556 9.69 22.51 12.52
CA ASP A 1556 10.00 22.42 13.94
C ASP A 1556 10.39 23.77 14.53
N ASP A 1557 11.02 24.62 13.72
CA ASP A 1557 11.53 25.89 14.21
C ASP A 1557 10.75 27.11 13.73
N ARG A 1558 9.79 26.92 12.83
CA ARG A 1558 9.10 28.07 12.25
C ARG A 1558 7.74 27.75 11.63
N PHE A 1559 6.87 28.76 11.60
CA PHE A 1559 5.64 28.69 10.83
C PHE A 1559 5.81 29.44 9.52
N VAL A 1560 5.43 28.80 8.42
CA VAL A 1560 5.58 29.40 7.09
C VAL A 1560 4.23 29.49 6.39
N ALA A 1561 4.01 30.57 5.65
CA ALA A 1561 2.76 30.75 4.92
C ALA A 1561 2.89 31.71 3.75
N ALA A 1562 3.04 31.16 2.55
CA ALA A 1562 2.97 31.97 1.33
C ALA A 1562 1.54 32.48 1.14
N VAL A 1563 1.41 33.71 0.66
CA VAL A 1563 0.10 34.34 0.53
C VAL A 1563 0.13 35.50 -0.48
N ALA A 1564 -1.04 35.84 -1.01
CA ALA A 1564 -1.18 36.97 -1.91
C ALA A 1564 -1.94 38.11 -1.23
N VAL A 1565 -1.21 38.99 -0.55
CA VAL A 1565 -1.82 40.08 0.20
C VAL A 1565 -2.52 41.08 -0.72
N ASP A 1566 -3.71 41.52 -0.31
CA ASP A 1566 -4.42 42.59 -1.00
C ASP A 1566 -4.34 43.87 -0.21
N GLU A 1567 -4.26 45.01 -0.90
CA GLU A 1567 -4.12 46.30 -0.24
C GLU A 1567 -5.32 46.67 0.63
N TYR A 1568 -6.51 46.23 0.22
CA TYR A 1568 -7.74 46.57 0.93
C TYR A 1568 -8.26 45.40 1.77
N GLN A 1569 -7.56 44.27 1.70
CA GLN A 1569 -7.96 43.06 2.41
C GLN A 1569 -6.80 42.47 3.20
N PRO A 1570 -6.51 43.04 4.38
CA PRO A 1570 -5.36 42.59 5.18
C PRO A 1570 -5.48 41.12 5.58
N VAL A 1571 -4.35 40.42 5.60
CA VAL A 1571 -4.33 38.99 5.93
C VAL A 1571 -4.39 38.77 7.44
N THR A 1572 -5.00 37.65 7.83
CA THR A 1572 -5.08 37.26 9.23
C THR A 1572 -4.71 35.79 9.39
N LEU A 1573 -3.44 35.55 9.73
CA LEU A 1573 -2.98 34.18 9.94
C LEU A 1573 -3.09 33.80 11.42
N VAL A 1574 -3.41 32.54 11.68
CA VAL A 1574 -3.54 32.05 13.05
C VAL A 1574 -2.95 30.66 13.14
N TYR A 1575 -2.26 30.34 14.23
CA TYR A 1575 -1.78 28.98 14.43
C TYR A 1575 -1.56 28.61 15.90
N LEU A 1576 -1.88 27.36 16.22
CA LEU A 1576 -1.69 26.81 17.56
C LEU A 1576 -0.24 26.51 17.88
N ALA A 1577 0.10 26.57 19.16
CA ALA A 1577 1.43 26.20 19.63
C ALA A 1577 1.33 25.72 21.07
N ARG A 1578 2.32 24.96 21.53
CA ARG A 1578 2.27 24.44 22.89
C ARG A 1578 3.62 24.55 23.59
N ALA A 1579 3.63 25.17 24.77
CA ALA A 1579 4.82 25.21 25.59
C ALA A 1579 5.16 23.80 26.06
N VAL A 1580 6.45 23.46 26.07
CA VAL A 1580 6.87 22.12 26.45
C VAL A 1580 8.01 22.15 27.47
N THR A 1581 9.22 22.40 26.99
CA THR A 1581 10.39 22.39 27.85
C THR A 1581 10.58 23.71 28.60
N PRO A 1582 10.66 23.65 29.93
CA PRO A 1582 10.86 24.81 30.80
C PRO A 1582 12.20 25.53 30.56
N GLY A 1583 12.19 26.85 30.69
CA GLY A 1583 13.42 27.63 30.57
C GLY A 1583 13.18 29.00 29.97
N THR A 1584 14.21 29.86 30.04
CA THR A 1584 14.19 31.14 29.35
C THR A 1584 14.46 30.93 27.85
N TYR A 1585 13.87 31.76 27.00
CA TYR A 1585 14.08 31.66 25.57
C TYR A 1585 13.98 33.02 24.88
N GLN A 1586 14.83 33.25 23.88
CA GLN A 1586 14.71 34.45 23.05
C GLN A 1586 13.51 34.32 22.12
N VAL A 1587 12.83 35.44 21.86
CA VAL A 1587 11.66 35.43 20.99
C VAL A 1587 11.93 36.12 19.65
N PRO A 1588 11.93 35.35 18.56
CA PRO A 1588 12.13 35.88 17.21
C PRO A 1588 11.04 36.86 16.79
N GLN A 1589 11.41 37.88 16.02
CA GLN A 1589 10.44 38.82 15.47
C GLN A 1589 9.70 38.20 14.28
N PRO A 1590 8.38 38.46 14.20
CA PRO A 1590 7.61 38.02 13.03
C PRO A 1590 8.10 38.71 11.76
N MET A 1591 8.06 38.02 10.63
CA MET A 1591 8.59 38.58 9.39
C MET A 1591 7.69 38.29 8.20
N VAL A 1592 7.66 39.20 7.24
CA VAL A 1592 6.97 38.96 5.98
C VAL A 1592 7.72 39.66 4.85
N GLU A 1593 7.80 39.03 3.69
CA GLU A 1593 8.52 39.63 2.58
C GLU A 1593 8.07 39.10 1.23
N SER A 1594 8.04 39.97 0.23
CA SER A 1594 7.82 39.54 -1.15
C SER A 1594 9.01 38.68 -1.58
N MET A 1595 8.72 37.56 -2.23
CA MET A 1595 9.76 36.60 -2.58
C MET A 1595 10.61 37.07 -3.75
N TYR A 1596 10.11 38.06 -4.49
CA TYR A 1596 10.80 38.52 -5.69
C TYR A 1596 10.84 40.05 -5.75
N VAL A 1597 10.30 40.69 -4.71
CA VAL A 1597 10.45 42.12 -4.52
C VAL A 1597 10.91 42.35 -3.07
N PRO A 1598 12.19 42.07 -2.81
CA PRO A 1598 12.77 42.01 -1.46
C PRO A 1598 12.64 43.33 -0.68
N GLN A 1599 12.66 44.45 -1.38
CA GLN A 1599 12.55 45.76 -0.74
C GLN A 1599 11.23 45.91 0.01
N TRP A 1600 10.20 45.22 -0.45
CA TRP A 1600 8.91 45.21 0.22
C TRP A 1600 8.90 44.16 1.32
N ARG A 1601 9.13 44.59 2.56
CA ARG A 1601 9.28 43.63 3.67
C ARG A 1601 9.02 44.26 5.02
N ALA A 1602 8.71 43.44 6.01
CA ALA A 1602 8.40 43.93 7.34
C ALA A 1602 8.80 42.95 8.45
N THR A 1603 9.28 43.53 9.56
CA THR A 1603 9.59 42.79 10.76
C THR A 1603 9.00 43.54 11.97
N GLY A 1604 8.03 42.91 12.62
CA GLY A 1604 7.32 43.54 13.72
C GLY A 1604 7.98 43.41 15.08
N ALA A 1605 7.39 44.06 16.07
CA ALA A 1605 7.88 44.03 17.44
C ALA A 1605 7.55 42.71 18.13
N ALA A 1606 8.37 42.34 19.11
CA ALA A 1606 8.14 41.12 19.90
C ALA A 1606 8.76 41.26 21.29
N GLU A 1607 8.24 40.48 22.24
CA GLU A 1607 8.76 40.49 23.61
C GLU A 1607 10.19 39.97 23.65
N ASP A 1608 10.99 40.53 24.54
CA ASP A 1608 12.40 40.18 24.64
C ASP A 1608 12.64 38.73 25.08
N LEU A 1609 11.71 38.16 25.84
CA LEU A 1609 11.93 36.84 26.42
C LEU A 1609 10.64 36.02 26.58
N LEU A 1610 10.82 34.71 26.68
CA LEU A 1610 9.74 33.76 26.92
C LEU A 1610 10.17 32.76 27.98
N ILE A 1611 9.56 32.84 29.15
CA ILE A 1611 9.97 31.99 30.28
C ILE A 1611 8.98 30.85 30.53
N VAL A 1612 9.24 29.70 29.91
CA VAL A 1612 8.46 28.50 30.19
C VAL A 1612 8.79 27.99 31.59
N ARG A 1613 7.80 27.46 32.29
CA ARG A 1613 8.00 26.92 33.63
C ARG A 1613 7.43 25.52 33.76
N PRO A 1614 8.02 24.69 34.63
CA PRO A 1614 7.53 23.31 34.82
C PRO A 1614 6.18 23.27 35.51
#